data_7P9X
#
_entry.id   7P9X
#
_cell.length_a   172.910
_cell.length_b   333.850
_cell.length_c   76.300
_cell.angle_alpha   90.000
_cell.angle_beta   90.000
_cell.angle_gamma   90.000
#
_symmetry.space_group_name_H-M   'C 2 2 2'
#
loop_
_entity.id
_entity.type
_entity.pdbx_description
1 polymer 'Short-chain acyl-CoA dehydrogenase'
2 non-polymer 'FLAVIN-ADENINE DINUCLEOTIDE'
3 non-polymer 1-monoenoyl-CoA
4 non-polymer GLYCEROL
5 water water
#
_entity_poly.entity_id   1
_entity_poly.type   'polypeptide(L)'
_entity_poly.pdbx_seq_one_letter_code
;MKHLTEEQKLTLDMVRDVATREIAPRALELDEKSLFPEYARDLFAKLGLLNPLLPAAYGGTEMGVLTLALILEELGRVCA
STALLLIAQTDGMLPIIHGGSPELKERYLRRFAGESTLLTALAATEPAAGSDLLAMKTRAVRQGDKYVINGQKCFITNGS
VADVIVVYAYTDPEKGSKGISAFVVEKGTPGLVYGRNESKMGMRGSINSELFFENMEVPAENIIGAEGTGFANLMQTLST
NRVFCAAQAVGIAQGALDIAVRHTQDRVQFGKPIAHLAPVQFMVADMATAVEASRLLTRKAAELLDDGDKKAVLYGSMAK
TMASDTAMRVTTDAVQVLGGSGYMKENGVERMMRDAKLTQIYTGTNQITRMVTGRALLFPKGELNSKLEGKPIPNPLLGL
DSTRTGHHHHHH
;
_entity_poly.pdbx_strand_id   A,B,C,D
#
loop_
_chem_comp.id
_chem_comp.type
_chem_comp.name
_chem_comp.formula
4KW non-polymer 1-monoenoyl-CoA 'C28 H44 N7 O17 P3 S'
FAD non-polymer 'FLAVIN-ADENINE DINUCLEOTIDE' 'C27 H33 N9 O15 P2'
GOL non-polymer GLYCEROL 'C3 H8 O3'
#
# COMPACT_ATOMS: atom_id res chain seq x y z
N HIS A 3 3.18 4.58 -17.60
CA HIS A 3 2.35 5.26 -16.58
C HIS A 3 3.09 5.21 -15.25
N LEU A 4 2.92 6.22 -14.40
CA LEU A 4 3.57 6.21 -13.07
C LEU A 4 2.70 5.44 -12.08
N THR A 5 3.33 4.66 -11.20
CA THR A 5 2.61 3.93 -10.14
C THR A 5 2.06 4.92 -9.13
N GLU A 6 1.02 4.53 -8.36
CA GLU A 6 0.43 5.40 -7.34
C GLU A 6 1.45 5.80 -6.27
N GLU A 7 2.41 4.91 -5.97
CA GLU A 7 3.51 5.15 -5.02
C GLU A 7 4.47 6.21 -5.59
N GLN A 8 4.73 6.17 -6.93
CA GLN A 8 5.60 7.14 -7.61
C GLN A 8 4.96 8.53 -7.60
N LYS A 9 3.64 8.61 -7.90
CA LYS A 9 2.85 9.84 -7.91
C LYS A 9 2.82 10.49 -6.53
N LEU A 10 2.62 9.68 -5.46
CA LEU A 10 2.63 10.15 -4.07
C LEU A 10 3.99 10.71 -3.67
N THR A 11 5.08 9.99 -4.05
CA THR A 11 6.46 10.40 -3.78
C THR A 11 6.75 11.72 -4.47
N LEU A 12 6.36 11.85 -5.76
CA LEU A 12 6.60 13.06 -6.53
C LEU A 12 5.80 14.28 -6.08
N ASP A 13 4.56 14.08 -5.63
CA ASP A 13 3.74 15.17 -5.08
C ASP A 13 4.39 15.68 -3.81
N MET A 14 4.92 14.75 -2.96
CA MET A 14 5.62 15.06 -1.72
C MET A 14 6.91 15.84 -2.02
N VAL A 15 7.70 15.36 -3.01
CA VAL A 15 8.96 16.02 -3.41
C VAL A 15 8.69 17.45 -3.90
N ARG A 16 7.68 17.64 -4.78
CA ARG A 16 7.30 18.95 -5.30
C ARG A 16 6.94 19.91 -4.15
N ASP A 17 6.19 19.41 -3.16
CA ASP A 17 5.78 20.18 -1.98
C ASP A 17 6.99 20.61 -1.15
N VAL A 18 7.89 19.65 -0.87
CA VAL A 18 9.12 19.87 -0.10
C VAL A 18 10.07 20.83 -0.84
N ALA A 19 10.21 20.65 -2.16
CA ALA A 19 11.06 21.54 -3.00
C ALA A 19 10.59 23.00 -2.91
N THR A 20 9.28 23.22 -3.04
CA THR A 20 8.68 24.53 -3.01
C THR A 20 8.74 25.17 -1.61
N ARG A 21 8.23 24.45 -0.60
CA ARG A 21 8.09 24.97 0.76
C ARG A 21 9.35 25.01 1.61
N GLU A 22 10.24 24.02 1.45
CA GLU A 22 11.40 23.88 2.31
C GLU A 22 12.73 24.11 1.62
N ILE A 23 12.92 23.55 0.41
CA ILE A 23 14.23 23.62 -0.26
C ILE A 23 14.47 24.96 -0.93
N ALA A 24 13.49 25.45 -1.73
CA ALA A 24 13.62 26.75 -2.46
C ALA A 24 13.95 27.93 -1.51
N PRO A 25 13.27 28.12 -0.35
CA PRO A 25 13.63 29.26 0.52
C PRO A 25 15.04 29.21 1.14
N ARG A 26 15.66 28.03 1.14
CA ARG A 26 17.00 27.80 1.71
C ARG A 26 18.15 27.96 0.69
N ALA A 27 17.83 27.93 -0.60
CA ALA A 27 18.82 27.89 -1.68
C ALA A 27 19.79 29.08 -1.72
N LEU A 28 19.29 30.30 -1.52
CA LEU A 28 20.15 31.48 -1.55
C LEU A 28 21.21 31.38 -0.45
N GLU A 29 20.79 31.13 0.81
CA GLU A 29 21.72 31.04 1.92
C GLU A 29 22.68 29.86 1.74
N LEU A 30 22.19 28.71 1.22
CA LEU A 30 23.03 27.53 1.03
C LEU A 30 24.22 27.86 0.13
N ASP A 31 23.97 28.62 -0.94
CA ASP A 31 25.03 29.04 -1.84
C ASP A 31 25.87 30.15 -1.20
N GLU A 32 25.21 31.17 -0.62
CA GLU A 32 25.93 32.33 -0.08
C GLU A 32 26.97 31.94 0.98
N LYS A 33 26.58 31.04 1.88
CA LYS A 33 27.40 30.61 3.00
C LYS A 33 28.07 29.23 2.77
N SER A 34 27.95 28.65 1.54
CA SER A 34 28.57 27.37 1.15
C SER A 34 28.30 26.30 2.21
N LEU A 35 27.03 26.07 2.49
CA LEU A 35 26.62 25.13 3.52
C LEU A 35 26.29 23.76 2.98
N PHE A 36 26.61 22.72 3.79
CA PHE A 36 26.16 21.37 3.47
C PHE A 36 24.63 21.42 3.78
N PRO A 37 23.79 20.83 2.92
CA PRO A 37 22.33 20.90 3.14
C PRO A 37 21.87 19.88 4.20
N GLU A 38 22.28 20.16 5.44
CA GLU A 38 21.98 19.29 6.57
C GLU A 38 20.48 19.20 6.85
N TYR A 39 19.76 20.33 6.77
CA TYR A 39 18.31 20.32 6.98
C TYR A 39 17.68 19.38 5.98
N ALA A 40 18.03 19.55 4.68
CA ALA A 40 17.49 18.72 3.60
C ALA A 40 17.85 17.26 3.80
N ARG A 41 19.11 16.97 4.16
CA ARG A 41 19.53 15.59 4.37
C ARG A 41 18.68 14.92 5.47
N ASP A 42 18.54 15.58 6.62
CA ASP A 42 17.73 15.04 7.72
C ASP A 42 16.25 14.91 7.37
N LEU A 43 15.69 15.90 6.64
CA LEU A 43 14.29 15.87 6.20
C LEU A 43 14.06 14.72 5.24
N PHE A 44 14.95 14.58 4.23
CA PHE A 44 14.87 13.50 3.25
C PHE A 44 14.92 12.12 3.91
N ALA A 45 15.81 11.95 4.91
CA ALA A 45 15.92 10.67 5.65
C ALA A 45 14.59 10.31 6.33
N LYS A 46 13.93 11.30 6.97
CA LYS A 46 12.64 11.13 7.64
C LYS A 46 11.51 10.81 6.67
N LEU A 47 11.56 11.39 5.45
CA LEU A 47 10.54 11.17 4.41
C LEU A 47 10.84 9.99 3.49
N GLY A 48 11.95 9.32 3.71
CA GLY A 48 12.38 8.19 2.89
C GLY A 48 12.82 8.56 1.49
N LEU A 49 13.40 9.75 1.33
CA LEU A 49 13.87 10.30 0.05
C LEU A 49 15.39 10.32 -0.11
N LEU A 50 16.14 10.07 0.99
CA LEU A 50 17.60 10.12 0.94
C LEU A 50 18.22 8.97 0.13
N ASN A 51 17.68 7.75 0.27
CA ASN A 51 18.19 6.55 -0.39
C ASN A 51 17.14 5.90 -1.30
N PRO A 52 16.66 6.55 -2.39
CA PRO A 52 15.58 5.95 -3.20
C PRO A 52 15.90 4.65 -3.89
N LEU A 53 17.19 4.37 -4.20
CA LEU A 53 17.56 3.13 -4.90
C LEU A 53 18.02 2.01 -3.94
N LEU A 54 18.00 2.26 -2.61
CA LEU A 54 18.39 1.23 -1.65
C LEU A 54 17.39 0.06 -1.77
N PRO A 55 17.84 -1.20 -2.03
CA PRO A 55 16.87 -2.30 -2.20
C PRO A 55 16.02 -2.58 -0.96
N ALA A 56 14.78 -3.05 -1.19
CA ALA A 56 13.84 -3.42 -0.12
C ALA A 56 14.43 -4.44 0.85
N ALA A 57 15.32 -5.32 0.36
CA ALA A 57 15.99 -6.36 1.13
C ALA A 57 16.89 -5.79 2.25
N TYR A 58 17.37 -4.53 2.09
CA TYR A 58 18.25 -3.87 3.06
C TYR A 58 17.55 -2.71 3.76
N GLY A 59 16.21 -2.75 3.77
CA GLY A 59 15.36 -1.76 4.40
C GLY A 59 15.18 -0.48 3.60
N GLY A 60 15.31 -0.57 2.27
CA GLY A 60 15.14 0.57 1.37
C GLY A 60 13.83 0.64 0.61
N THR A 61 13.60 1.77 -0.08
CA THR A 61 12.36 2.00 -0.87
C THR A 61 12.40 1.42 -2.29
N GLU A 62 13.60 1.12 -2.82
CA GLU A 62 13.84 0.53 -4.15
C GLU A 62 12.89 1.14 -5.20
N MET A 63 12.97 2.48 -5.38
CA MET A 63 12.11 3.26 -6.28
C MET A 63 12.46 3.17 -7.77
N GLY A 64 13.69 2.82 -8.11
CA GLY A 64 14.08 2.78 -9.52
C GLY A 64 14.60 4.12 -10.07
N VAL A 65 15.28 4.04 -11.22
CA VAL A 65 15.96 5.18 -11.87
C VAL A 65 14.99 6.27 -12.31
N LEU A 66 13.87 5.89 -12.97
CA LEU A 66 12.89 6.89 -13.42
C LEU A 66 12.39 7.74 -12.26
N THR A 67 12.00 7.09 -11.13
CA THR A 67 11.54 7.85 -9.97
C THR A 67 12.61 8.84 -9.49
N LEU A 68 13.88 8.40 -9.35
CA LEU A 68 14.93 9.29 -8.91
C LEU A 68 15.18 10.41 -9.92
N ALA A 69 15.08 10.10 -11.22
CA ALA A 69 15.24 11.14 -12.25
C ALA A 69 14.16 12.22 -12.08
N LEU A 70 12.92 11.81 -11.78
CA LEU A 70 11.83 12.76 -11.59
C LEU A 70 12.03 13.60 -10.33
N ILE A 71 12.55 12.97 -9.25
CA ILE A 71 12.89 13.67 -8.00
C ILE A 71 13.97 14.70 -8.25
N LEU A 72 15.02 14.32 -9.00
CA LEU A 72 16.16 15.19 -9.29
C LEU A 72 15.76 16.39 -10.11
N GLU A 73 14.83 16.21 -11.06
N GLU A 73 14.80 16.20 -11.05
CA GLU A 73 14.37 17.35 -11.83
CA GLU A 73 14.27 17.28 -11.89
C GLU A 73 13.66 18.31 -10.87
C GLU A 73 13.50 18.28 -11.01
N GLU A 74 12.81 17.78 -9.97
CA GLU A 74 12.07 18.63 -9.01
C GLU A 74 12.99 19.40 -8.09
N LEU A 75 14.05 18.75 -7.56
CA LEU A 75 15.01 19.43 -6.69
C LEU A 75 15.91 20.39 -7.49
N GLY A 76 16.34 19.97 -8.68
CA GLY A 76 17.20 20.79 -9.54
C GLY A 76 16.58 22.14 -9.90
N ARG A 77 15.23 22.15 -9.97
CA ARG A 77 14.43 23.36 -10.24
C ARG A 77 14.66 24.43 -9.18
N VAL A 78 14.90 24.03 -7.92
CA VAL A 78 15.03 25.01 -6.81
C VAL A 78 16.40 25.09 -6.16
N CYS A 79 17.16 24.00 -6.17
CA CYS A 79 18.48 23.97 -5.52
C CYS A 79 19.31 22.86 -6.10
N ALA A 80 20.22 23.19 -7.03
CA ALA A 80 21.09 22.20 -7.67
C ALA A 80 21.95 21.46 -6.65
N SER A 81 22.41 22.19 -5.62
CA SER A 81 23.24 21.57 -4.58
C SER A 81 22.48 20.48 -3.81
N THR A 82 21.19 20.72 -3.49
CA THR A 82 20.35 19.75 -2.79
C THR A 82 20.12 18.53 -3.71
N ALA A 83 19.95 18.76 -5.04
CA ALA A 83 19.83 17.63 -5.95
C ALA A 83 21.15 16.83 -5.94
N LEU A 84 22.32 17.54 -5.91
CA LEU A 84 23.64 16.89 -5.86
C LEU A 84 23.79 15.97 -4.66
N LEU A 85 23.25 16.35 -3.49
CA LEU A 85 23.29 15.48 -2.32
C LEU A 85 22.68 14.10 -2.68
N LEU A 86 21.51 14.11 -3.33
CA LEU A 86 20.87 12.83 -3.70
C LEU A 86 21.65 12.08 -4.79
N ILE A 87 22.25 12.80 -5.75
CA ILE A 87 23.07 12.15 -6.77
C ILE A 87 24.26 11.44 -6.12
N ALA A 88 25.02 12.18 -5.27
CA ALA A 88 26.20 11.62 -4.60
C ALA A 88 25.80 10.40 -3.73
N GLN A 89 24.69 10.52 -3.00
CA GLN A 89 24.20 9.49 -2.08
C GLN A 89 23.87 8.18 -2.79
N THR A 90 23.10 8.26 -3.89
CA THR A 90 22.77 7.07 -4.67
C THR A 90 24.00 6.50 -5.37
N ASP A 91 24.81 7.40 -5.97
N ASP A 91 24.82 7.39 -5.99
CA ASP A 91 26.03 7.06 -6.70
CA ASP A 91 26.04 6.95 -6.70
C ASP A 91 27.05 6.30 -5.85
C ASP A 91 27.02 6.22 -5.82
N GLY A 92 27.12 6.64 -4.55
CA GLY A 92 28.04 6.02 -3.61
C GLY A 92 27.66 4.61 -3.21
N MET A 93 26.38 4.24 -3.33
CA MET A 93 25.92 2.90 -2.99
C MET A 93 25.68 1.99 -4.21
N LEU A 94 25.49 2.57 -5.43
CA LEU A 94 25.29 1.75 -6.63
C LEU A 94 26.38 0.68 -6.87
N PRO A 95 27.71 0.94 -6.68
CA PRO A 95 28.73 -0.11 -6.89
C PRO A 95 28.53 -1.33 -5.99
N ILE A 96 28.05 -1.11 -4.75
CA ILE A 96 27.78 -2.17 -3.76
C ILE A 96 26.51 -2.95 -4.14
N ILE A 97 25.41 -2.24 -4.46
CA ILE A 97 24.14 -2.83 -4.88
C ILE A 97 24.37 -3.71 -6.11
N HIS A 98 25.13 -3.18 -7.09
CA HIS A 98 25.43 -3.84 -8.37
C HIS A 98 26.89 -4.28 -8.46
N GLY A 99 27.23 -5.30 -7.71
CA GLY A 99 28.58 -5.85 -7.73
C GLY A 99 28.99 -6.58 -6.47
N GLY A 100 28.45 -6.14 -5.34
CA GLY A 100 28.77 -6.70 -4.04
C GLY A 100 28.18 -8.09 -3.87
N SER A 101 28.87 -8.91 -3.08
CA SER A 101 28.43 -10.27 -2.76
C SER A 101 27.23 -10.13 -1.79
N PRO A 102 26.37 -11.17 -1.59
CA PRO A 102 25.30 -11.03 -0.58
C PRO A 102 25.82 -10.64 0.81
N GLU A 103 27.01 -11.14 1.18
CA GLU A 103 27.68 -10.89 2.48
C GLU A 103 28.08 -9.41 2.61
N LEU A 104 28.74 -8.87 1.58
CA LEU A 104 29.16 -7.46 1.57
C LEU A 104 27.95 -6.54 1.59
N LYS A 105 26.91 -6.86 0.81
CA LYS A 105 25.68 -6.07 0.74
C LYS A 105 24.98 -6.00 2.09
N GLU A 106 24.84 -7.15 2.79
CA GLU A 106 24.24 -7.15 4.12
C GLU A 106 25.08 -6.31 5.11
N ARG A 107 26.39 -6.51 5.07
CA ARG A 107 27.32 -5.85 5.98
C ARG A 107 27.32 -4.33 5.86
N TYR A 108 27.19 -3.78 4.64
CA TYR A 108 27.29 -2.34 4.43
C TYR A 108 26.00 -1.63 4.04
N LEU A 109 25.03 -2.31 3.41
CA LEU A 109 23.80 -1.61 3.01
C LEU A 109 22.79 -1.48 4.16
N ARG A 110 22.82 -2.40 5.13
CA ARG A 110 21.90 -2.43 6.27
C ARG A 110 21.89 -1.10 7.06
N ARG A 111 23.06 -0.47 7.22
CA ARG A 111 23.19 0.77 7.98
C ARG A 111 22.47 1.96 7.33
N PHE A 112 22.06 1.83 6.05
CA PHE A 112 21.34 2.85 5.29
C PHE A 112 19.83 2.65 5.30
N ALA A 113 19.34 1.60 6.02
CA ALA A 113 17.93 1.28 6.13
C ALA A 113 17.10 2.40 6.74
N GLY A 114 15.83 2.48 6.34
CA GLY A 114 14.84 3.39 6.86
C GLY A 114 15.24 4.85 6.88
N GLU A 115 15.22 5.45 8.07
CA GLU A 115 15.50 6.87 8.27
C GLU A 115 16.97 7.19 8.57
N SER A 116 17.90 6.26 8.24
CA SER A 116 19.33 6.49 8.47
C SER A 116 19.80 7.78 7.76
N THR A 117 20.70 8.51 8.40
CA THR A 117 21.26 9.76 7.86
C THR A 117 22.70 9.59 7.40
N LEU A 118 23.21 8.34 7.42
CA LEU A 118 24.58 8.03 7.00
C LEU A 118 24.79 8.35 5.52
N LEU A 119 25.98 8.81 5.17
CA LEU A 119 26.30 9.21 3.81
C LEU A 119 27.27 8.28 3.08
N THR A 120 27.16 8.27 1.75
CA THR A 120 28.06 7.51 0.88
C THR A 120 28.86 8.48 -0.01
N ALA A 121 29.88 7.94 -0.69
CA ALA A 121 30.66 8.68 -1.69
C ALA A 121 31.30 7.68 -2.63
N LEU A 122 31.61 8.15 -3.84
CA LEU A 122 32.29 7.34 -4.83
C LEU A 122 33.60 8.06 -5.14
N ALA A 123 34.74 7.36 -4.97
CA ALA A 123 36.06 7.93 -5.18
C ALA A 123 36.82 7.24 -6.32
N ALA A 124 36.73 7.81 -7.53
CA ALA A 124 37.43 7.26 -8.69
C ALA A 124 38.45 8.28 -9.21
N THR A 125 38.04 9.54 -9.42
CA THR A 125 38.85 10.62 -9.99
C THR A 125 40.09 10.92 -9.16
N GLU A 126 41.19 11.24 -9.84
CA GLU A 126 42.44 11.62 -9.21
C GLU A 126 43.02 12.79 -10.03
N PRO A 127 44.01 13.52 -9.47
CA PRO A 127 44.67 14.59 -10.25
C PRO A 127 45.20 14.08 -11.60
N ALA A 128 45.78 12.87 -11.66
CA ALA A 128 46.28 12.27 -12.90
C ALA A 128 45.21 11.54 -13.71
N ALA A 129 43.99 11.38 -13.17
CA ALA A 129 42.95 10.60 -13.85
C ALA A 129 41.56 11.22 -13.74
N GLY A 130 41.18 12.02 -14.74
CA GLY A 130 39.87 12.64 -14.81
C GLY A 130 39.09 11.96 -15.91
N SER A 131 39.24 12.45 -17.15
CA SER A 131 38.59 11.81 -18.30
C SER A 131 39.24 10.45 -18.52
N ASP A 132 40.56 10.37 -18.33
CA ASP A 132 41.31 9.12 -18.49
C ASP A 132 41.33 8.39 -17.16
N LEU A 133 40.22 7.72 -16.84
CA LEU A 133 40.13 6.98 -15.56
C LEU A 133 41.11 5.84 -15.46
N LEU A 134 41.49 5.24 -16.60
CA LEU A 134 42.49 4.16 -16.63
C LEU A 134 43.87 4.63 -16.16
N ALA A 135 44.11 5.95 -16.09
CA ALA A 135 45.39 6.49 -15.63
C ALA A 135 45.44 6.62 -14.12
N MET A 136 44.39 6.17 -13.39
CA MET A 136 44.41 6.30 -11.92
C MET A 136 45.61 5.60 -11.32
N LYS A 137 46.22 6.23 -10.30
CA LYS A 137 47.46 5.70 -9.69
C LYS A 137 47.26 4.99 -8.36
N THR A 138 46.10 5.18 -7.68
CA THR A 138 45.81 4.50 -6.41
C THR A 138 45.99 2.98 -6.57
N ARG A 139 46.73 2.38 -5.65
CA ARG A 139 47.04 0.95 -5.65
C ARG A 139 46.47 0.27 -4.44
N ALA A 140 46.04 -0.98 -4.63
CA ALA A 140 45.57 -1.87 -3.55
C ALA A 140 46.39 -3.14 -3.65
N VAL A 141 47.16 -3.44 -2.58
CA VAL A 141 48.05 -4.60 -2.53
C VAL A 141 47.54 -5.57 -1.46
N ARG A 142 47.23 -6.82 -1.86
CA ARG A 142 46.78 -7.85 -0.92
C ARG A 142 47.94 -8.22 0.01
N GLN A 143 47.68 -8.18 1.34
CA GLN A 143 48.65 -8.53 2.37
C GLN A 143 47.90 -9.27 3.49
N GLY A 144 47.89 -10.60 3.42
CA GLY A 144 47.19 -11.44 4.40
C GLY A 144 45.69 -11.25 4.28
N ASP A 145 45.02 -10.89 5.38
CA ASP A 145 43.57 -10.70 5.41
C ASP A 145 43.15 -9.24 5.11
N LYS A 146 44.08 -8.44 4.55
CA LYS A 146 43.85 -7.03 4.24
C LYS A 146 44.35 -6.66 2.85
N TYR A 147 43.90 -5.51 2.36
CA TYR A 147 44.42 -4.84 1.18
C TYR A 147 45.03 -3.56 1.74
N VAL A 148 46.26 -3.26 1.34
CA VAL A 148 46.93 -2.03 1.74
C VAL A 148 46.77 -1.07 0.58
N ILE A 149 46.04 0.04 0.82
CA ILE A 149 45.73 1.02 -0.20
C ILE A 149 46.56 2.27 -0.04
N ASN A 150 47.19 2.68 -1.14
CA ASN A 150 48.04 3.86 -1.22
C ASN A 150 47.65 4.66 -2.45
N GLY A 151 47.39 5.94 -2.25
CA GLY A 151 47.04 6.82 -3.35
C GLY A 151 46.30 8.07 -2.94
N GLN A 152 45.57 8.65 -3.90
N GLN A 152 45.53 8.61 -3.89
CA GLN A 152 44.81 9.88 -3.68
CA GLN A 152 44.84 9.89 -3.77
C GLN A 152 43.62 9.99 -4.61
C GLN A 152 43.61 9.98 -4.63
N LYS A 153 42.63 10.78 -4.21
CA LYS A 153 41.44 11.05 -5.03
C LYS A 153 41.10 12.52 -4.90
N CYS A 154 40.46 13.11 -5.91
CA CYS A 154 40.07 14.51 -5.83
C CYS A 154 38.69 14.72 -6.43
N PHE A 155 38.04 15.85 -6.05
CA PHE A 155 36.69 16.24 -6.49
C PHE A 155 35.65 15.22 -5.97
N ILE A 156 35.90 14.58 -4.81
CA ILE A 156 35.00 13.56 -4.29
C ILE A 156 33.83 14.17 -3.54
N THR A 157 32.64 14.16 -4.16
CA THR A 157 31.44 14.74 -3.55
C THR A 157 31.11 14.03 -2.23
N ASN A 158 31.00 14.82 -1.14
CA ASN A 158 30.75 14.29 0.22
C ASN A 158 31.87 13.37 0.73
N GLY A 159 33.03 13.44 0.08
CA GLY A 159 34.18 12.59 0.42
C GLY A 159 34.59 12.61 1.87
N SER A 160 34.74 13.82 2.43
CA SER A 160 35.18 13.97 3.83
C SER A 160 34.08 13.68 4.87
N VAL A 161 32.81 13.51 4.45
CA VAL A 161 31.72 13.28 5.39
C VAL A 161 31.05 11.91 5.21
N ALA A 162 31.41 11.18 4.13
CA ALA A 162 30.84 9.87 3.84
C ALA A 162 31.23 8.84 4.90
N ASP A 163 30.26 8.04 5.32
CA ASP A 163 30.47 6.97 6.27
C ASP A 163 31.01 5.75 5.52
N VAL A 164 30.60 5.59 4.25
CA VAL A 164 31.04 4.52 3.34
C VAL A 164 31.49 5.17 2.05
N ILE A 165 32.72 4.85 1.60
CA ILE A 165 33.29 5.36 0.36
C ILE A 165 33.64 4.17 -0.52
N VAL A 166 33.22 4.21 -1.79
CA VAL A 166 33.63 3.17 -2.74
C VAL A 166 34.92 3.70 -3.40
N VAL A 167 36.05 3.02 -3.19
CA VAL A 167 37.32 3.47 -3.72
C VAL A 167 37.76 2.55 -4.85
N TYR A 168 38.15 3.13 -5.99
CA TYR A 168 38.66 2.37 -7.13
C TYR A 168 40.17 2.47 -7.10
N ALA A 169 40.83 1.32 -7.27
CA ALA A 169 42.29 1.25 -7.21
C ALA A 169 42.80 0.10 -8.06
N TYR A 170 44.02 0.22 -8.59
CA TYR A 170 44.65 -0.87 -9.34
C TYR A 170 45.14 -1.97 -8.41
N THR A 171 44.70 -3.21 -8.66
CA THR A 171 45.20 -4.40 -7.99
C THR A 171 46.27 -5.01 -8.91
N ASP A 172 46.21 -4.68 -10.23
CA ASP A 172 47.21 -5.15 -11.20
C ASP A 172 47.39 -4.10 -12.29
N PRO A 173 48.38 -3.17 -12.13
CA PRO A 173 48.59 -2.12 -13.15
C PRO A 173 48.90 -2.60 -14.56
N GLU A 174 49.50 -3.79 -14.70
CA GLU A 174 49.84 -4.35 -16.00
C GLU A 174 48.62 -4.83 -16.82
N LYS A 175 47.46 -5.03 -16.14
CA LYS A 175 46.24 -5.53 -16.78
C LYS A 175 45.29 -4.45 -17.29
N GLY A 176 45.64 -3.17 -17.10
CA GLY A 176 44.85 -2.02 -17.55
C GLY A 176 43.40 -2.06 -17.10
N SER A 177 42.47 -2.06 -18.09
CA SER A 177 41.04 -2.11 -17.83
C SER A 177 40.56 -3.38 -17.09
N LYS A 178 41.45 -4.39 -16.98
CA LYS A 178 41.15 -5.63 -16.27
C LYS A 178 41.94 -5.71 -14.96
N GLY A 179 42.57 -4.61 -14.56
CA GLY A 179 43.39 -4.55 -13.36
C GLY A 179 42.91 -3.68 -12.23
N ILE A 180 41.73 -3.06 -12.36
CA ILE A 180 41.17 -2.18 -11.34
C ILE A 180 40.18 -2.98 -10.48
N SER A 181 40.15 -2.68 -9.18
CA SER A 181 39.23 -3.30 -8.24
C SER A 181 38.52 -2.19 -7.45
N ALA A 182 37.37 -2.51 -6.86
CA ALA A 182 36.56 -1.56 -6.08
C ALA A 182 36.49 -2.04 -4.64
N PHE A 183 36.60 -1.11 -3.68
CA PHE A 183 36.63 -1.43 -2.26
C PHE A 183 35.74 -0.55 -1.44
N VAL A 184 35.14 -1.14 -0.41
CA VAL A 184 34.36 -0.39 0.57
C VAL A 184 35.37 0.12 1.59
N VAL A 185 35.38 1.45 1.80
CA VAL A 185 36.27 2.09 2.78
C VAL A 185 35.41 2.84 3.75
N GLU A 186 35.54 2.53 5.05
CA GLU A 186 34.73 3.19 6.06
C GLU A 186 35.38 4.43 6.61
N LYS A 187 34.55 5.40 7.03
CA LYS A 187 35.02 6.58 7.76
C LYS A 187 35.69 6.05 9.06
N GLY A 188 36.81 6.66 9.45
CA GLY A 188 37.51 6.24 10.65
C GLY A 188 38.58 5.20 10.41
N THR A 189 38.77 4.72 9.16
CA THR A 189 39.82 3.75 8.83
C THR A 189 41.19 4.43 8.96
N PRO A 190 42.14 3.86 9.75
CA PRO A 190 43.49 4.46 9.84
C PRO A 190 44.15 4.49 8.46
N GLY A 191 44.75 5.62 8.13
CA GLY A 191 45.37 5.82 6.83
C GLY A 191 44.51 6.62 5.87
N LEU A 192 43.22 6.82 6.20
CA LEU A 192 42.31 7.64 5.41
C LEU A 192 42.52 9.09 5.88
N VAL A 193 43.03 9.94 4.99
CA VAL A 193 43.35 11.35 5.29
C VAL A 193 42.52 12.28 4.39
N TYR A 194 41.94 13.34 4.97
CA TYR A 194 41.16 14.31 4.23
C TYR A 194 42.02 15.50 3.87
N GLY A 195 41.94 15.91 2.63
CA GLY A 195 42.65 17.08 2.15
C GLY A 195 41.74 18.30 2.23
N ARG A 196 41.82 19.18 1.23
CA ARG A 196 41.00 20.39 1.16
C ARG A 196 39.61 20.13 0.62
N ASN A 197 38.66 21.03 0.98
N ASN A 197 38.65 21.01 0.95
CA ASN A 197 37.31 21.12 0.48
CA ASN A 197 37.28 20.98 0.42
C ASN A 197 37.40 22.29 -0.49
C ASN A 197 37.20 22.21 -0.48
N GLU A 198 37.46 21.98 -1.77
CA GLU A 198 37.65 22.99 -2.82
C GLU A 198 36.50 24.02 -3.01
N SER A 199 36.90 25.28 -3.22
CA SER A 199 36.04 26.45 -3.45
C SER A 199 35.69 26.48 -4.94
N LYS A 200 34.39 26.36 -5.23
CA LYS A 200 33.88 26.24 -6.58
C LYS A 200 33.09 27.44 -7.05
N MET A 201 32.90 27.52 -8.39
CA MET A 201 32.10 28.57 -9.02
C MET A 201 30.64 28.46 -8.61
N GLY A 202 30.12 27.23 -8.57
CA GLY A 202 28.74 26.94 -8.25
C GLY A 202 28.60 25.66 -7.44
N MET A 203 27.34 25.20 -7.31
CA MET A 203 26.94 24.09 -6.45
C MET A 203 27.71 24.19 -5.12
N ARG A 204 27.70 25.42 -4.55
CA ARG A 204 28.48 25.75 -3.36
C ARG A 204 27.95 25.10 -2.08
N GLY A 205 26.68 24.69 -2.09
CA GLY A 205 26.07 24.03 -0.93
C GLY A 205 26.39 22.55 -0.97
N SER A 206 27.68 22.22 -1.09
CA SER A 206 28.13 20.85 -1.21
C SER A 206 29.52 20.70 -0.58
N ILE A 207 30.04 19.48 -0.57
CA ILE A 207 31.38 19.18 -0.05
C ILE A 207 32.07 18.44 -1.18
N ASN A 208 33.25 18.92 -1.60
CA ASN A 208 34.03 18.34 -2.69
C ASN A 208 35.44 18.15 -2.19
N SER A 209 35.76 16.90 -1.83
CA SER A 209 36.97 16.56 -1.10
C SER A 209 38.13 15.93 -1.85
N GLU A 210 39.33 16.20 -1.33
CA GLU A 210 40.54 15.52 -1.71
C GLU A 210 40.64 14.40 -0.67
N LEU A 211 41.00 13.18 -1.10
CA LEU A 211 41.21 12.05 -0.16
C LEU A 211 42.61 11.51 -0.39
N PHE A 212 43.28 11.11 0.69
CA PHE A 212 44.61 10.51 0.63
C PHE A 212 44.55 9.19 1.37
N PHE A 213 45.21 8.16 0.83
CA PHE A 213 45.27 6.84 1.45
C PHE A 213 46.73 6.57 1.69
N GLU A 214 47.13 6.57 2.97
CA GLU A 214 48.53 6.41 3.39
C GLU A 214 48.63 5.11 4.16
N ASN A 215 49.07 4.02 3.48
CA ASN A 215 49.14 2.65 4.00
C ASN A 215 47.82 2.26 4.68
N MET A 216 46.71 2.61 4.01
CA MET A 216 45.37 2.38 4.53
C MET A 216 44.98 0.91 4.40
N GLU A 217 44.83 0.23 5.54
CA GLU A 217 44.45 -1.18 5.55
C GLU A 217 42.95 -1.37 5.60
N VAL A 218 42.43 -2.13 4.64
CA VAL A 218 41.02 -2.45 4.61
C VAL A 218 40.84 -3.97 4.63
N PRO A 219 39.83 -4.50 5.34
CA PRO A 219 39.60 -5.95 5.31
C PRO A 219 39.53 -6.51 3.88
N ALA A 220 40.13 -7.68 3.63
CA ALA A 220 40.11 -8.30 2.30
C ALA A 220 38.66 -8.55 1.84
N GLU A 221 37.73 -8.78 2.80
CA GLU A 221 36.31 -8.99 2.54
C GLU A 221 35.56 -7.69 2.14
N ASN A 222 36.26 -6.54 2.08
CA ASN A 222 35.66 -5.25 1.68
C ASN A 222 35.72 -5.04 0.16
N ILE A 223 36.35 -5.97 -0.58
CA ILE A 223 36.41 -5.89 -2.04
C ILE A 223 35.00 -6.11 -2.63
N ILE A 224 34.64 -5.28 -3.61
CA ILE A 224 33.35 -5.35 -4.31
C ILE A 224 33.58 -6.18 -5.56
N GLY A 225 33.01 -7.39 -5.58
CA GLY A 225 33.19 -8.31 -6.71
C GLY A 225 34.59 -8.88 -6.74
N ALA A 226 34.96 -9.53 -7.85
CA ALA A 226 36.28 -10.16 -7.98
C ALA A 226 37.33 -9.12 -8.35
N GLU A 227 38.62 -9.44 -8.10
CA GLU A 227 39.74 -8.57 -8.47
C GLU A 227 39.72 -8.35 -9.98
N GLY A 228 39.91 -7.11 -10.39
CA GLY A 228 39.96 -6.77 -11.81
C GLY A 228 38.65 -6.42 -12.47
N THR A 229 37.53 -6.58 -11.76
CA THR A 229 36.19 -6.26 -12.27
C THR A 229 35.77 -4.81 -11.92
N GLY A 230 36.65 -4.06 -11.26
CA GLY A 230 36.38 -2.69 -10.83
C GLY A 230 36.08 -1.70 -11.95
N PHE A 231 36.80 -1.79 -13.09
CA PHE A 231 36.55 -0.84 -14.18
C PHE A 231 35.15 -1.02 -14.77
N ALA A 232 34.69 -2.27 -14.95
CA ALA A 232 33.34 -2.58 -15.45
C ALA A 232 32.30 -2.05 -14.46
N ASN A 233 32.55 -2.22 -13.14
CA ASN A 233 31.68 -1.76 -12.05
C ASN A 233 31.55 -0.23 -12.11
N LEU A 234 32.70 0.47 -12.30
CA LEU A 234 32.75 1.92 -12.42
C LEU A 234 31.97 2.37 -13.67
N MET A 235 32.24 1.75 -14.82
CA MET A 235 31.58 2.11 -16.08
C MET A 235 30.06 1.92 -16.00
N GLN A 236 29.60 0.84 -15.35
CA GLN A 236 28.16 0.59 -15.15
C GLN A 236 27.57 1.70 -14.27
N THR A 237 28.27 2.07 -13.18
CA THR A 237 27.83 3.14 -12.28
C THR A 237 27.71 4.49 -13.02
N LEU A 238 28.68 4.79 -13.91
CA LEU A 238 28.69 6.05 -14.68
C LEU A 238 27.54 6.13 -15.66
N SER A 239 27.15 5.00 -16.26
CA SER A 239 26.00 4.95 -17.18
C SER A 239 24.74 5.44 -16.47
N THR A 240 24.56 5.02 -15.21
CA THR A 240 23.43 5.44 -14.41
C THR A 240 23.58 6.89 -13.95
N ASN A 241 24.74 7.26 -13.34
N ASN A 241 24.77 7.23 -13.41
CA ASN A 241 24.88 8.61 -12.81
CA ASN A 241 25.15 8.53 -12.87
C ASN A 241 24.79 9.70 -13.91
C ASN A 241 24.89 9.65 -13.89
N ARG A 242 25.12 9.36 -15.18
CA ARG A 242 24.96 10.33 -16.27
C ARG A 242 23.48 10.70 -16.47
N VAL A 243 22.56 9.76 -16.21
CA VAL A 243 21.13 10.04 -16.29
C VAL A 243 20.71 10.94 -15.10
N PHE A 244 21.34 10.74 -13.92
CA PHE A 244 21.05 11.59 -12.76
C PHE A 244 21.50 13.02 -13.03
N CYS A 245 22.68 13.18 -13.63
CA CYS A 245 23.21 14.50 -14.01
C CYS A 245 22.23 15.13 -15.00
N ALA A 246 21.80 14.37 -16.02
CA ALA A 246 20.84 14.87 -16.99
C ALA A 246 19.57 15.38 -16.30
N ALA A 247 18.98 14.58 -15.38
CA ALA A 247 17.77 14.98 -14.66
C ALA A 247 17.99 16.27 -13.85
N GLN A 248 19.13 16.35 -13.13
CA GLN A 248 19.44 17.56 -12.35
C GLN A 248 19.53 18.78 -13.31
N ALA A 249 20.20 18.61 -14.46
CA ALA A 249 20.34 19.68 -15.47
C ALA A 249 18.98 20.11 -16.05
N VAL A 250 18.05 19.15 -16.30
CA VAL A 250 16.71 19.47 -16.79
C VAL A 250 16.04 20.38 -15.73
N GLY A 251 16.18 20.00 -14.44
CA GLY A 251 15.61 20.78 -13.35
C GLY A 251 16.17 22.18 -13.29
N ILE A 252 17.49 22.31 -13.35
CA ILE A 252 18.16 23.63 -13.31
C ILE A 252 17.61 24.52 -14.44
N ALA A 253 17.56 23.97 -15.64
CA ALA A 253 17.08 24.68 -16.83
C ALA A 253 15.61 25.11 -16.62
N GLN A 254 14.77 24.21 -16.11
CA GLN A 254 13.36 24.52 -15.85
C GLN A 254 13.20 25.63 -14.81
N GLY A 255 13.97 25.57 -13.72
CA GLY A 255 13.89 26.56 -12.65
C GLY A 255 14.26 27.95 -13.15
N ALA A 256 15.27 28.02 -14.02
CA ALA A 256 15.76 29.28 -14.60
C ALA A 256 14.69 29.81 -15.57
N LEU A 257 14.13 28.91 -16.40
CA LEU A 257 13.06 29.25 -17.31
C LEU A 257 11.85 29.81 -16.53
N ASP A 258 11.45 29.16 -15.42
CA ASP A 258 10.31 29.64 -14.63
C ASP A 258 10.52 31.08 -14.16
N ILE A 259 11.73 31.41 -13.68
CA ILE A 259 12.03 32.78 -13.22
C ILE A 259 11.95 33.76 -14.39
N ALA A 260 12.54 33.37 -15.54
CA ALA A 260 12.53 34.20 -16.76
C ALA A 260 11.08 34.49 -17.21
N VAL A 261 10.24 33.44 -17.29
CA VAL A 261 8.85 33.57 -17.72
C VAL A 261 8.10 34.54 -16.82
N ARG A 262 8.22 34.36 -15.50
CA ARG A 262 7.53 35.24 -14.54
C ARG A 262 7.99 36.70 -14.70
N HIS A 263 9.29 36.89 -14.92
CA HIS A 263 9.84 38.23 -15.12
C HIS A 263 9.26 38.90 -16.37
N THR A 264 9.10 38.16 -17.49
CA THR A 264 8.54 38.76 -18.73
C THR A 264 7.12 39.25 -18.51
N GLN A 265 6.37 38.55 -17.65
CA GLN A 265 5.00 38.90 -17.34
C GLN A 265 4.88 40.13 -16.43
N ASP A 266 5.84 40.32 -15.53
CA ASP A 266 5.82 41.42 -14.55
C ASP A 266 6.58 42.67 -14.96
N ARG A 267 7.67 42.50 -15.72
CA ARG A 267 8.55 43.59 -16.12
C ARG A 267 7.97 44.40 -17.27
N VAL A 268 7.69 45.68 -17.02
CA VAL A 268 7.15 46.58 -18.02
C VAL A 268 8.25 47.48 -18.59
N GLN A 269 8.40 47.47 -19.92
CA GLN A 269 9.27 48.38 -20.67
C GLN A 269 8.55 48.65 -21.96
N PHE A 270 8.65 49.89 -22.46
CA PHE A 270 7.98 50.33 -23.69
C PHE A 270 6.45 50.23 -23.56
N GLY A 271 5.97 50.50 -22.34
CA GLY A 271 4.55 50.61 -22.01
C GLY A 271 3.77 49.35 -21.77
N LYS A 272 4.41 48.16 -21.90
CA LYS A 272 3.71 46.89 -21.70
C LYS A 272 4.68 45.89 -21.07
N PRO A 273 4.21 44.76 -20.48
CA PRO A 273 5.17 43.74 -20.03
C PRO A 273 6.04 43.30 -21.20
N ILE A 274 7.32 42.98 -20.94
CA ILE A 274 8.27 42.60 -22.00
C ILE A 274 7.86 41.28 -22.71
N ALA A 275 6.92 40.51 -22.11
CA ALA A 275 6.34 39.32 -22.73
C ALA A 275 5.67 39.65 -24.08
N HIS A 276 5.25 40.92 -24.26
CA HIS A 276 4.61 41.35 -25.51
C HIS A 276 5.61 41.55 -26.66
N LEU A 277 6.94 41.56 -26.36
CA LEU A 277 7.96 41.80 -27.38
C LEU A 277 8.29 40.47 -28.05
N ALA A 278 8.21 40.45 -29.39
CA ALA A 278 8.47 39.23 -30.17
C ALA A 278 9.85 38.62 -29.88
N PRO A 279 10.97 39.38 -29.77
CA PRO A 279 12.26 38.71 -29.48
C PRO A 279 12.28 38.01 -28.13
N VAL A 280 11.57 38.53 -27.14
CA VAL A 280 11.46 37.91 -25.81
C VAL A 280 10.66 36.59 -25.94
N GLN A 281 9.55 36.63 -26.69
CA GLN A 281 8.76 35.41 -26.98
C GLN A 281 9.63 34.34 -27.65
N PHE A 282 10.50 34.75 -28.61
CA PHE A 282 11.37 33.80 -29.32
C PHE A 282 12.40 33.18 -28.40
N MET A 283 12.99 34.01 -27.51
CA MET A 283 13.98 33.54 -26.53
C MET A 283 13.34 32.46 -25.63
N VAL A 284 12.18 32.77 -25.08
CA VAL A 284 11.42 31.85 -24.20
C VAL A 284 11.01 30.59 -24.99
N ALA A 285 10.59 30.73 -26.27
CA ALA A 285 10.24 29.57 -27.09
C ALA A 285 11.43 28.64 -27.21
N ASP A 286 12.62 29.22 -27.53
CA ASP A 286 13.82 28.39 -27.69
C ASP A 286 14.24 27.74 -26.39
N MET A 287 14.20 28.47 -25.28
CA MET A 287 14.55 27.92 -23.97
C MET A 287 13.61 26.76 -23.61
N ALA A 288 12.28 26.99 -23.68
CA ALA A 288 11.32 25.93 -23.31
C ALA A 288 11.43 24.69 -24.19
N THR A 289 11.65 24.88 -25.49
CA THR A 289 11.75 23.75 -26.43
C THR A 289 12.94 22.87 -26.04
N ALA A 290 14.08 23.51 -25.72
CA ALA A 290 15.29 22.78 -25.34
C ALA A 290 15.11 22.05 -24.00
N VAL A 291 14.39 22.67 -23.04
CA VAL A 291 14.14 22.03 -21.75
C VAL A 291 13.25 20.80 -21.98
N GLU A 292 12.18 20.95 -22.79
CA GLU A 292 11.27 19.82 -23.02
C GLU A 292 11.99 18.65 -23.73
N ALA A 293 12.80 18.96 -24.74
CA ALA A 293 13.54 17.95 -25.48
C ALA A 293 14.50 17.21 -24.57
N SER A 294 15.20 17.97 -23.70
CA SER A 294 16.14 17.39 -22.74
C SER A 294 15.38 16.49 -21.74
N ARG A 295 14.19 16.94 -21.29
CA ARG A 295 13.36 16.18 -20.36
C ARG A 295 12.91 14.85 -20.98
N LEU A 296 12.47 14.89 -22.26
CA LEU A 296 12.01 13.66 -22.92
C LEU A 296 13.16 12.67 -23.12
N LEU A 297 14.35 13.16 -23.49
CA LEU A 297 15.53 12.30 -23.66
C LEU A 297 15.93 11.65 -22.32
N THR A 298 15.94 12.48 -21.25
CA THR A 298 16.30 12.03 -19.92
C THR A 298 15.33 10.94 -19.42
N ARG A 299 14.02 11.17 -19.58
CA ARG A 299 13.00 10.19 -19.13
C ARG A 299 13.12 8.88 -19.92
N LYS A 300 13.40 8.96 -21.22
CA LYS A 300 13.61 7.77 -22.04
C LYS A 300 14.83 6.99 -21.53
N ALA A 301 15.95 7.70 -21.29
CA ALA A 301 17.18 7.05 -20.81
C ALA A 301 16.94 6.36 -19.46
N ALA A 302 16.20 7.04 -18.54
CA ALA A 302 15.89 6.49 -17.20
C ALA A 302 15.03 5.22 -17.29
N GLU A 303 14.01 5.24 -18.16
CA GLU A 303 13.13 4.08 -18.42
C GLU A 303 13.94 2.91 -18.95
N LEU A 304 14.84 3.16 -19.91
CA LEU A 304 15.73 2.14 -20.48
C LEU A 304 16.64 1.50 -19.43
N LEU A 305 17.17 2.31 -18.49
CA LEU A 305 18.01 1.80 -17.39
C LEU A 305 17.20 0.86 -16.51
N ASP A 306 15.96 1.27 -16.12
CA ASP A 306 15.07 0.46 -15.29
C ASP A 306 14.71 -0.86 -15.98
N ASP A 307 14.58 -0.82 -17.33
CA ASP A 307 14.24 -1.99 -18.15
C ASP A 307 15.43 -2.92 -18.38
N GLY A 308 16.64 -2.48 -18.00
CA GLY A 308 17.88 -3.21 -18.19
C GLY A 308 18.24 -3.33 -19.68
N ASP A 309 17.77 -2.34 -20.49
CA ASP A 309 17.96 -2.30 -21.93
C ASP A 309 19.37 -1.81 -22.29
N LYS A 310 20.04 -2.51 -23.22
CA LYS A 310 21.39 -2.17 -23.67
C LYS A 310 21.48 -0.76 -24.28
N LYS A 311 20.36 -0.28 -24.88
CA LYS A 311 20.24 1.07 -25.48
C LYS A 311 20.41 2.19 -24.44
N ALA A 312 20.27 1.88 -23.14
CA ALA A 312 20.41 2.88 -22.07
C ALA A 312 21.75 3.65 -22.11
N VAL A 313 22.87 3.01 -22.54
CA VAL A 313 24.16 3.68 -22.62
C VAL A 313 24.12 4.81 -23.65
N LEU A 314 23.59 4.52 -24.84
CA LEU A 314 23.49 5.52 -25.90
C LEU A 314 22.54 6.65 -25.49
N TYR A 315 21.33 6.29 -25.03
CA TYR A 315 20.34 7.32 -24.71
C TYR A 315 20.70 8.13 -23.45
N GLY A 316 21.39 7.52 -22.50
CA GLY A 316 21.85 8.24 -21.31
C GLY A 316 22.93 9.24 -21.66
N SER A 317 23.83 8.85 -22.58
CA SER A 317 24.94 9.71 -23.03
C SER A 317 24.35 10.93 -23.78
N MET A 318 23.38 10.69 -24.69
CA MET A 318 22.68 11.79 -25.37
C MET A 318 21.98 12.70 -24.37
N ALA A 319 21.24 12.11 -23.40
CA ALA A 319 20.51 12.91 -22.40
C ALA A 319 21.45 13.77 -21.58
N LYS A 320 22.59 13.21 -21.14
CA LYS A 320 23.56 13.96 -20.31
C LYS A 320 24.08 15.17 -21.12
N THR A 321 24.52 14.93 -22.36
CA THR A 321 25.07 16.03 -23.18
C THR A 321 24.03 17.11 -23.43
N MET A 322 22.88 16.74 -23.97
N MET A 322 22.87 16.72 -23.96
CA MET A 322 21.90 17.74 -24.28
CA MET A 322 21.79 17.64 -24.30
C MET A 322 21.35 18.46 -23.05
C MET A 322 21.27 18.41 -23.10
N ALA A 323 20.98 17.72 -21.97
CA ALA A 323 20.41 18.36 -20.79
C ALA A 323 21.36 19.38 -20.17
N SER A 324 22.65 19.06 -20.09
CA SER A 324 23.63 19.95 -19.47
C SER A 324 23.94 21.13 -20.41
N ASP A 325 24.02 20.90 -21.73
CA ASP A 325 24.22 22.02 -22.65
C ASP A 325 23.00 22.93 -22.58
N THR A 326 21.81 22.34 -22.45
CA THR A 326 20.55 23.09 -22.33
C THR A 326 20.56 23.88 -21.04
N ALA A 327 20.96 23.26 -19.90
CA ALA A 327 21.04 24.00 -18.63
C ALA A 327 21.97 25.19 -18.80
N MET A 328 23.12 25.01 -19.44
CA MET A 328 24.07 26.13 -19.62
C MET A 328 23.46 27.23 -20.48
N ARG A 329 22.89 26.85 -21.62
CA ARG A 329 22.30 27.83 -22.55
C ARG A 329 21.08 28.55 -21.97
N VAL A 330 20.17 27.79 -21.33
CA VAL A 330 18.94 28.33 -20.73
C VAL A 330 19.24 29.24 -19.54
N THR A 331 20.15 28.83 -18.66
CA THR A 331 20.45 29.71 -17.51
C THR A 331 21.13 31.00 -17.99
N THR A 332 22.00 30.89 -19.02
CA THR A 332 22.70 32.07 -19.58
C THR A 332 21.62 33.06 -20.12
N ASP A 333 20.61 32.51 -20.82
CA ASP A 333 19.53 33.30 -21.37
C ASP A 333 18.55 33.79 -20.32
N ALA A 334 18.36 33.03 -19.20
CA ALA A 334 17.46 33.48 -18.12
C ALA A 334 18.05 34.71 -17.44
N VAL A 335 19.37 34.71 -17.22
CA VAL A 335 20.05 35.90 -16.65
C VAL A 335 19.81 37.07 -17.64
N GLN A 336 19.95 36.79 -18.94
CA GLN A 336 19.71 37.80 -19.98
C GLN A 336 18.29 38.37 -19.91
N VAL A 337 17.28 37.50 -19.80
CA VAL A 337 15.87 37.94 -19.76
C VAL A 337 15.61 38.87 -18.54
N LEU A 338 16.31 38.68 -17.44
CA LEU A 338 16.11 39.52 -16.26
C LEU A 338 16.93 40.83 -16.33
N GLY A 339 17.73 40.99 -17.39
CA GLY A 339 18.55 42.18 -17.59
C GLY A 339 19.49 42.37 -16.42
N GLY A 340 19.67 43.62 -15.99
CA GLY A 340 20.54 43.95 -14.87
C GLY A 340 20.21 43.16 -13.62
N SER A 341 18.88 43.00 -13.34
CA SER A 341 18.41 42.27 -12.16
C SER A 341 18.87 40.79 -12.19
N GLY A 342 19.03 40.24 -13.38
CA GLY A 342 19.50 38.88 -13.58
C GLY A 342 20.91 38.65 -13.08
N TYR A 343 21.73 39.69 -13.09
CA TYR A 343 23.13 39.63 -12.66
C TYR A 343 23.28 39.78 -11.16
N MET A 344 22.19 40.13 -10.46
CA MET A 344 22.21 40.32 -9.00
C MET A 344 21.99 39.01 -8.25
N LYS A 345 22.81 38.78 -7.23
CA LYS A 345 22.74 37.55 -6.42
C LYS A 345 21.36 37.31 -5.82
N GLU A 346 20.64 38.39 -5.40
CA GLU A 346 19.31 38.22 -4.79
C GLU A 346 18.24 37.55 -5.66
N ASN A 347 18.46 37.52 -6.99
CA ASN A 347 17.45 37.01 -7.91
C ASN A 347 17.64 35.55 -8.39
N GLY A 348 18.59 34.83 -7.80
CA GLY A 348 18.75 33.39 -8.00
C GLY A 348 19.25 32.86 -9.33
N VAL A 349 18.77 33.43 -10.47
CA VAL A 349 19.17 32.92 -11.79
C VAL A 349 20.69 32.93 -12.00
N GLU A 350 21.42 33.94 -11.43
CA GLU A 350 22.88 33.92 -11.60
C GLU A 350 23.50 32.67 -10.95
N ARG A 351 22.97 32.26 -9.75
CA ARG A 351 23.45 31.04 -9.09
C ARG A 351 23.12 29.84 -9.99
N MET A 352 21.91 29.80 -10.58
CA MET A 352 21.53 28.70 -11.45
C MET A 352 22.46 28.59 -12.65
N MET A 353 22.95 29.74 -13.16
CA MET A 353 23.92 29.77 -14.24
C MET A 353 25.26 29.17 -13.79
N ARG A 354 25.71 29.56 -12.59
CA ARG A 354 26.97 29.03 -12.04
C ARG A 354 26.86 27.52 -11.80
N ASP A 355 25.71 27.08 -11.28
CA ASP A 355 25.44 25.66 -11.00
C ASP A 355 25.40 24.85 -12.30
N ALA A 356 24.75 25.42 -13.34
CA ALA A 356 24.60 24.76 -14.64
C ALA A 356 25.94 24.34 -15.26
N LYS A 357 26.96 25.22 -15.17
CA LYS A 357 28.30 24.94 -15.76
C LYS A 357 28.89 23.60 -15.27
N LEU A 358 28.67 23.24 -14.00
CA LEU A 358 29.23 21.97 -13.50
C LEU A 358 28.62 20.76 -14.20
N THR A 359 27.35 20.86 -14.61
CA THR A 359 26.67 19.70 -15.22
C THR A 359 27.31 19.30 -16.53
N GLN A 360 28.04 20.23 -17.19
CA GLN A 360 28.71 19.93 -18.46
C GLN A 360 30.05 19.22 -18.22
N ILE A 361 30.52 19.24 -16.96
CA ILE A 361 31.83 18.71 -16.59
C ILE A 361 31.78 17.42 -15.80
N TYR A 362 31.01 17.36 -14.69
CA TYR A 362 31.07 16.15 -13.88
C TYR A 362 30.17 15.03 -14.45
N THR A 363 30.37 13.80 -13.92
CA THR A 363 29.80 12.54 -14.43
C THR A 363 30.41 12.27 -15.83
N GLY A 364 31.54 12.93 -16.12
CA GLY A 364 32.21 12.82 -17.40
C GLY A 364 31.92 14.06 -18.20
N THR A 365 32.92 14.67 -18.83
CA THR A 365 32.66 15.91 -19.55
C THR A 365 31.79 15.64 -20.79
N ASN A 366 31.18 16.70 -21.32
CA ASN A 366 30.38 16.60 -22.55
C ASN A 366 31.22 16.22 -23.76
N GLN A 367 32.56 16.31 -23.67
CA GLN A 367 33.43 15.83 -24.77
C GLN A 367 33.49 14.30 -24.67
N ILE A 368 33.70 13.78 -23.45
CA ILE A 368 33.69 12.33 -23.23
C ILE A 368 32.30 11.74 -23.57
N THR A 369 31.20 12.39 -23.15
CA THR A 369 29.87 11.84 -23.44
C THR A 369 29.58 11.88 -24.95
N ARG A 370 30.07 12.92 -25.68
CA ARG A 370 29.90 12.91 -27.16
C ARG A 370 30.70 11.74 -27.76
N MET A 371 31.89 11.46 -27.22
CA MET A 371 32.70 10.32 -27.68
C MET A 371 31.96 8.98 -27.42
N VAL A 372 31.40 8.82 -26.23
CA VAL A 372 30.63 7.62 -25.88
C VAL A 372 29.45 7.46 -26.86
N THR A 373 28.68 8.55 -27.09
CA THR A 373 27.55 8.53 -28.03
C THR A 373 28.03 8.13 -29.45
N GLY A 374 29.02 8.86 -29.97
CA GLY A 374 29.57 8.63 -31.32
C GLY A 374 30.08 7.21 -31.52
N ARG A 375 30.81 6.68 -30.54
CA ARG A 375 31.31 5.31 -30.62
C ARG A 375 30.15 4.29 -30.64
N ALA A 376 29.11 4.52 -29.80
CA ALA A 376 27.94 3.63 -29.76
C ALA A 376 27.18 3.64 -31.10
N LEU A 377 27.12 4.82 -31.75
CA LEU A 377 26.43 4.93 -33.03
C LEU A 377 27.24 4.32 -34.19
N LEU A 378 28.55 4.56 -34.23
CA LEU A 378 29.38 4.12 -35.35
C LEU A 378 29.99 2.74 -35.24
N PHE A 379 30.07 2.21 -34.01
CA PHE A 379 30.60 0.88 -33.75
C PHE A 379 29.57 0.10 -32.90
N PRO A 380 28.33 -0.13 -33.41
CA PRO A 380 27.33 -0.84 -32.60
C PRO A 380 27.69 -2.31 -32.35
N HIS B 3 1.30 2.94 -25.79
CA HIS B 3 1.58 1.64 -26.42
C HIS B 3 0.98 1.59 -27.83
N LEU B 4 1.71 0.99 -28.75
CA LEU B 4 1.23 0.89 -30.13
C LEU B 4 0.33 -0.33 -30.32
N THR B 5 -0.82 -0.17 -31.01
CA THR B 5 -1.76 -1.27 -31.27
C THR B 5 -1.16 -2.23 -32.30
N GLU B 6 -1.63 -3.49 -32.31
CA GLU B 6 -1.13 -4.49 -33.26
C GLU B 6 -1.37 -4.07 -34.72
N GLU B 7 -2.47 -3.32 -34.97
CA GLU B 7 -2.81 -2.78 -36.29
C GLU B 7 -1.82 -1.67 -36.67
N GLN B 8 -1.37 -0.84 -35.69
CA GLN B 8 -0.39 0.23 -35.91
C GLN B 8 0.97 -0.37 -36.26
N LYS B 9 1.39 -1.42 -35.52
CA LYS B 9 2.66 -2.14 -35.71
C LYS B 9 2.71 -2.80 -37.09
N LEU B 10 1.59 -3.42 -37.54
CA LEU B 10 1.47 -4.06 -38.86
C LEU B 10 1.57 -3.01 -39.97
N THR B 11 0.88 -1.87 -39.81
CA THR B 11 0.89 -0.74 -40.75
C THR B 11 2.32 -0.20 -40.87
N LEU B 12 3.01 0.01 -39.73
CA LEU B 12 4.37 0.53 -39.74
C LEU B 12 5.43 -0.40 -40.31
N ASP B 13 5.29 -1.72 -40.08
CA ASP B 13 6.20 -2.70 -40.66
C ASP B 13 6.04 -2.68 -42.18
N MET B 14 4.78 -2.59 -42.66
CA MET B 14 4.44 -2.48 -44.08
C MET B 14 5.04 -1.20 -44.69
N VAL B 15 4.86 -0.06 -43.99
CA VAL B 15 5.39 1.24 -44.47
C VAL B 15 6.91 1.20 -44.59
N ARG B 16 7.61 0.67 -43.56
CA ARG B 16 9.07 0.54 -43.56
C ARG B 16 9.54 -0.32 -44.76
N ASP B 17 8.82 -1.43 -45.05
CA ASP B 17 9.13 -2.33 -46.17
C ASP B 17 8.96 -1.60 -47.50
N VAL B 18 7.82 -0.92 -47.69
CA VAL B 18 7.50 -0.15 -48.90
C VAL B 18 8.50 1.02 -49.10
N ALA B 19 8.84 1.72 -48.01
CA ALA B 19 9.80 2.84 -48.07
C ALA B 19 11.16 2.35 -48.57
N THR B 20 11.65 1.24 -48.02
CA THR B 20 12.94 0.66 -48.39
C THR B 20 12.94 0.09 -49.82
N ARG B 21 11.98 -0.80 -50.12
CA ARG B 21 11.93 -1.52 -51.38
C ARG B 21 11.44 -0.77 -52.59
N GLU B 22 10.43 0.11 -52.41
CA GLU B 22 9.78 0.79 -53.51
C GLU B 22 10.02 2.27 -53.57
N ILE B 23 9.94 2.99 -52.43
CA ILE B 23 10.04 4.46 -52.45
C ILE B 23 11.50 4.94 -52.59
N ALA B 24 12.42 4.40 -51.75
CA ALA B 24 13.84 4.81 -51.79
C ALA B 24 14.48 4.68 -53.18
N PRO B 25 14.32 3.56 -53.93
CA PRO B 25 14.97 3.47 -55.27
C PRO B 25 14.45 4.48 -56.30
N ARG B 26 13.26 5.05 -56.06
CA ARG B 26 12.59 6.01 -56.96
C ARG B 26 12.90 7.48 -56.67
N ALA B 27 13.46 7.76 -55.50
CA ALA B 27 13.68 9.13 -55.00
C ALA B 27 14.59 10.00 -55.86
N LEU B 28 15.69 9.42 -56.35
CA LEU B 28 16.64 10.16 -57.17
C LEU B 28 15.95 10.65 -58.45
N GLU B 29 15.26 9.74 -59.17
CA GLU B 29 14.61 10.11 -60.41
C GLU B 29 13.44 11.08 -60.15
N LEU B 30 12.70 10.88 -59.03
CA LEU B 30 11.56 11.75 -58.70
C LEU B 30 12.02 13.21 -58.60
N ASP B 31 13.17 13.43 -57.95
CA ASP B 31 13.73 14.77 -57.82
C ASP B 31 14.32 15.23 -59.17
N GLU B 32 15.12 14.37 -59.82
CA GLU B 32 15.82 14.76 -61.06
C GLU B 32 14.88 15.24 -62.16
N LYS B 33 13.78 14.50 -62.33
CA LYS B 33 12.80 14.74 -63.37
C LYS B 33 11.55 15.48 -62.86
N SER B 34 11.54 15.93 -61.57
CA SER B 34 10.42 16.68 -60.96
C SER B 34 9.08 16.00 -61.23
N LEU B 35 8.99 14.73 -60.82
CA LEU B 35 7.80 13.94 -61.11
C LEU B 35 6.82 13.90 -59.96
N PHE B 36 5.51 13.84 -60.29
CA PHE B 36 4.50 13.60 -59.27
C PHE B 36 4.68 12.10 -58.93
N PRO B 37 4.66 11.73 -57.62
CA PRO B 37 4.87 10.33 -57.24
C PRO B 37 3.61 9.47 -57.47
N GLU B 38 3.30 9.30 -58.75
CA GLU B 38 2.13 8.56 -59.18
C GLU B 38 2.18 7.09 -58.76
N TYR B 39 3.36 6.44 -58.91
CA TYR B 39 3.50 5.04 -58.51
C TYR B 39 3.17 4.93 -57.01
N ALA B 40 3.77 5.81 -56.18
CA ALA B 40 3.57 5.81 -54.73
C ALA B 40 2.09 6.08 -54.40
N ARG B 41 1.48 7.06 -55.07
CA ARG B 41 0.07 7.38 -54.81
C ARG B 41 -0.81 6.14 -55.05
N ASP B 42 -0.64 5.49 -56.21
CA ASP B 42 -1.42 4.30 -56.54
C ASP B 42 -1.16 3.13 -55.61
N LEU B 43 0.13 2.92 -55.22
CA LEU B 43 0.52 1.85 -54.31
C LEU B 43 -0.10 2.10 -52.92
N PHE B 44 0.01 3.34 -52.42
CA PHE B 44 -0.56 3.73 -51.12
C PHE B 44 -2.06 3.51 -51.07
N ALA B 45 -2.78 3.86 -52.16
CA ALA B 45 -4.23 3.66 -52.25
C ALA B 45 -4.59 2.18 -52.09
N LYS B 46 -3.83 1.29 -52.78
CA LYS B 46 -4.04 -0.17 -52.73
C LYS B 46 -3.74 -0.75 -51.35
N LEU B 47 -2.74 -0.19 -50.64
CA LEU B 47 -2.32 -0.64 -49.30
C LEU B 47 -3.08 0.05 -48.16
N GLY B 48 -3.97 0.98 -48.49
CA GLY B 48 -4.75 1.72 -47.51
C GLY B 48 -3.93 2.73 -46.72
N LEU B 49 -2.89 3.30 -47.36
CA LEU B 49 -1.97 4.27 -46.75
C LEU B 49 -2.16 5.71 -47.23
N LEU B 50 -2.96 5.93 -48.29
CA LEU B 50 -3.14 7.25 -48.86
C LEU B 50 -3.96 8.18 -47.97
N ASN B 51 -5.02 7.65 -47.32
CA ASN B 51 -5.92 8.45 -46.47
C ASN B 51 -5.98 7.92 -45.02
N PRO B 52 -4.86 7.96 -44.25
CA PRO B 52 -4.90 7.36 -42.90
C PRO B 52 -5.86 7.99 -41.90
N LEU B 53 -6.21 9.27 -42.06
CA LEU B 53 -7.10 9.96 -41.12
C LEU B 53 -8.57 9.98 -41.58
N LEU B 54 -8.87 9.36 -42.74
CA LEU B 54 -10.26 9.31 -43.20
C LEU B 54 -11.08 8.51 -42.18
N PRO B 55 -12.18 9.06 -41.60
CA PRO B 55 -12.94 8.29 -40.59
C PRO B 55 -13.53 6.99 -41.11
N ALA B 56 -13.68 5.98 -40.22
CA ALA B 56 -14.26 4.66 -40.53
C ALA B 56 -15.69 4.81 -41.11
N ALA B 57 -16.42 5.85 -40.67
CA ALA B 57 -17.78 6.18 -41.11
C ALA B 57 -17.85 6.47 -42.62
N TYR B 58 -16.73 6.95 -43.23
CA TYR B 58 -16.67 7.27 -44.67
C TYR B 58 -15.79 6.30 -45.45
N GLY B 59 -15.63 5.10 -44.90
CA GLY B 59 -14.85 4.02 -45.50
C GLY B 59 -13.35 4.14 -45.34
N GLY B 60 -12.92 4.84 -44.28
CA GLY B 60 -11.50 5.07 -43.99
C GLY B 60 -10.93 4.22 -42.89
N THR B 61 -9.59 4.30 -42.72
CA THR B 61 -8.85 3.53 -41.71
C THR B 61 -8.83 4.20 -40.34
N GLU B 62 -9.06 5.55 -40.27
CA GLU B 62 -9.08 6.37 -39.05
C GLU B 62 -7.96 5.93 -38.09
N MET B 63 -6.71 6.02 -38.54
N MET B 63 -6.72 6.02 -38.56
CA MET B 63 -5.56 5.55 -37.78
CA MET B 63 -5.50 5.62 -37.86
C MET B 63 -4.99 6.58 -36.77
C MET B 63 -5.05 6.57 -36.75
N GLY B 64 -5.42 7.84 -36.85
CA GLY B 64 -4.99 8.86 -35.91
C GLY B 64 -3.66 9.52 -36.23
N VAL B 65 -3.39 10.64 -35.55
CA VAL B 65 -2.22 11.49 -35.78
C VAL B 65 -0.90 10.77 -35.48
N LEU B 66 -0.80 10.06 -34.35
CA LEU B 66 0.46 9.36 -34.03
C LEU B 66 0.84 8.38 -35.13
N THR B 67 -0.12 7.55 -35.60
CA THR B 67 0.18 6.63 -36.69
C THR B 67 0.69 7.35 -37.92
N LEU B 68 0.01 8.44 -38.34
CA LEU B 68 0.46 9.17 -39.52
C LEU B 68 1.84 9.81 -39.28
N ALA B 69 2.11 10.28 -38.07
CA ALA B 69 3.42 10.85 -37.75
C ALA B 69 4.50 9.77 -37.95
N LEU B 70 4.23 8.54 -37.49
CA LEU B 70 5.20 7.45 -37.63
C LEU B 70 5.41 7.07 -39.10
N ILE B 71 4.33 7.08 -39.89
CA ILE B 71 4.39 6.80 -41.33
C ILE B 71 5.23 7.90 -42.02
N LEU B 72 4.98 9.17 -41.66
CA LEU B 72 5.70 10.30 -42.28
C LEU B 72 7.19 10.29 -41.99
N GLU B 73 7.55 9.87 -40.77
CA GLU B 73 8.95 9.75 -40.44
C GLU B 73 9.60 8.64 -41.30
N GLU B 74 8.88 7.54 -41.53
CA GLU B 74 9.40 6.46 -42.35
C GLU B 74 9.57 6.89 -43.80
N LEU B 75 8.59 7.60 -44.36
CA LEU B 75 8.70 8.07 -45.75
C LEU B 75 9.72 9.21 -45.90
N GLY B 76 9.76 10.12 -44.92
CA GLY B 76 10.70 11.25 -44.92
C GLY B 76 12.15 10.80 -44.96
N ARG B 77 12.42 9.63 -44.37
CA ARG B 77 13.73 8.98 -44.34
C ARG B 77 14.25 8.70 -45.77
N VAL B 78 13.36 8.39 -46.71
CA VAL B 78 13.78 8.00 -48.06
C VAL B 78 13.36 8.97 -49.20
N CYS B 79 12.26 9.71 -49.02
CA CYS B 79 11.76 10.60 -50.05
C CYS B 79 10.84 11.62 -49.43
N ALA B 80 11.35 12.85 -49.21
CA ALA B 80 10.55 13.91 -48.58
C ALA B 80 9.32 14.25 -49.44
N SER B 81 9.50 14.22 -50.78
CA SER B 81 8.39 14.52 -51.69
C SER B 81 7.24 13.51 -51.56
N THR B 82 7.56 12.23 -51.37
CA THR B 82 6.53 11.17 -51.18
C THR B 82 5.85 11.38 -49.83
N ALA B 83 6.61 11.80 -48.81
CA ALA B 83 5.97 12.10 -47.51
C ALA B 83 5.02 13.32 -47.69
N LEU B 84 5.44 14.34 -48.51
CA LEU B 84 4.61 15.51 -48.79
C LEU B 84 3.27 15.14 -49.43
N LEU B 85 3.26 14.12 -50.31
CA LEU B 85 2.01 13.66 -50.90
C LEU B 85 1.01 13.30 -49.75
N LEU B 86 1.47 12.54 -48.74
CA LEU B 86 0.59 12.17 -47.63
C LEU B 86 0.20 13.37 -46.77
N ILE B 87 1.14 14.33 -46.55
CA ILE B 87 0.82 15.53 -45.78
C ILE B 87 -0.29 16.31 -46.49
N ALA B 88 -0.11 16.58 -47.80
CA ALA B 88 -1.08 17.37 -48.56
C ALA B 88 -2.43 16.66 -48.59
N GLN B 89 -2.41 15.34 -48.78
CA GLN B 89 -3.64 14.51 -48.88
C GLN B 89 -4.48 14.58 -47.59
N THR B 90 -3.84 14.36 -46.43
CA THR B 90 -4.54 14.43 -45.16
C THR B 90 -4.97 15.86 -44.85
N ASP B 91 -4.04 16.82 -45.01
N ASP B 91 -4.06 16.85 -45.01
CA ASP B 91 -4.30 18.24 -44.78
CA ASP B 91 -4.39 18.26 -44.76
C ASP B 91 -5.51 18.77 -45.57
C ASP B 91 -5.57 18.75 -45.56
N GLY B 92 -5.70 18.29 -46.81
CA GLY B 92 -6.79 18.72 -47.68
C GLY B 92 -8.18 18.24 -47.25
N MET B 93 -8.26 17.15 -46.46
CA MET B 93 -9.53 16.62 -45.98
C MET B 93 -9.81 16.97 -44.51
N LEU B 94 -8.78 17.33 -43.72
CA LEU B 94 -8.99 17.70 -42.30
C LEU B 94 -10.07 18.81 -42.11
N PRO B 95 -10.12 19.92 -42.93
CA PRO B 95 -11.17 20.94 -42.72
C PRO B 95 -12.59 20.39 -42.82
N ILE B 96 -12.81 19.41 -43.71
CA ILE B 96 -14.10 18.76 -43.94
C ILE B 96 -14.44 17.82 -42.78
N ILE B 97 -13.48 16.97 -42.37
CA ILE B 97 -13.64 16.02 -41.26
C ILE B 97 -13.99 16.81 -39.99
N HIS B 98 -13.24 17.91 -39.74
CA HIS B 98 -13.40 18.76 -38.56
C HIS B 98 -14.03 20.13 -38.90
N GLY B 99 -15.30 20.11 -39.22
CA GLY B 99 -16.04 21.33 -39.52
C GLY B 99 -17.25 21.16 -40.40
N GLY B 100 -17.21 20.15 -41.27
CA GLY B 100 -18.29 19.87 -42.21
C GLY B 100 -19.52 19.32 -41.51
N SER B 101 -20.69 19.60 -42.07
CA SER B 101 -21.98 19.11 -41.56
C SER B 101 -22.04 17.59 -41.90
N PRO B 102 -22.89 16.77 -41.24
CA PRO B 102 -22.97 15.35 -41.65
C PRO B 102 -23.25 15.18 -43.15
N GLU B 103 -24.08 16.07 -43.73
CA GLU B 103 -24.47 16.06 -45.15
C GLU B 103 -23.25 16.32 -46.06
N LEU B 104 -22.49 17.38 -45.76
CA LEU B 104 -21.29 17.72 -46.53
C LEU B 104 -20.25 16.60 -46.45
N LYS B 105 -20.05 16.04 -45.23
CA LYS B 105 -19.07 14.97 -45.02
C LYS B 105 -19.43 13.73 -45.83
N GLU B 106 -20.70 13.33 -45.83
CA GLU B 106 -21.11 12.16 -46.63
C GLU B 106 -20.91 12.44 -48.13
N ARG B 107 -21.30 13.64 -48.58
CA ARG B 107 -21.22 14.05 -49.98
C ARG B 107 -19.80 14.07 -50.55
N TYR B 108 -18.81 14.50 -49.74
CA TYR B 108 -17.44 14.65 -50.23
C TYR B 108 -16.42 13.66 -49.69
N LEU B 109 -16.59 13.12 -48.49
CA LEU B 109 -15.60 12.18 -47.95
C LEU B 109 -15.74 10.76 -48.49
N ARG B 110 -16.97 10.37 -48.87
CA ARG B 110 -17.28 9.02 -49.38
C ARG B 110 -16.40 8.64 -50.57
N ARG B 111 -16.11 9.58 -51.46
CA ARG B 111 -15.31 9.33 -52.67
C ARG B 111 -13.84 8.96 -52.36
N PHE B 112 -13.39 9.19 -51.12
CA PHE B 112 -12.03 8.86 -50.67
C PHE B 112 -11.96 7.50 -49.97
N ALA B 113 -13.09 6.77 -49.88
CA ALA B 113 -13.18 5.47 -49.24
C ALA B 113 -12.27 4.42 -49.89
N GLY B 114 -11.83 3.46 -49.08
CA GLY B 114 -11.07 2.30 -49.51
C GLY B 114 -9.84 2.63 -50.34
N GLU B 115 -9.76 2.06 -51.56
CA GLU B 115 -8.62 2.20 -52.46
C GLU B 115 -8.71 3.40 -53.43
N SER B 116 -9.57 4.38 -53.14
CA SER B 116 -9.68 5.58 -53.98
C SER B 116 -8.34 6.28 -54.17
N THR B 117 -8.09 6.76 -55.40
CA THR B 117 -6.85 7.48 -55.74
C THR B 117 -7.09 8.98 -55.90
N LEU B 118 -8.31 9.46 -55.57
CA LEU B 118 -8.66 10.88 -55.66
C LEU B 118 -7.80 11.70 -54.69
N LEU B 119 -7.48 12.92 -55.10
CA LEU B 119 -6.61 13.80 -54.32
C LEU B 119 -7.30 15.01 -53.74
N THR B 120 -6.76 15.51 -52.63
CA THR B 120 -7.24 16.71 -51.98
C THR B 120 -6.16 17.81 -52.00
N ALA B 121 -6.55 19.03 -51.63
CA ALA B 121 -5.63 20.16 -51.46
C ALA B 121 -6.28 21.16 -50.53
N LEU B 122 -5.44 21.96 -49.89
CA LEU B 122 -5.88 23.04 -49.02
C LEU B 122 -5.33 24.33 -49.63
N ALA B 123 -6.23 25.28 -49.93
CA ALA B 123 -5.85 26.54 -50.55
C ALA B 123 -6.15 27.73 -49.67
N ALA B 124 -5.14 28.19 -48.90
CA ALA B 124 -5.30 29.35 -48.01
C ALA B 124 -4.36 30.48 -48.44
N THR B 125 -3.05 30.15 -48.64
CA THR B 125 -1.99 31.12 -48.95
C THR B 125 -2.26 31.85 -50.26
N GLU B 126 -1.90 33.15 -50.29
CA GLU B 126 -2.00 33.98 -51.46
C GLU B 126 -0.75 34.84 -51.53
N PRO B 127 -0.47 35.47 -52.70
CA PRO B 127 0.69 36.37 -52.77
C PRO B 127 0.68 37.45 -51.69
N ALA B 128 -0.50 38.01 -51.36
CA ALA B 128 -0.61 39.03 -50.31
C ALA B 128 -0.76 38.44 -48.91
N ALA B 129 -0.91 37.10 -48.78
CA ALA B 129 -1.17 36.49 -47.49
C ALA B 129 -0.43 35.17 -47.26
N GLY B 130 0.75 35.24 -46.64
CA GLY B 130 1.56 34.09 -46.30
C GLY B 130 1.50 33.89 -44.80
N SER B 131 2.41 34.56 -44.06
CA SER B 131 2.38 34.50 -42.60
C SER B 131 1.13 35.22 -42.10
N ASP B 132 0.76 36.31 -42.77
CA ASP B 132 -0.43 37.09 -42.42
C ASP B 132 -1.61 36.54 -43.21
N LEU B 133 -2.17 35.41 -42.74
CA LEU B 133 -3.31 34.79 -43.43
C LEU B 133 -4.55 35.65 -43.44
N LEU B 134 -4.71 36.50 -42.42
CA LEU B 134 -5.85 37.43 -42.35
C LEU B 134 -5.84 38.46 -43.50
N ALA B 135 -4.69 38.61 -44.21
CA ALA B 135 -4.60 39.55 -45.33
C ALA B 135 -5.10 38.93 -46.63
N MET B 136 -5.59 37.65 -46.61
CA MET B 136 -6.06 37.03 -47.87
C MET B 136 -7.14 37.89 -48.56
N LYS B 137 -7.08 37.98 -49.91
CA LYS B 137 -8.00 38.81 -50.69
C LYS B 137 -9.14 38.03 -51.39
N THR B 138 -9.04 36.69 -51.54
CA THR B 138 -10.11 35.87 -52.15
C THR B 138 -11.44 36.14 -51.44
N ARG B 139 -12.50 36.38 -52.25
CA ARG B 139 -13.84 36.69 -51.76
C ARG B 139 -14.85 35.64 -52.20
N ALA B 140 -15.84 35.39 -51.33
CA ALA B 140 -16.97 34.52 -51.61
C ALA B 140 -18.23 35.33 -51.34
N VAL B 141 -19.06 35.53 -52.37
CA VAL B 141 -20.28 36.32 -52.29
C VAL B 141 -21.49 35.41 -52.51
N ARG B 142 -22.42 35.35 -51.53
CA ARG B 142 -23.63 34.55 -51.65
C ARG B 142 -24.54 35.15 -52.72
N GLN B 143 -24.97 34.33 -53.67
CA GLN B 143 -25.87 34.76 -54.76
C GLN B 143 -26.85 33.62 -55.03
N GLY B 144 -28.02 33.68 -54.39
CA GLY B 144 -29.04 32.64 -54.52
C GLY B 144 -28.57 31.34 -53.90
N ASP B 145 -28.57 30.24 -54.67
CA ASP B 145 -28.15 28.93 -54.19
C ASP B 145 -26.64 28.66 -54.40
N LYS B 146 -25.86 29.72 -54.67
CA LYS B 146 -24.43 29.61 -54.94
C LYS B 146 -23.63 30.67 -54.19
N TYR B 147 -22.31 30.45 -54.11
CA TYR B 147 -21.33 31.42 -53.66
C TYR B 147 -20.50 31.70 -54.90
N VAL B 148 -20.27 32.97 -55.21
CA VAL B 148 -19.42 33.35 -56.35
C VAL B 148 -18.08 33.70 -55.76
N ILE B 149 -17.04 32.93 -56.13
CA ILE B 149 -15.70 33.11 -55.60
C ILE B 149 -14.77 33.75 -56.62
N ASN B 150 -14.06 34.79 -56.16
CA ASN B 150 -13.11 35.55 -56.95
C ASN B 150 -11.83 35.74 -56.15
N GLY B 151 -10.71 35.40 -56.75
CA GLY B 151 -9.43 35.57 -56.09
C GLY B 151 -8.34 34.68 -56.65
N GLN B 152 -7.32 34.43 -55.84
CA GLN B 152 -6.17 33.64 -56.25
C GLN B 152 -5.51 33.01 -55.04
N LYS B 153 -4.76 31.95 -55.27
CA LYS B 153 -3.99 31.25 -54.22
C LYS B 153 -2.66 30.87 -54.81
N CYS B 154 -1.63 30.72 -53.96
CA CYS B 154 -0.32 30.32 -54.48
C CYS B 154 0.34 29.35 -53.51
N PHE B 155 1.31 28.56 -54.03
CA PHE B 155 2.06 27.53 -53.28
C PHE B 155 1.12 26.40 -52.84
N ILE B 156 0.05 26.13 -53.61
CA ILE B 156 -0.94 25.12 -53.22
C ILE B 156 -0.47 23.71 -53.61
N THR B 157 -0.07 22.92 -52.61
CA THR B 157 0.43 21.56 -52.87
C THR B 157 -0.68 20.71 -53.50
N ASN B 158 -0.40 20.09 -54.67
CA ASN B 158 -1.35 19.28 -55.44
C ASN B 158 -2.57 20.10 -55.91
N GLY B 159 -2.45 21.43 -55.89
CA GLY B 159 -3.55 22.31 -56.27
C GLY B 159 -4.15 22.03 -57.64
N SER B 160 -3.29 21.87 -58.66
CA SER B 160 -3.78 21.64 -60.03
C SER B 160 -4.26 20.20 -60.31
N VAL B 161 -4.05 19.26 -59.37
CA VAL B 161 -4.43 17.87 -59.57
C VAL B 161 -5.48 17.37 -58.57
N ALA B 162 -5.79 18.18 -57.54
CA ALA B 162 -6.77 17.82 -56.51
C ALA B 162 -8.17 17.73 -57.07
N ASP B 163 -8.88 16.69 -56.67
CA ASP B 163 -10.27 16.49 -57.07
C ASP B 163 -11.18 17.32 -56.16
N VAL B 164 -10.74 17.52 -54.89
CA VAL B 164 -11.44 18.33 -53.89
C VAL B 164 -10.41 19.32 -53.31
N ILE B 165 -10.73 20.60 -53.34
CA ILE B 165 -9.90 21.67 -52.78
C ILE B 165 -10.69 22.39 -51.71
N VAL B 166 -10.08 22.58 -50.52
CA VAL B 166 -10.71 23.41 -49.50
C VAL B 166 -10.18 24.82 -49.72
N VAL B 167 -11.06 25.76 -50.08
CA VAL B 167 -10.68 27.13 -50.35
C VAL B 167 -11.13 28.04 -49.23
N TYR B 168 -10.20 28.87 -48.71
CA TYR B 168 -10.54 29.85 -47.69
C TYR B 168 -10.72 31.20 -48.37
N ALA B 169 -11.83 31.88 -48.04
CA ALA B 169 -12.15 33.15 -48.66
C ALA B 169 -12.95 34.01 -47.69
N TYR B 170 -12.83 35.34 -47.85
CA TYR B 170 -13.63 36.25 -47.04
C TYR B 170 -15.05 36.32 -47.52
N THR B 171 -16.00 36.07 -46.60
CA THR B 171 -17.44 36.27 -46.83
C THR B 171 -17.78 37.66 -46.27
N ASP B 172 -16.95 38.18 -45.34
CA ASP B 172 -17.13 39.53 -44.79
C ASP B 172 -15.75 40.14 -44.47
N PRO B 173 -15.15 40.91 -45.40
CA PRO B 173 -13.81 41.49 -45.17
C PRO B 173 -13.68 42.41 -43.95
N GLU B 174 -14.78 43.06 -43.56
CA GLU B 174 -14.77 43.97 -42.42
C GLU B 174 -14.67 43.26 -41.07
N LYS B 175 -14.96 41.93 -41.03
CA LYS B 175 -14.98 41.16 -39.78
C LYS B 175 -13.69 40.45 -39.43
N GLY B 176 -12.67 40.61 -40.28
CA GLY B 176 -11.34 40.03 -40.07
C GLY B 176 -11.36 38.54 -39.76
N SER B 177 -10.84 38.16 -38.58
CA SER B 177 -10.77 36.77 -38.14
C SER B 177 -12.15 36.09 -38.02
N LYS B 178 -13.23 36.89 -38.04
CA LYS B 178 -14.60 36.38 -37.98
C LYS B 178 -15.33 36.52 -39.34
N GLY B 179 -14.59 36.84 -40.39
CA GLY B 179 -15.15 37.04 -41.71
C GLY B 179 -14.73 36.08 -42.80
N ILE B 180 -13.91 35.07 -42.46
CA ILE B 180 -13.43 34.07 -43.42
C ILE B 180 -14.32 32.84 -43.36
N SER B 181 -14.58 32.24 -44.52
CA SER B 181 -15.34 31.00 -44.62
C SER B 181 -14.51 29.99 -45.43
N ALA B 182 -14.84 28.71 -45.28
CA ALA B 182 -14.15 27.61 -45.97
C ALA B 182 -15.14 26.91 -46.91
N PHE B 183 -14.69 26.56 -48.12
CA PHE B 183 -15.55 25.96 -49.14
C PHE B 183 -14.93 24.78 -49.80
N VAL B 184 -15.77 23.80 -50.14
CA VAL B 184 -15.35 22.64 -50.92
C VAL B 184 -15.46 23.08 -52.38
N VAL B 185 -14.35 22.95 -53.13
CA VAL B 185 -14.31 23.31 -54.55
C VAL B 185 -13.86 22.09 -55.31
N GLU B 186 -14.67 21.63 -56.28
CA GLU B 186 -14.33 20.44 -57.03
C GLU B 186 -13.54 20.76 -58.29
N LYS B 187 -12.67 19.81 -58.70
CA LYS B 187 -11.98 19.89 -59.99
C LYS B 187 -13.09 19.92 -61.07
N GLY B 188 -12.88 20.72 -62.11
CA GLY B 188 -13.84 20.83 -63.20
C GLY B 188 -14.91 21.90 -63.00
N THR B 189 -14.85 22.64 -61.87
CA THR B 189 -15.78 23.74 -61.63
C THR B 189 -15.46 24.90 -62.59
N PRO B 190 -16.45 25.43 -63.35
CA PRO B 190 -16.16 26.57 -64.22
C PRO B 190 -15.69 27.78 -63.40
N GLY B 191 -14.63 28.42 -63.88
CA GLY B 191 -14.05 29.55 -63.17
C GLY B 191 -12.81 29.19 -62.38
N LEU B 192 -12.54 27.89 -62.21
CA LEU B 192 -11.32 27.40 -61.53
C LEU B 192 -10.25 27.36 -62.63
N VAL B 193 -9.22 28.22 -62.49
CA VAL B 193 -8.12 28.35 -63.46
C VAL B 193 -6.77 27.98 -62.79
N TYR B 194 -5.96 27.18 -63.49
CA TYR B 194 -4.65 26.81 -62.97
C TYR B 194 -3.58 27.72 -63.55
N GLY B 195 -2.70 28.18 -62.67
CA GLY B 195 -1.57 29.00 -63.05
C GLY B 195 -0.34 28.14 -63.28
N ARG B 196 0.82 28.65 -62.88
CA ARG B 196 2.08 27.93 -63.02
C ARG B 196 2.30 26.93 -61.90
N ASN B 197 3.11 25.91 -62.19
N ASN B 197 3.11 25.90 -62.15
CA ASN B 197 3.61 24.91 -61.25
CA ASN B 197 3.51 24.93 -61.14
C ASN B 197 5.04 25.42 -61.01
C ASN B 197 4.99 25.25 -60.90
N GLU B 198 5.24 26.06 -59.86
CA GLU B 198 6.53 26.69 -59.53
C GLU B 198 7.72 25.74 -59.35
N SER B 199 8.89 26.17 -59.88
CA SER B 199 10.16 25.42 -59.83
C SER B 199 10.82 25.75 -58.50
N LYS B 200 11.03 24.71 -57.70
CA LYS B 200 11.54 24.85 -56.34
C LYS B 200 12.95 24.32 -56.16
N MET B 201 13.58 24.73 -55.04
CA MET B 201 14.92 24.27 -54.65
C MET B 201 14.92 22.77 -54.39
N GLY B 202 13.90 22.33 -53.67
CA GLY B 202 13.75 20.94 -53.25
C GLY B 202 12.31 20.51 -53.28
N MET B 203 12.04 19.33 -52.69
CA MET B 203 10.78 18.61 -52.76
C MET B 203 10.23 18.73 -54.19
N ARG B 204 11.11 18.46 -55.16
CA ARG B 204 10.80 18.61 -56.58
C ARG B 204 9.78 17.59 -57.11
N GLY B 205 9.62 16.46 -56.44
CA GLY B 205 8.67 15.42 -56.83
C GLY B 205 7.30 15.74 -56.29
N SER B 206 6.82 16.95 -56.58
CA SER B 206 5.57 17.46 -56.04
C SER B 206 4.96 18.44 -57.04
N ILE B 207 3.75 18.92 -56.75
CA ILE B 207 3.05 19.89 -57.57
C ILE B 207 2.72 21.03 -56.62
N ASN B 208 3.13 22.22 -56.99
CA ASN B 208 2.97 23.45 -56.20
C ASN B 208 2.29 24.45 -57.12
N SER B 209 1.01 24.63 -56.93
CA SER B 209 0.20 25.39 -57.87
C SER B 209 -0.27 26.76 -57.49
N GLU B 210 -0.43 27.60 -58.52
CA GLU B 210 -1.11 28.88 -58.42
C GLU B 210 -2.55 28.52 -58.82
N LEU B 211 -3.55 29.06 -58.11
CA LEU B 211 -4.96 28.86 -58.47
C LEU B 211 -5.59 30.20 -58.63
N PHE B 212 -6.49 30.32 -59.62
CA PHE B 212 -7.26 31.55 -59.86
C PHE B 212 -8.72 31.19 -59.86
N PHE B 213 -9.55 32.03 -59.25
CA PHE B 213 -11.01 31.83 -59.22
C PHE B 213 -11.59 33.04 -59.91
N GLU B 214 -12.17 32.83 -61.09
CA GLU B 214 -12.72 33.89 -61.92
C GLU B 214 -14.22 33.66 -62.05
N ASN B 215 -15.02 34.39 -61.23
CA ASN B 215 -16.47 34.25 -61.09
C ASN B 215 -16.86 32.77 -60.93
N MET B 216 -16.09 32.07 -60.08
CA MET B 216 -16.26 30.65 -59.85
C MET B 216 -17.47 30.39 -58.95
N GLU B 217 -18.51 29.76 -59.51
CA GLU B 217 -19.73 29.44 -58.76
C GLU B 217 -19.67 28.10 -58.11
N VAL B 218 -19.88 28.08 -56.78
CA VAL B 218 -19.94 26.82 -56.04
C VAL B 218 -21.30 26.69 -55.35
N PRO B 219 -21.88 25.48 -55.27
CA PRO B 219 -23.15 25.32 -54.53
C PRO B 219 -23.07 25.90 -53.12
N ALA B 220 -24.14 26.59 -52.65
CA ALA B 220 -24.16 27.16 -51.30
C ALA B 220 -23.95 26.09 -50.25
N GLU B 221 -24.38 24.83 -50.54
CA GLU B 221 -24.21 23.69 -49.64
C GLU B 221 -22.74 23.17 -49.57
N ASN B 222 -21.81 23.81 -50.31
CA ASN B 222 -20.40 23.42 -50.29
C ASN B 222 -19.61 24.15 -49.17
N ILE B 223 -20.27 25.06 -48.44
CA ILE B 223 -19.63 25.76 -47.33
C ILE B 223 -19.36 24.79 -46.17
N ILE B 224 -18.17 24.88 -45.59
CA ILE B 224 -17.75 24.05 -44.47
C ILE B 224 -18.04 24.84 -43.19
N GLY B 225 -19.03 24.37 -42.42
CA GLY B 225 -19.43 25.07 -41.21
C GLY B 225 -20.19 26.36 -41.51
N ALA B 226 -20.42 27.20 -40.49
CA ALA B 226 -21.13 28.45 -40.66
C ALA B 226 -20.23 29.53 -41.27
N GLU B 227 -20.83 30.56 -41.87
CA GLU B 227 -20.09 31.69 -42.42
C GLU B 227 -19.29 32.36 -41.28
N GLY B 228 -18.05 32.70 -41.56
CA GLY B 228 -17.20 33.36 -40.56
C GLY B 228 -16.39 32.47 -39.65
N THR B 229 -16.63 31.15 -39.70
CA THR B 229 -15.90 30.17 -38.86
C THR B 229 -14.66 29.62 -39.58
N GLY B 230 -14.39 30.07 -40.80
CA GLY B 230 -13.27 29.60 -41.61
C GLY B 230 -11.88 29.80 -41.01
N PHE B 231 -11.64 30.96 -40.35
CA PHE B 231 -10.31 31.18 -39.76
C PHE B 231 -10.01 30.19 -38.63
N ALA B 232 -11.00 29.92 -37.75
CA ALA B 232 -10.84 28.92 -36.67
C ALA B 232 -10.58 27.53 -37.27
N ASN B 233 -11.31 27.17 -38.35
CA ASN B 233 -11.16 25.90 -39.06
C ASN B 233 -9.73 25.77 -39.62
N LEU B 234 -9.24 26.85 -40.25
CA LEU B 234 -7.87 26.91 -40.79
C LEU B 234 -6.83 26.75 -39.67
N MET B 235 -6.98 27.52 -38.57
CA MET B 235 -6.05 27.47 -37.43
C MET B 235 -5.98 26.09 -36.81
N GLN B 236 -7.14 25.41 -36.67
CA GLN B 236 -7.21 24.06 -36.15
C GLN B 236 -6.45 23.11 -37.09
N THR B 237 -6.65 23.26 -38.42
CA THR B 237 -5.95 22.42 -39.41
C THR B 237 -4.44 22.61 -39.33
N LEU B 238 -3.98 23.85 -39.16
CA LEU B 238 -2.54 24.15 -39.07
C LEU B 238 -1.88 23.55 -37.82
N SER B 239 -2.60 23.50 -36.68
CA SER B 239 -2.10 22.86 -35.45
C SER B 239 -1.74 21.41 -35.71
N THR B 240 -2.58 20.71 -36.51
CA THR B 240 -2.31 19.32 -36.86
C THR B 240 -1.22 19.22 -37.92
N ASN B 241 -1.32 20.05 -38.99
N ASN B 241 -1.30 20.01 -39.02
CA ASN B 241 -0.40 20.08 -40.12
CA ASN B 241 -0.29 19.85 -40.08
C ASN B 241 1.05 20.32 -39.68
C ASN B 241 1.12 20.21 -39.62
N ARG B 242 1.26 21.07 -38.58
CA ARG B 242 2.58 21.38 -38.06
C ARG B 242 3.24 20.12 -37.49
N VAL B 243 2.42 19.20 -36.92
CA VAL B 243 2.97 17.94 -36.40
C VAL B 243 3.38 17.04 -37.57
N PHE B 244 2.64 17.10 -38.71
CA PHE B 244 2.99 16.32 -39.90
C PHE B 244 4.31 16.79 -40.48
N CYS B 245 4.50 18.12 -40.51
CA CYS B 245 5.75 18.74 -40.98
C CYS B 245 6.89 18.27 -40.08
N ALA B 246 6.66 18.35 -38.74
CA ALA B 246 7.66 17.89 -37.78
C ALA B 246 8.07 16.43 -38.07
N ALA B 247 7.07 15.54 -38.24
CA ALA B 247 7.36 14.11 -38.51
C ALA B 247 8.17 13.95 -39.79
N GLN B 248 7.78 14.65 -40.86
CA GLN B 248 8.52 14.53 -42.13
C GLN B 248 9.98 15.02 -41.91
N ALA B 249 10.16 16.11 -41.16
CA ALA B 249 11.49 16.66 -40.87
C ALA B 249 12.34 15.65 -40.06
N VAL B 250 11.73 14.97 -39.05
CA VAL B 250 12.43 13.93 -38.27
C VAL B 250 12.94 12.86 -39.25
N GLY B 251 12.06 12.45 -40.17
CA GLY B 251 12.42 11.45 -41.19
C GLY B 251 13.57 11.90 -42.08
N ILE B 252 13.49 13.12 -42.61
CA ILE B 252 14.56 13.67 -43.45
C ILE B 252 15.89 13.64 -42.71
N ALA B 253 15.88 14.14 -41.47
CA ALA B 253 17.08 14.17 -40.64
C ALA B 253 17.62 12.75 -40.42
N GLN B 254 16.75 11.79 -40.12
CA GLN B 254 17.17 10.41 -39.89
C GLN B 254 17.79 9.81 -41.17
N GLY B 255 17.17 10.05 -42.32
CA GLY B 255 17.66 9.50 -43.59
C GLY B 255 19.04 10.01 -43.92
N ALA B 256 19.27 11.31 -43.65
CA ALA B 256 20.56 11.96 -43.91
C ALA B 256 21.61 11.39 -42.92
N LEU B 257 21.24 11.29 -41.65
CA LEU B 257 22.08 10.69 -40.63
C LEU B 257 22.46 9.25 -41.00
N ASP B 258 21.49 8.43 -41.50
CA ASP B 258 21.81 7.05 -41.89
C ASP B 258 22.88 7.00 -42.97
N ILE B 259 22.79 7.88 -43.98
CA ILE B 259 23.77 7.92 -45.07
C ILE B 259 25.15 8.33 -44.52
N ALA B 260 25.16 9.37 -43.65
CA ALA B 260 26.39 9.85 -43.02
C ALA B 260 27.06 8.72 -42.22
N VAL B 261 26.29 8.02 -41.34
CA VAL B 261 26.80 6.92 -40.52
C VAL B 261 27.45 5.84 -41.40
N ARG B 262 26.75 5.40 -42.44
CA ARG B 262 27.26 4.35 -43.32
C ARG B 262 28.56 4.81 -44.01
N HIS B 263 28.60 6.06 -44.43
CA HIS B 263 29.79 6.62 -45.06
C HIS B 263 30.98 6.64 -44.11
N THR B 264 30.79 6.99 -42.82
CA THR B 264 31.92 7.00 -41.87
C THR B 264 32.52 5.61 -41.70
N GLN B 265 31.67 4.57 -41.80
CA GLN B 265 32.11 3.19 -41.66
C GLN B 265 32.87 2.68 -42.90
N ASP B 266 32.51 3.16 -44.10
CA ASP B 266 33.10 2.71 -45.36
C ASP B 266 34.26 3.57 -45.87
N ARG B 267 34.23 4.87 -45.59
CA ARG B 267 35.23 5.80 -46.08
C ARG B 267 36.51 5.75 -45.27
N VAL B 268 37.61 5.37 -45.91
CA VAL B 268 38.91 5.27 -45.29
C VAL B 268 39.76 6.49 -45.67
N GLN B 269 40.27 7.20 -44.66
CA GLN B 269 41.23 8.30 -44.79
C GLN B 269 42.13 8.19 -43.58
N PHE B 270 43.43 8.45 -43.78
CA PHE B 270 44.43 8.36 -42.70
C PHE B 270 44.56 6.91 -42.18
N GLY B 271 44.39 5.94 -43.08
CA GLY B 271 44.57 4.52 -42.85
C GLY B 271 43.48 3.74 -42.14
N LYS B 272 42.37 4.42 -41.77
CA LYS B 272 41.25 3.77 -41.07
C LYS B 272 39.94 4.38 -41.54
N PRO B 273 38.77 3.72 -41.36
CA PRO B 273 37.51 4.41 -41.66
C PRO B 273 37.45 5.73 -40.86
N ILE B 274 36.82 6.77 -41.44
CA ILE B 274 36.73 8.10 -40.80
C ILE B 274 35.90 8.05 -39.49
N ALA B 275 35.13 6.96 -39.27
CA ALA B 275 34.41 6.70 -38.02
C ALA B 275 35.36 6.69 -36.82
N HIS B 276 36.67 6.37 -37.06
CA HIS B 276 37.66 6.34 -35.98
C HIS B 276 38.13 7.72 -35.54
N LEU B 277 37.80 8.79 -36.31
CA LEU B 277 38.23 10.15 -35.98
C LEU B 277 37.26 10.76 -34.99
N ALA B 278 37.78 11.23 -33.85
CA ALA B 278 36.97 11.85 -32.80
C ALA B 278 36.06 12.99 -33.31
N PRO B 279 36.51 13.95 -34.18
CA PRO B 279 35.58 14.99 -34.63
C PRO B 279 34.38 14.46 -35.43
N VAL B 280 34.57 13.36 -36.15
CA VAL B 280 33.50 12.72 -36.92
C VAL B 280 32.50 12.08 -35.94
N GLN B 281 33.02 11.44 -34.89
CA GLN B 281 32.19 10.85 -33.83
C GLN B 281 31.34 11.96 -33.17
N PHE B 282 31.95 13.15 -32.91
CA PHE B 282 31.22 14.26 -32.27
C PHE B 282 30.11 14.79 -33.15
N MET B 283 30.38 14.91 -34.48
CA MET B 283 29.39 15.38 -35.46
C MET B 283 28.20 14.44 -35.45
N VAL B 284 28.45 13.12 -35.57
CA VAL B 284 27.42 12.09 -35.57
C VAL B 284 26.66 12.08 -34.22
N ALA B 285 27.39 12.27 -33.08
CA ALA B 285 26.74 12.33 -31.75
C ALA B 285 25.73 13.47 -31.74
N ASP B 286 26.15 14.66 -32.20
CA ASP B 286 25.28 15.84 -32.23
C ASP B 286 24.09 15.67 -33.14
N MET B 287 24.32 15.11 -34.33
CA MET B 287 23.23 14.90 -35.29
C MET B 287 22.20 13.93 -34.70
N ALA B 288 22.66 12.77 -34.20
CA ALA B 288 21.72 11.75 -33.66
C ALA B 288 20.94 12.28 -32.46
N THR B 289 21.61 13.04 -31.56
CA THR B 289 20.96 13.56 -30.37
C THR B 289 19.81 14.50 -30.77
N ALA B 290 20.06 15.36 -31.76
CA ALA B 290 19.04 16.33 -32.22
C ALA B 290 17.87 15.58 -32.91
N VAL B 291 18.17 14.52 -33.66
CA VAL B 291 17.12 13.73 -34.33
C VAL B 291 16.25 13.06 -33.25
N GLU B 292 16.89 12.45 -32.23
CA GLU B 292 16.12 11.75 -31.21
C GLU B 292 15.24 12.72 -30.43
N ALA B 293 15.78 13.90 -30.07
CA ALA B 293 15.04 14.90 -29.31
C ALA B 293 13.85 15.40 -30.14
N SER B 294 14.08 15.62 -31.45
CA SER B 294 13.00 16.07 -32.36
C SER B 294 11.94 14.97 -32.47
N ARG B 295 12.37 13.71 -32.57
CA ARG B 295 11.47 12.55 -32.66
C ARG B 295 10.58 12.46 -31.42
N LEU B 296 11.18 12.61 -30.22
CA LEU B 296 10.42 12.52 -28.98
C LEU B 296 9.40 13.66 -28.86
N LEU B 297 9.80 14.90 -29.24
CA LEU B 297 8.89 16.04 -29.19
C LEU B 297 7.72 15.81 -30.14
N THR B 298 8.02 15.33 -31.35
CA THR B 298 7.01 15.09 -32.39
C THR B 298 6.00 14.03 -31.92
N ARG B 299 6.50 12.91 -31.38
CA ARG B 299 5.62 11.82 -30.89
C ARG B 299 4.74 12.31 -29.73
N LYS B 300 5.28 13.15 -28.85
CA LYS B 300 4.50 13.70 -27.76
C LYS B 300 3.39 14.60 -28.32
N ALA B 301 3.73 15.49 -29.25
CA ALA B 301 2.77 16.40 -29.87
C ALA B 301 1.63 15.62 -30.55
N ALA B 302 2.00 14.54 -31.27
CA ALA B 302 1.04 13.70 -32.00
C ALA B 302 0.07 12.98 -31.03
N GLU B 303 0.61 12.45 -29.93
CA GLU B 303 -0.18 11.79 -28.88
C GLU B 303 -1.17 12.78 -28.25
N LEU B 304 -0.71 14.01 -27.96
CA LEU B 304 -1.56 15.06 -27.39
C LEU B 304 -2.71 15.45 -28.35
N LEU B 305 -2.43 15.50 -29.66
CA LEU B 305 -3.47 15.79 -30.66
C LEU B 305 -4.52 14.69 -30.66
N ASP B 306 -4.10 13.41 -30.65
CA ASP B 306 -5.02 12.26 -30.62
C ASP B 306 -5.87 12.26 -29.35
N ASP B 307 -5.28 12.72 -28.23
CA ASP B 307 -5.96 12.80 -26.92
C ASP B 307 -6.91 14.00 -26.82
N GLY B 308 -6.86 14.90 -27.80
CA GLY B 308 -7.65 16.14 -27.83
C GLY B 308 -7.23 17.10 -26.73
N ASP B 309 -5.96 16.99 -26.29
CA ASP B 309 -5.39 17.80 -25.22
C ASP B 309 -5.03 19.21 -25.70
N LYS B 310 -5.41 20.24 -24.92
CA LYS B 310 -5.14 21.65 -25.22
C LYS B 310 -3.64 21.95 -25.39
N LYS B 311 -2.78 21.21 -24.66
CA LYS B 311 -1.31 21.32 -24.73
C LYS B 311 -0.74 21.00 -26.11
N ALA B 312 -1.53 20.31 -26.97
CA ALA B 312 -1.09 19.94 -28.33
C ALA B 312 -0.60 21.13 -29.18
N VAL B 313 -1.19 22.32 -29.01
CA VAL B 313 -0.79 23.52 -29.77
C VAL B 313 0.66 23.91 -29.41
N LEU B 314 0.95 23.98 -28.12
CA LEU B 314 2.29 24.33 -27.65
C LEU B 314 3.30 23.28 -28.09
N TYR B 315 3.03 21.99 -27.82
CA TYR B 315 4.00 20.94 -28.13
C TYR B 315 4.17 20.70 -29.63
N GLY B 316 3.13 20.92 -30.41
CA GLY B 316 3.21 20.80 -31.86
C GLY B 316 4.06 21.92 -32.45
N SER B 317 3.93 23.12 -31.89
CA SER B 317 4.69 24.30 -32.34
C SER B 317 6.19 24.06 -32.04
N MET B 318 6.49 23.57 -30.82
CA MET B 318 7.88 23.24 -30.46
C MET B 318 8.43 22.14 -31.36
N ALA B 319 7.65 21.07 -31.59
CA ALA B 319 8.09 19.97 -32.45
C ALA B 319 8.39 20.46 -33.85
N LYS B 320 7.50 21.29 -34.45
CA LYS B 320 7.70 21.78 -35.81
C LYS B 320 9.02 22.58 -35.90
N THR B 321 9.23 23.50 -34.96
CA THR B 321 10.43 24.35 -35.00
C THR B 321 11.70 23.49 -34.84
N MET B 322 11.76 22.71 -33.77
N MET B 322 11.75 22.69 -33.76
CA MET B 322 12.97 21.92 -33.56
CA MET B 322 12.90 21.84 -33.45
C MET B 322 13.21 20.87 -34.63
C MET B 322 13.19 20.82 -34.55
N ALA B 323 12.17 20.11 -35.04
CA ALA B 323 12.37 19.06 -36.04
C ALA B 323 12.88 19.62 -37.37
N SER B 324 12.34 20.74 -37.82
CA SER B 324 12.76 21.36 -39.08
C SER B 324 14.14 22.02 -38.97
N ASP B 325 14.43 22.66 -37.83
CA ASP B 325 15.78 23.21 -37.65
C ASP B 325 16.77 22.05 -37.62
N THR B 326 16.36 20.93 -36.97
CA THR B 326 17.23 19.75 -36.90
C THR B 326 17.40 19.18 -38.30
N ALA B 327 16.33 19.05 -39.10
CA ALA B 327 16.50 18.54 -40.46
C ALA B 327 17.49 19.43 -41.23
N MET B 328 17.37 20.75 -41.12
CA MET B 328 18.29 21.66 -41.81
C MET B 328 19.75 21.48 -41.37
N ARG B 329 19.96 21.41 -40.05
CA ARG B 329 21.29 21.27 -39.48
C ARG B 329 21.92 19.92 -39.77
N VAL B 330 21.13 18.83 -39.61
CA VAL B 330 21.61 17.47 -39.82
C VAL B 330 21.89 17.23 -41.29
N THR B 331 21.02 17.69 -42.20
CA THR B 331 21.30 17.46 -43.62
C THR B 331 22.53 18.24 -44.07
N THR B 332 22.74 19.46 -43.53
CA THR B 332 23.89 20.29 -43.86
C THR B 332 25.16 19.53 -43.41
N ASP B 333 25.10 18.93 -42.21
CA ASP B 333 26.24 18.18 -41.69
C ASP B 333 26.42 16.82 -42.37
N ALA B 334 25.32 16.20 -42.89
CA ALA B 334 25.43 14.89 -43.56
C ALA B 334 26.18 15.11 -44.88
N VAL B 335 25.85 16.19 -45.60
CA VAL B 335 26.58 16.54 -46.84
C VAL B 335 28.06 16.72 -46.46
N GLN B 336 28.31 17.43 -45.34
CA GLN B 336 29.68 17.65 -44.84
C GLN B 336 30.40 16.34 -44.59
N VAL B 337 29.75 15.37 -43.90
CA VAL B 337 30.36 14.09 -43.58
C VAL B 337 30.75 13.30 -44.85
N LEU B 338 30.01 13.48 -45.96
CA LEU B 338 30.35 12.78 -47.18
C LEU B 338 31.45 13.51 -48.00
N GLY B 339 31.88 14.69 -47.53
CA GLY B 339 32.89 15.49 -48.21
C GLY B 339 32.44 15.85 -49.62
N GLY B 340 33.36 15.80 -50.58
CA GLY B 340 33.05 16.08 -51.97
C GLY B 340 31.92 15.22 -52.52
N SER B 341 31.89 13.92 -52.14
CA SER B 341 30.84 13.01 -52.61
C SER B 341 29.45 13.46 -52.13
N GLY B 342 29.39 14.13 -50.98
CA GLY B 342 28.16 14.66 -50.42
C GLY B 342 27.52 15.73 -51.28
N TYR B 343 28.33 16.46 -52.06
CA TYR B 343 27.86 17.53 -52.91
C TYR B 343 27.37 17.02 -54.27
N MET B 344 27.58 15.70 -54.56
CA MET B 344 27.20 15.11 -55.82
C MET B 344 25.75 14.62 -55.80
N LYS B 345 24.98 14.95 -56.83
CA LYS B 345 23.57 14.57 -56.92
C LYS B 345 23.33 13.06 -56.77
N GLU B 346 24.25 12.21 -57.29
CA GLU B 346 24.06 10.75 -57.19
C GLU B 346 23.99 10.19 -55.76
N ASN B 347 24.48 10.95 -54.75
CA ASN B 347 24.57 10.42 -53.39
C ASN B 347 23.42 10.82 -52.43
N GLY B 348 22.37 11.46 -52.97
CA GLY B 348 21.13 11.73 -52.24
C GLY B 348 21.10 12.74 -51.12
N VAL B 349 22.14 12.81 -50.26
CA VAL B 349 22.13 13.74 -49.14
C VAL B 349 21.99 15.20 -49.58
N GLU B 350 22.52 15.58 -50.77
CA GLU B 350 22.35 16.98 -51.20
C GLU B 350 20.86 17.29 -51.44
N ARG B 351 20.11 16.31 -52.03
CA ARG B 351 18.67 16.47 -52.22
C ARG B 351 18.01 16.60 -50.83
N MET B 352 18.42 15.75 -49.86
CA MET B 352 17.82 15.81 -48.51
C MET B 352 18.01 17.17 -47.89
N MET B 353 19.17 17.79 -48.17
CA MET B 353 19.47 19.14 -47.68
C MET B 353 18.55 20.19 -48.32
N ARG B 354 18.33 20.06 -49.64
CA ARG B 354 17.43 20.95 -50.37
C ARG B 354 15.99 20.80 -49.86
N ASP B 355 15.56 19.54 -49.65
CA ASP B 355 14.23 19.21 -49.15
C ASP B 355 14.03 19.76 -47.75
N ALA B 356 15.05 19.59 -46.86
CA ALA B 356 14.98 20.02 -45.47
C ALA B 356 14.64 21.51 -45.31
N LYS B 357 15.22 22.37 -46.16
CA LYS B 357 14.98 23.82 -46.10
C LYS B 357 13.48 24.18 -46.14
N LEU B 358 12.69 23.43 -46.94
CA LEU B 358 11.26 23.74 -47.00
C LEU B 358 10.55 23.52 -45.68
N THR B 359 11.02 22.56 -44.88
CA THR B 359 10.33 22.25 -43.62
C THR B 359 10.38 23.40 -42.65
N GLN B 360 11.35 24.32 -42.82
CA GLN B 360 11.47 25.49 -41.94
C GLN B 360 10.51 26.60 -42.37
N ILE B 361 9.96 26.49 -43.58
CA ILE B 361 9.11 27.50 -44.19
C ILE B 361 7.64 27.15 -44.25
N TYR B 362 7.27 25.99 -44.81
CA TYR B 362 5.85 25.71 -44.97
C TYR B 362 5.22 25.17 -43.66
N THR B 363 3.86 25.15 -43.64
CA THR B 363 3.02 24.90 -42.46
C THR B 363 3.23 26.05 -41.47
N GLY B 364 3.74 27.17 -41.97
CA GLY B 364 4.04 28.34 -41.16
C GLY B 364 5.53 28.39 -40.93
N THR B 365 6.15 29.56 -41.09
CA THR B 365 7.60 29.61 -40.92
C THR B 365 7.99 29.35 -39.47
N ASN B 366 9.27 29.03 -39.25
CA ASN B 366 9.79 28.85 -37.88
C ASN B 366 9.78 30.13 -37.06
N GLN B 367 9.60 31.28 -37.70
CA GLN B 367 9.46 32.56 -36.97
C GLN B 367 8.04 32.59 -36.41
N ILE B 368 7.05 32.26 -37.26
CA ILE B 368 5.66 32.21 -36.80
C ILE B 368 5.47 31.14 -35.73
N THR B 369 6.11 29.95 -35.90
CA THR B 369 5.93 28.88 -34.89
C THR B 369 6.59 29.29 -33.58
N ARG B 370 7.73 30.01 -33.61
CA ARG B 370 8.37 30.49 -32.37
C ARG B 370 7.43 31.49 -31.69
N MET B 371 6.75 32.34 -32.47
CA MET B 371 5.77 33.31 -31.93
C MET B 371 4.59 32.55 -31.27
N VAL B 372 4.04 31.53 -31.95
CA VAL B 372 2.96 30.72 -31.40
C VAL B 372 3.42 30.06 -30.07
N THR B 373 4.62 29.46 -30.04
CA THR B 373 5.19 28.85 -28.84
C THR B 373 5.32 29.89 -27.70
N GLY B 374 5.99 30.99 -27.98
CA GLY B 374 6.22 32.06 -27.00
C GLY B 374 4.94 32.63 -26.43
N ARG B 375 3.93 32.88 -27.28
CA ARG B 375 2.63 33.40 -26.85
C ARG B 375 1.93 32.37 -25.92
N ALA B 376 1.98 31.07 -26.28
CA ALA B 376 1.36 30.00 -25.48
C ALA B 376 2.04 29.89 -24.10
N LEU B 377 3.35 30.08 -24.06
CA LEU B 377 4.09 30.01 -22.79
C LEU B 377 3.89 31.24 -21.92
N LEU B 378 3.86 32.43 -22.51
CA LEU B 378 3.81 33.68 -21.73
C LEU B 378 2.41 34.19 -21.45
N PHE B 379 1.44 33.75 -22.25
CA PHE B 379 0.02 34.16 -22.08
C PHE B 379 -0.83 32.88 -22.04
N PRO B 380 -0.63 31.98 -21.04
CA PRO B 380 -1.42 30.73 -21.03
C PRO B 380 -2.91 30.96 -20.72
N HIS C 3 -10.46 -24.84 42.87
CA HIS C 3 -11.44 -25.88 42.43
C HIS C 3 -11.47 -25.88 40.91
N LEU C 4 -11.93 -26.97 40.31
N LEU C 4 -11.88 -26.91 40.32
CA LEU C 4 -12.01 -27.05 38.82
CA LEU C 4 -11.93 -26.98 38.85
C LEU C 4 -13.27 -26.32 38.32
C LEU C 4 -13.22 -26.34 38.34
N THR C 5 -13.13 -25.61 37.21
CA THR C 5 -14.28 -24.94 36.57
C THR C 5 -15.17 -25.99 35.92
N GLU C 6 -16.45 -25.65 35.69
CA GLU C 6 -17.41 -26.57 35.05
C GLU C 6 -16.95 -26.96 33.63
N GLU C 7 -16.26 -26.04 32.93
CA GLU C 7 -15.70 -26.27 31.60
C GLU C 7 -14.53 -27.25 31.67
N GLN C 8 -13.71 -27.20 32.77
CA GLN C 8 -12.58 -28.12 33.00
C GLN C 8 -13.11 -29.54 33.27
N LYS C 9 -14.14 -29.68 34.11
CA LYS C 9 -14.71 -31.03 34.43
C LYS C 9 -15.36 -31.62 33.18
N LEU C 10 -16.08 -30.79 32.41
CA LEU C 10 -16.70 -31.27 31.15
C LEU C 10 -15.60 -31.83 30.23
N THR C 11 -14.53 -31.05 30.02
CA THR C 11 -13.39 -31.40 29.18
C THR C 11 -12.76 -32.72 29.66
N LEU C 12 -12.56 -32.84 30.98
CA LEU C 12 -11.95 -34.04 31.56
C LEU C 12 -12.81 -35.30 31.50
N ASP C 13 -14.14 -35.15 31.64
CA ASP C 13 -15.06 -36.26 31.52
C ASP C 13 -15.01 -36.76 30.08
N MET C 14 -14.96 -35.82 29.11
CA MET C 14 -14.85 -36.12 27.68
C MET C 14 -13.53 -36.85 27.39
N VAL C 15 -12.41 -36.34 27.92
CA VAL C 15 -11.08 -36.95 27.73
C VAL C 15 -11.04 -38.39 28.28
N ARG C 16 -11.56 -38.60 29.50
CA ARG C 16 -11.63 -39.92 30.14
C ARG C 16 -12.43 -40.90 29.26
N ASP C 17 -13.56 -40.45 28.70
CA ASP C 17 -14.41 -41.23 27.81
C ASP C 17 -13.66 -41.61 26.53
N VAL C 18 -13.01 -40.63 25.88
CA VAL C 18 -12.24 -40.81 24.64
C VAL C 18 -11.03 -41.74 24.90
N ALA C 19 -10.33 -41.56 26.03
CA ALA C 19 -9.17 -42.38 26.39
C ALA C 19 -9.58 -43.86 26.50
N THR C 20 -10.67 -44.12 27.22
CA THR C 20 -11.19 -45.48 27.43
C THR C 20 -11.72 -46.11 26.14
N ARG C 21 -12.65 -45.43 25.45
CA ARG C 21 -13.35 -45.95 24.29
C ARG C 21 -12.59 -45.97 22.99
N GLU C 22 -11.78 -44.94 22.73
CA GLU C 22 -11.08 -44.77 21.46
C GLU C 22 -9.59 -44.92 21.50
N ILE C 23 -8.91 -44.34 22.50
CA ILE C 23 -7.45 -44.36 22.53
C ILE C 23 -6.88 -45.70 23.02
N ALA C 24 -7.39 -46.22 24.16
CA ALA C 24 -6.90 -47.47 24.72
C ALA C 24 -6.97 -48.66 23.74
N PRO C 25 -8.09 -48.90 22.99
CA PRO C 25 -8.11 -50.05 22.06
C PRO C 25 -7.11 -49.96 20.91
N ARG C 26 -6.60 -48.75 20.62
CA ARG C 26 -5.64 -48.50 19.53
C ARG C 26 -4.17 -48.59 19.94
N ALA C 27 -3.89 -48.57 21.26
CA ALA C 27 -2.53 -48.49 21.79
C ALA C 27 -1.61 -49.63 21.39
N LEU C 28 -2.09 -50.88 21.42
N LEU C 28 -2.10 -50.88 21.41
CA LEU C 28 -1.28 -52.04 21.04
CA LEU C 28 -1.32 -52.07 21.05
C LEU C 28 -0.80 -51.87 19.60
C LEU C 28 -0.83 -51.97 19.60
N GLU C 29 -1.73 -51.66 18.67
CA GLU C 29 -1.40 -51.54 17.26
C GLU C 29 -0.49 -50.33 17.00
N LEU C 30 -0.76 -49.21 17.70
CA LEU C 30 0.04 -48.00 17.54
C LEU C 30 1.53 -48.28 17.80
N ASP C 31 1.80 -49.04 18.86
CA ASP C 31 3.17 -49.42 19.21
C ASP C 31 3.66 -50.50 18.26
N GLU C 32 2.86 -51.56 18.01
CA GLU C 32 3.32 -52.68 17.20
C GLU C 32 3.78 -52.27 15.80
N LYS C 33 2.99 -51.38 15.18
CA LYS C 33 3.22 -50.95 13.81
C LYS C 33 3.88 -49.55 13.73
N SER C 34 4.29 -48.96 14.90
CA SER C 34 4.96 -47.64 14.97
C SER C 34 4.23 -46.59 14.15
N LEU C 35 2.95 -46.41 14.45
CA LEU C 35 2.09 -45.51 13.70
C LEU C 35 1.98 -44.14 14.34
N PHE C 36 1.86 -43.11 13.49
CA PHE C 36 1.54 -41.78 13.95
C PHE C 36 0.05 -41.86 14.36
N PRO C 37 -0.34 -41.30 15.52
CA PRO C 37 -1.74 -41.41 15.95
C PRO C 37 -2.66 -40.43 15.21
N GLU C 38 -2.81 -40.68 13.91
CA GLU C 38 -3.60 -39.87 13.02
C GLU C 38 -5.06 -39.82 13.43
N TYR C 39 -5.65 -40.97 13.79
CA TYR C 39 -7.06 -41.02 14.22
C TYR C 39 -7.21 -40.08 15.43
N ALA C 40 -6.33 -40.23 16.44
CA ALA C 40 -6.36 -39.42 17.66
C ALA C 40 -6.19 -37.94 17.33
N ARG C 41 -5.23 -37.61 16.44
CA ARG C 41 -4.98 -36.21 16.09
C ARG C 41 -6.25 -35.60 15.50
N ASP C 42 -6.86 -36.27 14.51
CA ASP C 42 -8.09 -35.77 13.88
C ASP C 42 -9.27 -35.68 14.86
N LEU C 43 -9.42 -36.68 15.75
CA LEU C 43 -10.47 -36.69 16.76
C LEU C 43 -10.28 -35.53 17.74
N PHE C 44 -9.05 -35.35 18.26
CA PHE C 44 -8.74 -34.27 19.18
C PHE C 44 -9.03 -32.91 18.58
N ALA C 45 -8.69 -32.70 17.28
CA ALA C 45 -8.96 -31.45 16.57
C ALA C 45 -10.46 -31.14 16.57
N LYS C 46 -11.30 -32.17 16.29
CA LYS C 46 -12.76 -32.05 16.25
C LYS C 46 -13.36 -31.76 17.63
N LEU C 47 -12.75 -32.33 18.70
CA LEU C 47 -13.23 -32.14 20.07
C LEU C 47 -12.60 -30.93 20.77
N GLY C 48 -11.72 -30.21 20.08
CA GLY C 48 -11.02 -29.05 20.63
C GLY C 48 -10.00 -29.38 21.70
N LEU C 49 -9.35 -30.55 21.58
CA LEU C 49 -8.35 -31.08 22.52
C LEU C 49 -6.91 -31.03 21.98
N LEU C 50 -6.74 -30.77 20.67
CA LEU C 50 -5.40 -30.77 20.06
C LEU C 50 -4.53 -29.59 20.51
N ASN C 51 -5.13 -28.39 20.63
CA ASN C 51 -4.41 -27.15 21.00
C ASN C 51 -4.98 -26.50 22.28
N PRO C 52 -4.92 -27.16 23.46
CA PRO C 52 -5.54 -26.58 24.66
C PRO C 52 -4.98 -25.25 25.14
N LEU C 53 -3.69 -24.95 24.84
CA LEU C 53 -3.08 -23.69 25.31
C LEU C 53 -3.11 -22.58 24.26
N LEU C 54 -3.73 -22.83 23.09
CA LEU C 54 -3.84 -21.79 22.09
C LEU C 54 -4.70 -20.63 22.65
N PRO C 55 -4.20 -19.37 22.69
CA PRO C 55 -5.00 -18.28 23.30
C PRO C 55 -6.32 -18.02 22.59
N ALA C 56 -7.34 -17.56 23.35
CA ALA C 56 -8.67 -17.22 22.83
C ALA C 56 -8.60 -16.18 21.69
N ALA C 57 -7.60 -15.28 21.77
CA ALA C 57 -7.33 -14.23 20.78
C ALA C 57 -7.04 -14.79 19.38
N TYR C 58 -6.52 -16.04 19.29
CA TYR C 58 -6.18 -16.71 18.02
C TYR C 58 -7.10 -17.89 17.71
N GLY C 59 -8.30 -17.87 18.29
CA GLY C 59 -9.31 -18.90 18.10
C GLY C 59 -9.11 -20.17 18.89
N GLY C 60 -8.41 -20.05 20.02
CA GLY C 60 -8.11 -21.19 20.88
C GLY C 60 -8.95 -21.27 22.14
N THR C 61 -8.83 -22.39 22.85
CA THR C 61 -9.58 -22.68 24.08
C THR C 61 -8.92 -22.08 25.33
N GLU C 62 -7.58 -21.79 25.28
CA GLU C 62 -6.78 -21.20 26.37
C GLU C 62 -7.19 -21.82 27.73
N MET C 63 -7.03 -23.16 27.85
N MET C 63 -7.02 -23.15 27.83
CA MET C 63 -7.46 -23.89 29.04
CA MET C 63 -7.39 -23.98 28.99
C MET C 63 -6.44 -23.94 30.20
C MET C 63 -6.45 -23.87 30.19
N GLY C 64 -5.19 -23.53 29.94
CA GLY C 64 -4.19 -23.48 31.01
C GLY C 64 -3.47 -24.79 31.27
N VAL C 65 -2.36 -24.70 32.01
CA VAL C 65 -1.44 -25.81 32.31
C VAL C 65 -2.10 -26.92 33.14
N LEU C 66 -2.85 -26.56 34.21
CA LEU C 66 -3.51 -27.59 35.03
C LEU C 66 -4.44 -28.46 34.18
N THR C 67 -5.29 -27.84 33.34
CA THR C 67 -6.19 -28.60 32.47
C THR C 67 -5.39 -29.56 31.59
N LEU C 68 -4.33 -29.07 30.92
CA LEU C 68 -3.54 -29.94 30.05
C LEU C 68 -2.84 -31.04 30.86
N ALA C 69 -2.38 -30.72 32.09
CA ALA C 69 -1.75 -31.75 32.92
C ALA C 69 -2.77 -32.87 33.23
N LEU C 70 -4.02 -32.50 33.51
CA LEU C 70 -5.06 -33.49 33.81
C LEU C 70 -5.41 -34.32 32.57
N ILE C 71 -5.41 -33.70 31.39
CA ILE C 71 -5.64 -34.37 30.11
C ILE C 71 -4.50 -35.39 29.85
N LEU C 72 -3.25 -34.95 30.06
CA LEU C 72 -2.06 -35.78 29.83
C LEU C 72 -2.03 -36.99 30.74
N GLU C 73 -2.46 -36.82 31.99
N GLU C 73 -2.48 -36.82 32.00
CA GLU C 73 -2.50 -37.97 32.89
CA GLU C 73 -2.56 -37.91 32.99
C GLU C 73 -3.52 -38.97 32.32
C GLU C 73 -3.61 -38.93 32.51
N GLU C 74 -4.70 -38.47 31.88
CA GLU C 74 -5.75 -39.36 31.36
C GLU C 74 -5.28 -40.12 30.13
N LEU C 75 -4.59 -39.44 29.21
CA LEU C 75 -4.07 -40.10 28.00
C LEU C 75 -2.90 -41.00 28.30
N GLY C 76 -2.00 -40.57 29.21
CA GLY C 76 -0.82 -41.35 29.59
C GLY C 76 -1.19 -42.71 30.18
N ARG C 77 -2.37 -42.77 30.83
CA ARG C 77 -2.93 -43.99 31.42
C ARG C 77 -3.15 -45.09 30.36
N VAL C 78 -3.46 -44.69 29.13
CA VAL C 78 -3.81 -45.66 28.07
C VAL C 78 -2.85 -45.70 26.88
N CYS C 79 -2.16 -44.60 26.58
CA CYS C 79 -1.28 -44.55 25.41
C CYS C 79 -0.32 -43.38 25.57
N ALA C 80 0.91 -43.68 26.00
CA ALA C 80 1.93 -42.63 26.21
C ALA C 80 2.21 -41.88 24.94
N SER C 81 2.20 -42.59 23.78
CA SER C 81 2.49 -41.97 22.49
C SER C 81 1.42 -40.94 22.13
N THR C 82 0.14 -41.22 22.43
CA THR C 82 -0.95 -40.27 22.17
C THR C 82 -0.81 -39.05 23.09
N ALA C 83 -0.39 -39.28 24.35
CA ALA C 83 -0.14 -38.14 25.24
C ALA C 83 1.02 -37.29 24.65
N LEU C 84 2.08 -37.96 24.13
CA LEU C 84 3.23 -37.27 23.49
C LEU C 84 2.80 -36.37 22.35
N LEU C 85 1.81 -36.80 21.54
CA LEU C 85 1.32 -35.94 20.45
C LEU C 85 0.88 -34.57 21.06
N LEU C 86 0.12 -34.59 22.16
CA LEU C 86 -0.34 -33.34 22.77
C LEU C 86 0.81 -32.55 23.39
N ILE C 87 1.80 -33.23 24.00
CA ILE C 87 2.97 -32.55 24.55
C ILE C 87 3.71 -31.81 23.44
N ALA C 88 4.05 -32.52 22.34
CA ALA C 88 4.80 -31.95 21.22
C ALA C 88 4.04 -30.78 20.60
N GLN C 89 2.72 -30.95 20.45
CA GLN C 89 1.83 -29.94 19.83
C GLN C 89 1.82 -28.63 20.62
N THR C 90 1.59 -28.72 21.93
CA THR C 90 1.60 -27.52 22.79
C THR C 90 3.01 -26.91 22.88
N ASP C 91 4.02 -27.78 23.11
CA ASP C 91 5.42 -27.35 23.21
C ASP C 91 5.90 -26.59 21.98
N GLY C 92 5.47 -27.01 20.78
CA GLY C 92 5.85 -26.38 19.53
C GLY C 92 5.30 -24.98 19.31
N MET C 93 4.18 -24.63 19.97
CA MET C 93 3.57 -23.29 19.85
C MET C 93 3.87 -22.37 21.05
N LEU C 94 4.26 -22.93 22.21
CA LEU C 94 4.59 -22.11 23.39
C LEU C 94 5.64 -20.98 23.09
N PRO C 95 6.75 -21.23 22.32
CA PRO C 95 7.71 -20.14 22.04
C PRO C 95 7.09 -18.94 21.31
N ILE C 96 6.12 -19.19 20.43
CA ILE C 96 5.40 -18.18 19.64
C ILE C 96 4.43 -17.41 20.54
N ILE C 97 3.62 -18.14 21.35
CA ILE C 97 2.65 -17.55 22.29
C ILE C 97 3.40 -16.65 23.27
N HIS C 98 4.52 -17.13 23.81
CA HIS C 98 5.35 -16.44 24.80
C HIS C 98 6.67 -15.95 24.21
N GLY C 99 6.59 -14.94 23.35
CA GLY C 99 7.79 -14.35 22.74
C GLY C 99 7.56 -13.66 21.41
N GLY C 100 6.59 -14.15 20.65
CA GLY C 100 6.25 -13.58 19.35
C GLY C 100 5.65 -12.20 19.45
N SER C 101 5.88 -11.37 18.42
CA SER C 101 5.28 -10.03 18.32
C SER C 101 3.79 -10.21 18.02
N PRO C 102 2.90 -9.19 18.24
CA PRO C 102 1.48 -9.38 17.87
C PRO C 102 1.30 -9.79 16.40
N GLU C 103 2.16 -9.26 15.50
CA GLU C 103 2.15 -9.53 14.05
C GLU C 103 2.51 -10.99 13.75
N LEU C 104 3.60 -11.50 14.35
CA LEU C 104 4.03 -12.89 14.17
C LEU C 104 2.97 -13.85 14.72
N LYS C 105 2.41 -13.52 15.91
CA LYS C 105 1.38 -14.36 16.55
C LYS C 105 0.13 -14.46 15.68
N GLU C 106 -0.34 -13.34 15.12
CA GLU C 106 -1.50 -13.38 14.24
C GLU C 106 -1.20 -14.20 12.96
N ARG C 107 -0.02 -13.99 12.38
CA ARG C 107 0.44 -14.67 11.16
C ARG C 107 0.53 -16.19 11.29
N TYR C 108 0.99 -16.69 12.44
CA TYR C 108 1.21 -18.12 12.60
C TYR C 108 0.27 -18.85 13.55
N LEU C 109 -0.31 -18.17 14.56
CA LEU C 109 -1.19 -18.89 15.49
C LEU C 109 -2.61 -19.06 14.95
N ARG C 110 -3.07 -18.13 14.09
CA ARG C 110 -4.41 -18.16 13.51
C ARG C 110 -4.74 -19.49 12.82
N ARG C 111 -3.75 -20.10 12.14
CA ARG C 111 -3.94 -21.35 11.40
C ARG C 111 -4.21 -22.55 12.31
N PHE C 112 -3.99 -22.41 13.62
CA PHE C 112 -4.25 -23.46 14.62
C PHE C 112 -5.61 -23.30 15.29
N ALA C 113 -6.39 -22.27 14.89
CA ALA C 113 -7.72 -22.00 15.45
C ALA C 113 -8.70 -23.15 15.26
N GLY C 114 -9.68 -23.24 16.16
CA GLY C 114 -10.76 -24.21 16.08
C GLY C 114 -10.35 -25.66 15.86
N GLU C 115 -10.89 -26.27 14.79
CA GLU C 115 -10.67 -27.68 14.46
C GLU C 115 -9.46 -27.95 13.55
N SER C 116 -8.51 -26.99 13.46
CA SER C 116 -7.31 -27.18 12.63
C SER C 116 -6.53 -28.44 13.02
N THR C 117 -5.97 -29.14 12.03
CA THR C 117 -5.20 -30.36 12.28
C THR C 117 -3.70 -30.15 12.05
N LEU C 118 -3.27 -28.90 11.81
CA LEU C 118 -1.88 -28.55 11.56
C LEU C 118 -1.03 -28.87 12.79
N LEU C 119 0.22 -29.27 12.55
CA LEU C 119 1.12 -29.68 13.61
C LEU C 119 2.28 -28.75 13.84
N THR C 120 2.78 -28.72 15.08
CA THR C 120 3.94 -27.94 15.46
C THR C 120 5.08 -28.86 15.91
N ALA C 121 6.28 -28.28 16.06
CA ALA C 121 7.45 -28.96 16.61
C ALA C 121 8.40 -27.95 17.16
N LEU C 122 9.22 -28.38 18.12
CA LEU C 122 10.25 -27.55 18.71
C LEU C 122 11.59 -28.20 18.41
N ALA C 123 12.50 -27.47 17.74
CA ALA C 123 13.80 -28.01 17.36
C ALA C 123 14.94 -27.27 18.02
N ALA C 124 15.43 -27.82 19.16
CA ALA C 124 16.54 -27.22 19.90
C ALA C 124 17.72 -28.17 19.94
N THR C 125 17.46 -29.45 20.32
CA THR C 125 18.50 -30.47 20.51
C THR C 125 19.26 -30.78 19.23
N GLU C 126 20.57 -31.03 19.36
CA GLU C 126 21.43 -31.41 18.26
C GLU C 126 22.35 -32.52 18.78
N PRO C 127 23.03 -33.25 17.87
CA PRO C 127 24.01 -34.26 18.32
C PRO C 127 25.05 -33.68 19.28
N ALA C 128 25.53 -32.44 19.05
CA ALA C 128 26.50 -31.80 19.94
C ALA C 128 25.87 -31.07 21.13
N ALA C 129 24.53 -30.97 21.18
CA ALA C 129 23.85 -30.21 22.22
C ALA C 129 22.57 -30.86 22.73
N GLY C 130 22.69 -31.64 23.80
CA GLY C 130 21.56 -32.28 24.45
C GLY C 130 21.30 -31.60 25.78
N SER C 131 22.00 -32.07 26.82
CA SER C 131 21.88 -31.41 28.12
C SER C 131 22.52 -30.02 28.03
N ASP C 132 23.63 -29.91 27.29
CA ASP C 132 24.33 -28.64 27.11
C ASP C 132 23.74 -27.96 25.88
N LEU C 133 22.57 -27.32 26.05
CA LEU C 133 21.91 -26.63 24.93
C LEU C 133 22.72 -25.46 24.37
N LEU C 134 23.56 -24.82 25.21
CA LEU C 134 24.41 -23.72 24.79
C LEU C 134 25.47 -24.16 23.78
N ALA C 135 25.71 -25.48 23.66
CA ALA C 135 26.69 -25.98 22.71
C ALA C 135 26.08 -26.15 21.29
N MET C 136 24.80 -25.76 21.08
CA MET C 136 24.17 -25.95 19.76
C MET C 136 24.99 -25.24 18.68
N LYS C 137 25.13 -25.91 17.52
CA LYS C 137 25.95 -25.39 16.40
C LYS C 137 25.17 -24.73 15.27
N THR C 138 23.82 -24.94 15.19
CA THR C 138 22.99 -24.33 14.14
C THR C 138 23.18 -22.81 14.18
N ARG C 139 23.42 -22.23 13.00
CA ARG C 139 23.65 -20.80 12.83
C ARG C 139 22.60 -20.17 11.96
N ALA C 140 22.23 -18.91 12.28
CA ALA C 140 21.31 -18.10 11.51
C ALA C 140 22.03 -16.80 11.19
N VAL C 141 22.24 -16.54 9.89
CA VAL C 141 22.97 -15.36 9.42
C VAL C 141 22.00 -14.46 8.64
N ARG C 142 21.82 -13.21 9.09
CA ARG C 142 20.96 -12.26 8.39
C ARG C 142 21.59 -11.92 7.04
N GLN C 143 20.79 -12.06 5.95
CA GLN C 143 21.22 -11.78 4.58
C GLN C 143 20.02 -11.20 3.85
N GLY C 144 19.97 -9.88 3.78
CA GLY C 144 18.87 -9.17 3.14
C GLY C 144 17.58 -9.35 3.92
N ASP C 145 16.51 -9.78 3.24
CA ASP C 145 15.21 -9.99 3.88
C ASP C 145 15.02 -11.40 4.46
N LYS C 146 16.14 -12.15 4.61
CA LYS C 146 16.12 -13.51 5.10
C LYS C 146 17.20 -13.76 6.15
N TYR C 147 17.04 -14.87 6.87
CA TYR C 147 18.07 -15.44 7.72
C TYR C 147 18.44 -16.71 7.00
N VAL C 148 19.75 -16.94 6.76
CA VAL C 148 20.22 -18.16 6.15
C VAL C 148 20.64 -19.07 7.29
N ILE C 149 19.91 -20.19 7.45
CA ILE C 149 20.12 -21.14 8.54
C ILE C 149 20.86 -22.38 8.04
N ASN C 150 21.94 -22.71 8.76
CA ASN C 150 22.76 -23.88 8.50
C ASN C 150 22.96 -24.64 9.80
N GLY C 151 22.70 -25.93 9.76
CA GLY C 151 22.88 -26.79 10.92
C GLY C 151 22.07 -28.06 10.87
N GLN C 152 21.83 -28.61 12.06
CA GLN C 152 21.09 -29.85 12.18
C GLN C 152 20.44 -29.93 13.55
N LYS C 153 19.41 -30.75 13.66
CA LYS C 153 18.70 -31.01 14.92
C LYS C 153 18.39 -32.50 14.97
N CYS C 154 18.29 -33.06 16.17
CA CYS C 154 17.93 -34.46 16.28
C CYS C 154 16.95 -34.67 17.44
N PHE C 155 16.24 -35.81 17.41
CA PHE C 155 15.22 -36.22 18.38
C PHE C 155 14.03 -35.26 18.37
N ILE C 156 13.75 -34.64 17.20
CA ILE C 156 12.67 -33.66 17.12
C ILE C 156 11.31 -34.33 16.95
N THR C 157 10.49 -34.29 18.02
CA THR C 157 9.18 -34.94 18.00
C THR C 157 8.28 -34.28 16.95
N ASN C 158 7.74 -35.08 16.02
CA ASN C 158 6.89 -34.60 14.91
C ASN C 158 7.64 -33.65 13.95
N GLY C 159 8.97 -33.67 14.02
CA GLY C 159 9.83 -32.82 13.21
C GLY C 159 9.55 -32.88 11.71
N SER C 160 9.47 -34.10 11.17
CA SER C 160 9.25 -34.27 9.72
C SER C 160 7.80 -34.04 9.24
N VAL C 161 6.85 -33.88 10.18
CA VAL C 161 5.43 -33.72 9.82
C VAL C 161 4.86 -32.36 10.27
N ALA C 162 5.62 -31.59 11.07
CA ALA C 162 5.19 -30.29 11.57
C ALA C 162 5.03 -29.29 10.44
N ASP C 163 3.95 -28.53 10.49
CA ASP C 163 3.69 -27.47 9.53
C ASP C 163 4.47 -26.23 9.95
N VAL C 164 4.64 -26.04 11.28
CA VAL C 164 5.38 -24.94 11.87
C VAL C 164 6.40 -25.55 12.84
N ILE C 165 7.69 -25.23 12.67
CA ILE C 165 8.79 -25.67 13.54
C ILE C 165 9.42 -24.45 14.17
N VAL C 166 9.63 -24.47 15.49
CA VAL C 166 10.38 -23.38 16.14
C VAL C 166 11.82 -23.89 16.17
N VAL C 167 12.72 -23.18 15.49
CA VAL C 167 14.12 -23.57 15.40
C VAL C 167 14.97 -22.61 16.20
N TYR C 168 15.83 -23.15 17.08
CA TYR C 168 16.77 -22.34 17.84
C TYR C 168 18.12 -22.38 17.16
N ALA C 169 18.75 -21.22 16.99
CA ALA C 169 20.04 -21.12 16.30
C ALA C 169 20.82 -19.92 16.82
N TYR C 170 22.15 -19.99 16.76
CA TYR C 170 22.99 -18.86 17.13
C TYR C 170 22.99 -17.80 16.05
N THR C 171 22.64 -16.56 16.43
CA THR C 171 22.74 -15.37 15.56
C THR C 171 24.09 -14.70 15.91
N ASP C 172 24.60 -14.97 17.13
CA ASP C 172 25.89 -14.42 17.55
C ASP C 172 26.59 -15.42 18.48
N PRO C 173 27.44 -16.31 17.94
CA PRO C 173 28.12 -17.31 18.81
C PRO C 173 28.99 -16.76 19.92
N GLU C 174 29.53 -15.55 19.74
CA GLU C 174 30.39 -14.88 20.72
C GLU C 174 29.62 -14.38 21.95
N LYS C 175 28.28 -14.27 21.88
CA LYS C 175 27.45 -13.79 22.98
C LYS C 175 26.87 -14.90 23.90
N GLY C 176 27.17 -16.16 23.59
CA GLY C 176 26.72 -17.33 24.38
C GLY C 176 25.23 -17.38 24.62
N SER C 177 24.82 -17.37 25.92
CA SER C 177 23.40 -17.42 26.33
C SER C 177 22.60 -16.20 25.82
N LYS C 178 23.30 -15.15 25.32
CA LYS C 178 22.66 -13.95 24.78
C LYS C 178 22.79 -13.88 23.25
N GLY C 179 23.23 -14.98 22.63
CA GLY C 179 23.45 -15.03 21.18
C GLY C 179 22.56 -15.99 20.40
N ILE C 180 21.58 -16.63 21.06
CA ILE C 180 20.67 -17.57 20.40
C ILE C 180 19.38 -16.83 20.03
N SER C 181 18.81 -17.18 18.90
CA SER C 181 17.54 -16.63 18.45
C SER C 181 16.60 -17.78 18.08
N ALA C 182 15.30 -17.52 18.07
CA ALA C 182 14.27 -18.50 17.75
C ALA C 182 13.55 -18.05 16.47
N PHE C 183 13.26 -19.01 15.59
CA PHE C 183 12.65 -18.73 14.30
C PHE C 183 11.51 -19.66 13.99
N VAL C 184 10.47 -19.12 13.34
CA VAL C 184 9.36 -19.92 12.83
C VAL C 184 9.84 -20.43 11.47
N VAL C 185 9.82 -21.75 11.28
CA VAL C 185 10.23 -22.40 10.03
C VAL C 185 9.05 -23.19 9.55
N GLU C 186 8.59 -22.89 8.32
CA GLU C 186 7.44 -23.60 7.79
C GLU C 186 7.84 -24.85 7.01
N LYS C 187 6.94 -25.84 7.00
CA LYS C 187 7.11 -27.03 6.19
C LYS C 187 7.16 -26.52 4.72
N GLY C 188 8.03 -27.13 3.91
CA GLY C 188 8.16 -26.75 2.50
C GLY C 188 9.17 -25.67 2.22
N THR C 189 9.86 -25.15 3.27
CA THR C 189 10.91 -24.14 3.11
C THR C 189 12.13 -24.79 2.39
N PRO C 190 12.62 -24.21 1.26
CA PRO C 190 13.79 -24.80 0.59
C PRO C 190 15.00 -24.82 1.53
N GLY C 191 15.72 -25.94 1.54
CA GLY C 191 16.86 -26.10 2.45
C GLY C 191 16.55 -26.87 3.71
N LEU C 192 15.25 -27.08 3.99
CA LEU C 192 14.79 -27.91 5.13
C LEU C 192 14.82 -29.35 4.61
N VAL C 193 15.73 -30.16 5.16
CA VAL C 193 15.93 -31.57 4.78
C VAL C 193 15.60 -32.49 5.96
N TYR C 194 14.81 -33.53 5.70
CA TYR C 194 14.47 -34.50 6.73
C TYR C 194 15.44 -35.68 6.69
N GLY C 195 15.95 -36.05 7.85
CA GLY C 195 16.83 -37.19 7.99
C GLY C 195 16.01 -38.42 8.33
N ARG C 196 16.55 -39.28 9.17
CA ARG C 196 15.86 -40.51 9.60
C ARG C 196 14.83 -40.22 10.69
N ASN C 197 13.83 -41.12 10.83
CA ASN C 197 12.86 -41.18 11.94
C ASN C 197 13.45 -42.33 12.76
N GLU C 198 14.14 -42.01 13.84
CA GLU C 198 14.84 -43.01 14.64
C GLU C 198 13.94 -44.07 15.32
N SER C 199 14.37 -45.33 15.28
N SER C 199 14.38 -45.32 15.28
CA SER C 199 13.66 -46.48 15.89
CA SER C 199 13.69 -46.47 15.89
C SER C 199 14.01 -46.47 17.38
C SER C 199 14.02 -46.44 17.39
N LYS C 200 12.98 -46.33 18.23
CA LYS C 200 13.12 -46.20 19.67
C LYS C 200 12.65 -47.42 20.44
N MET C 201 13.06 -47.49 21.71
CA MET C 201 12.65 -48.55 22.63
C MET C 201 11.15 -48.52 22.85
N GLY C 202 10.61 -47.33 23.06
CA GLY C 202 9.20 -47.11 23.36
C GLY C 202 8.69 -45.85 22.73
N MET C 203 7.47 -45.43 23.15
CA MET C 203 6.70 -44.33 22.56
C MET C 203 6.83 -44.44 21.02
N ARG C 204 6.62 -45.67 20.51
CA ARG C 204 6.81 -45.97 19.10
C ARG C 204 5.76 -45.36 18.17
N GLY C 205 4.59 -45.01 18.73
CA GLY C 205 3.52 -44.38 17.96
C GLY C 205 3.76 -42.89 17.86
N SER C 206 4.94 -42.52 17.40
CA SER C 206 5.38 -41.13 17.35
C SER C 206 6.37 -40.97 16.19
N ILE C 207 6.81 -39.75 15.95
CA ILE C 207 7.76 -39.43 14.91
C ILE C 207 8.85 -38.66 15.62
N ASN C 208 10.10 -39.15 15.49
N ASN C 208 10.12 -39.09 15.50
CA ASN C 208 11.30 -38.60 16.13
CA ASN C 208 11.24 -38.40 16.14
C ASN C 208 12.27 -38.32 14.98
C ASN C 208 12.34 -38.25 15.14
N SER C 209 12.39 -37.04 14.60
CA SER C 209 13.16 -36.68 13.42
C SER C 209 14.51 -36.04 13.58
N GLU C 210 15.38 -36.35 12.61
CA GLU C 210 16.63 -35.61 12.39
C GLU C 210 16.20 -34.52 11.39
N LEU C 211 16.66 -33.28 11.60
CA LEU C 211 16.42 -32.19 10.65
C LEU C 211 17.75 -31.63 10.25
N PHE C 212 17.87 -31.26 8.97
CA PHE C 212 19.06 -30.63 8.43
C PHE C 212 18.66 -29.34 7.78
N PHE C 213 19.46 -28.28 7.97
CA PHE C 213 19.20 -26.99 7.36
C PHE C 213 20.41 -26.71 6.49
N GLU C 214 20.20 -26.74 5.17
CA GLU C 214 21.26 -26.57 4.17
C GLU C 214 20.97 -25.30 3.41
N ASN C 215 21.63 -24.19 3.83
CA ASN C 215 21.42 -22.84 3.30
C ASN C 215 19.91 -22.52 3.26
N MET C 216 19.22 -22.87 4.36
CA MET C 216 17.78 -22.70 4.50
C MET C 216 17.43 -21.25 4.75
N GLU C 217 16.73 -20.64 3.79
CA GLU C 217 16.35 -19.24 3.89
C GLU C 217 14.98 -19.10 4.52
N VAL C 218 14.90 -18.37 5.64
CA VAL C 218 13.62 -18.09 6.29
C VAL C 218 13.37 -16.59 6.27
N PRO C 219 12.11 -16.14 6.04
CA PRO C 219 11.86 -14.69 6.05
C PRO C 219 12.39 -14.05 7.34
N ALA C 220 13.00 -12.84 7.22
CA ALA C 220 13.55 -12.14 8.39
C ALA C 220 12.44 -11.86 9.42
N GLU C 221 11.19 -11.70 8.95
CA GLU C 221 10.02 -11.45 9.80
C GLU C 221 9.55 -12.72 10.60
N ASN C 222 10.22 -13.87 10.39
CA ASN C 222 9.89 -15.12 11.09
C ASN C 222 10.63 -15.25 12.43
N ILE C 223 11.50 -14.27 12.77
CA ILE C 223 12.19 -14.31 14.07
C ILE C 223 11.17 -14.09 15.21
N ILE C 224 11.31 -14.90 16.28
CA ILE C 224 10.47 -14.82 17.46
C ILE C 224 11.21 -13.95 18.48
N GLY C 225 10.67 -12.77 18.72
CA GLY C 225 11.28 -11.79 19.62
C GLY C 225 12.53 -11.18 19.01
N ALA C 226 13.29 -10.44 19.83
CA ALA C 226 14.54 -9.80 19.38
C ALA C 226 15.67 -10.82 19.24
N GLU C 227 16.69 -10.49 18.43
CA GLU C 227 17.88 -11.33 18.28
C GLU C 227 18.54 -11.49 19.66
N GLY C 228 18.93 -12.72 19.99
CA GLY C 228 19.60 -13.00 21.25
C GLY C 228 18.72 -13.37 22.43
N THR C 229 17.39 -13.28 22.26
CA THR C 229 16.45 -13.61 23.33
C THR C 229 16.00 -15.09 23.27
N GLY C 230 16.51 -15.85 22.29
CA GLY C 230 16.15 -17.25 22.08
C GLY C 230 16.41 -18.21 23.24
N PHE C 231 17.54 -18.05 23.96
CA PHE C 231 17.84 -18.96 25.06
C PHE C 231 16.83 -18.81 26.21
N ALA C 232 16.47 -17.56 26.55
CA ALA C 232 15.47 -17.29 27.61
C ALA C 232 14.10 -17.87 27.19
N ASN C 233 13.76 -17.72 25.89
CA ASN C 233 12.51 -18.24 25.33
C ASN C 233 12.47 -19.79 25.46
N LEU C 234 13.59 -20.45 25.12
CA LEU C 234 13.73 -21.90 25.23
C LEU C 234 13.60 -22.35 26.69
N MET C 235 14.33 -21.68 27.60
CA MET C 235 14.30 -22.01 29.03
C MET C 235 12.91 -21.89 29.65
N GLN C 236 12.17 -20.85 29.25
CA GLN C 236 10.79 -20.65 29.71
C GLN C 236 9.90 -21.81 29.22
N THR C 237 10.07 -22.19 27.93
CA THR C 237 9.30 -23.30 27.35
C THR C 237 9.57 -24.63 28.11
N LEU C 238 10.85 -24.87 28.47
CA LEU C 238 11.23 -26.11 29.17
C LEU C 238 10.63 -26.21 30.56
N SER C 239 10.50 -25.07 31.27
CA SER C 239 9.87 -25.01 32.60
C SER C 239 8.44 -25.56 32.53
N THR C 240 7.72 -25.20 31.47
CA THR C 240 6.36 -25.68 31.28
C THR C 240 6.33 -27.14 30.79
N ASN C 241 7.15 -27.46 29.77
CA ASN C 241 7.17 -28.79 29.18
C ASN C 241 7.56 -29.89 30.21
N ARG C 242 8.32 -29.52 31.27
CA ARG C 242 8.68 -30.48 32.33
C ARG C 242 7.45 -30.91 33.12
N VAL C 243 6.48 -30.00 33.29
CA VAL C 243 5.23 -30.33 34.00
C VAL C 243 4.37 -31.28 33.10
N PHE C 244 4.43 -31.09 31.76
CA PHE C 244 3.71 -31.97 30.82
C PHE C 244 4.27 -33.37 30.88
N CYS C 245 5.60 -33.49 30.90
CA CYS C 245 6.29 -34.77 31.04
C CYS C 245 5.86 -35.43 32.36
N ALA C 246 5.88 -34.66 33.45
CA ALA C 246 5.45 -35.17 34.76
C ALA C 246 4.03 -35.75 34.69
N ALA C 247 3.08 -34.99 34.11
CA ALA C 247 1.70 -35.45 33.98
C ALA C 247 1.60 -36.74 33.15
N GLN C 248 2.30 -36.80 32.02
CA GLN C 248 2.28 -38.01 31.19
C GLN C 248 2.81 -39.21 32.01
N ALA C 249 3.90 -39.00 32.77
CA ALA C 249 4.51 -40.04 33.60
C ALA C 249 3.54 -40.52 34.71
N VAL C 250 2.78 -39.58 35.34
CA VAL C 250 1.78 -39.95 36.37
C VAL C 250 0.76 -40.90 35.68
N GLY C 251 0.33 -40.53 34.47
CA GLY C 251 -0.61 -41.33 33.72
C GLY C 251 -0.11 -42.73 33.40
N ILE C 252 1.13 -42.81 32.89
CA ILE C 252 1.76 -44.10 32.57
C ILE C 252 1.78 -44.99 33.82
N ALA C 253 2.22 -44.42 34.93
CA ALA C 253 2.32 -45.14 36.20
C ALA C 253 0.92 -45.64 36.63
N GLN C 254 -0.09 -44.78 36.56
CA GLN C 254 -1.45 -45.16 36.92
C GLN C 254 -1.99 -46.30 36.03
N GLY C 255 -1.77 -46.20 34.72
CA GLY C 255 -2.25 -47.21 33.78
C GLY C 255 -1.65 -48.58 34.06
N ALA C 256 -0.35 -48.59 34.40
CA ALA C 256 0.38 -49.81 34.72
C ALA C 256 -0.14 -50.39 36.04
N LEU C 257 -0.31 -49.52 37.05
CA LEU C 257 -0.87 -49.88 38.34
C LEU C 257 -2.28 -50.49 38.16
N ASP C 258 -3.14 -49.88 37.29
CA ASP C 258 -4.49 -50.41 37.09
C ASP C 258 -4.45 -51.85 36.58
N ILE C 259 -3.56 -52.14 35.61
CA ILE C 259 -3.46 -53.50 35.05
C ILE C 259 -2.96 -54.47 36.13
N ALA C 260 -1.95 -54.05 36.91
CA ALA C 260 -1.41 -54.86 38.00
C ALA C 260 -2.52 -55.21 39.03
N VAL C 261 -3.29 -54.18 39.50
CA VAL C 261 -4.36 -54.37 40.48
C VAL C 261 -5.37 -55.40 39.98
N ARG C 262 -5.84 -55.21 38.74
CA ARG C 262 -6.85 -56.12 38.16
C ARG C 262 -6.31 -57.55 38.09
N HIS C 263 -5.02 -57.70 37.71
CA HIS C 263 -4.38 -59.00 37.65
C HIS C 263 -4.34 -59.68 39.01
N THR C 264 -4.01 -58.95 40.10
CA THR C 264 -3.97 -59.58 41.44
C THR C 264 -5.32 -60.13 41.86
N GLN C 265 -6.39 -59.48 41.41
CA GLN C 265 -7.76 -59.87 41.72
C GLN C 265 -8.23 -61.10 40.94
N ASP C 266 -7.74 -61.25 39.70
CA ASP C 266 -8.14 -62.34 38.81
C ASP C 266 -7.23 -63.56 38.84
N ARG C 267 -5.93 -63.34 39.03
CA ARG C 267 -4.91 -64.40 39.02
C ARG C 267 -4.91 -65.22 40.30
N VAL C 268 -5.22 -66.52 40.17
CA VAL C 268 -5.24 -67.44 41.29
C VAL C 268 -3.98 -68.30 41.31
N GLN C 269 -3.26 -68.28 42.43
CA GLN C 269 -2.12 -69.15 42.71
C GLN C 269 -2.20 -69.46 44.19
N PHE C 270 -1.84 -70.70 44.56
CA PHE C 270 -1.89 -71.15 45.96
C PHE C 270 -3.34 -71.13 46.49
N GLY C 271 -4.30 -71.42 45.60
CA GLY C 271 -5.72 -71.58 45.90
C GLY C 271 -6.56 -70.34 46.06
N LYS C 272 -5.98 -69.14 45.93
CA LYS C 272 -6.72 -67.89 46.09
C LYS C 272 -6.16 -66.85 45.12
N PRO C 273 -6.88 -65.74 44.81
CA PRO C 273 -6.24 -64.69 44.00
C PRO C 273 -4.96 -64.22 44.69
N ILE C 274 -3.93 -63.84 43.89
CA ILE C 274 -2.64 -63.41 44.43
C ILE C 274 -2.75 -62.12 45.26
N ALA C 275 -3.88 -61.41 45.16
CA ALA C 275 -4.18 -60.22 45.98
C ALA C 275 -4.19 -60.59 47.48
N HIS C 276 -4.43 -61.87 47.83
CA HIS C 276 -4.44 -62.32 49.21
C HIS C 276 -3.03 -62.48 49.81
N LEU C 277 -1.97 -62.45 48.95
CA LEU C 277 -0.60 -62.61 49.42
C LEU C 277 -0.04 -61.27 49.92
N ALA C 278 0.45 -61.24 51.16
CA ALA C 278 0.97 -60.03 51.77
C ALA C 278 2.06 -59.35 50.91
N PRO C 279 3.06 -60.06 50.31
CA PRO C 279 4.06 -59.35 49.50
C PRO C 279 3.48 -58.62 48.30
N VAL C 280 2.41 -59.19 47.69
CA VAL C 280 1.71 -58.57 46.57
C VAL C 280 1.00 -57.29 47.05
N GLN C 281 0.33 -57.37 48.21
CA GLN C 281 -0.31 -56.19 48.83
C GLN C 281 0.71 -55.08 49.05
N PHE C 282 1.94 -55.45 49.53
CA PHE C 282 3.00 -54.45 49.79
C PHE C 282 3.48 -53.78 48.53
N MET C 283 3.66 -54.59 47.46
CA MET C 283 4.10 -54.08 46.16
C MET C 283 3.09 -53.05 45.64
N VAL C 284 1.80 -53.41 45.65
CA VAL C 284 0.72 -52.55 45.20
C VAL C 284 0.63 -51.29 46.08
N ALA C 285 0.79 -51.44 47.41
CA ALA C 285 0.79 -50.29 48.34
C ALA C 285 1.89 -49.31 47.93
N ASP C 286 3.10 -49.82 47.68
CA ASP C 286 4.23 -48.95 47.32
C ASP C 286 4.01 -48.26 46.00
N MET C 287 3.49 -49.02 45.01
CA MET C 287 3.23 -48.45 43.68
C MET C 287 2.20 -47.33 43.79
N ALA C 288 1.04 -47.60 44.40
CA ALA C 288 -0.04 -46.60 44.50
C ALA C 288 0.42 -45.33 45.25
N THR C 289 1.16 -45.51 46.36
CA THR C 289 1.61 -44.38 47.15
C THR C 289 2.50 -43.45 46.30
N ALA C 290 3.40 -44.03 45.51
CA ALA C 290 4.32 -43.26 44.67
C ALA C 290 3.56 -42.54 43.54
N VAL C 291 2.53 -43.20 42.96
CA VAL C 291 1.72 -42.58 41.93
C VAL C 291 0.95 -41.38 42.53
N GLU C 292 0.33 -41.57 43.70
CA GLU C 292 -0.43 -40.49 44.29
C GLU C 292 0.48 -39.30 44.64
N ALA C 293 1.66 -39.57 45.21
CA ALA C 293 2.60 -38.51 45.60
C ALA C 293 3.05 -37.74 44.35
N SER C 294 3.34 -38.48 43.25
CA SER C 294 3.76 -37.87 41.98
C SER C 294 2.61 -37.01 41.43
N ARG C 295 1.38 -37.50 41.54
CA ARG C 295 0.18 -36.81 41.05
C ARG C 295 -0.01 -35.49 41.81
N LEU C 296 0.11 -35.53 43.15
CA LEU C 296 -0.03 -34.31 43.95
C LEU C 296 1.04 -33.29 43.62
N LEU C 297 2.30 -33.73 43.46
CA LEU C 297 3.40 -32.81 43.11
C LEU C 297 3.17 -32.17 41.76
N THR C 298 2.73 -32.98 40.78
CA THR C 298 2.48 -32.52 39.41
C THR C 298 1.37 -31.47 39.39
N ARG C 299 0.29 -31.75 40.09
CA ARG C 299 -0.87 -30.83 40.13
C ARG C 299 -0.46 -29.51 40.80
N LYS C 300 0.35 -29.57 41.84
CA LYS C 300 0.84 -28.36 42.51
C LYS C 300 1.69 -27.55 41.53
N ALA C 301 2.63 -28.21 40.84
CA ALA C 301 3.49 -27.54 39.87
C ALA C 301 2.69 -26.85 38.75
N ALA C 302 1.65 -27.54 38.24
CA ALA C 302 0.78 -27.04 37.18
C ALA C 302 -0.01 -25.80 37.63
N GLU C 303 -0.56 -25.84 38.86
CA GLU C 303 -1.29 -24.72 39.48
C GLU C 303 -0.37 -23.52 39.64
N LEU C 304 0.88 -23.74 40.11
CA LEU C 304 1.87 -22.67 40.25
C LEU C 304 2.22 -22.01 38.92
N LEU C 305 2.35 -22.81 37.83
CA LEU C 305 2.60 -22.27 36.49
C LEU C 305 1.45 -21.38 36.04
N ASP C 306 0.19 -21.86 36.22
CA ASP C 306 -1.00 -21.08 35.85
C ASP C 306 -1.08 -19.78 36.65
N ASP C 307 -0.64 -19.80 37.91
CA ASP C 307 -0.63 -18.63 38.80
C ASP C 307 0.51 -17.64 38.49
N GLY C 308 1.44 -18.06 37.65
CA GLY C 308 2.64 -17.27 37.31
C GLY C 308 3.59 -17.14 38.49
N ASP C 309 3.51 -18.09 39.44
CA ASP C 309 4.30 -18.11 40.67
C ASP C 309 5.75 -18.53 40.39
N LYS C 310 6.73 -17.79 40.97
CA LYS C 310 8.17 -18.06 40.80
C LYS C 310 8.55 -19.48 41.25
N LYS C 311 7.84 -20.00 42.28
CA LYS C 311 8.05 -21.35 42.83
C LYS C 311 7.79 -22.46 41.80
N ALA C 312 7.09 -22.15 40.68
CA ALA C 312 6.78 -23.15 39.64
C ALA C 312 8.00 -23.87 39.06
N VAL C 313 9.15 -23.17 38.94
CA VAL C 313 10.37 -23.79 38.42
C VAL C 313 10.85 -24.92 39.34
N LEU C 314 10.90 -24.64 40.64
CA LEU C 314 11.31 -25.63 41.64
C LEU C 314 10.33 -26.81 41.67
N TYR C 315 9.03 -26.53 41.79
CA TYR C 315 8.05 -27.59 41.93
C TYR C 315 7.85 -28.41 40.65
N GLY C 316 8.03 -27.78 39.49
CA GLY C 316 7.95 -28.48 38.21
C GLY C 316 9.12 -29.43 38.04
N SER C 317 10.30 -28.98 38.47
CA SER C 317 11.53 -29.80 38.38
C SER C 317 11.37 -31.03 39.31
N MET C 318 10.88 -30.81 40.55
CA MET C 318 10.60 -31.94 41.48
C MET C 318 9.57 -32.89 40.89
N ALA C 319 8.45 -32.35 40.35
CA ALA C 319 7.39 -33.18 39.78
C ALA C 319 7.91 -34.02 38.61
N LYS C 320 8.72 -33.42 37.71
CA LYS C 320 9.26 -34.14 36.55
C LYS C 320 10.14 -35.32 37.03
N THR C 321 11.06 -35.05 37.98
CA THR C 321 11.95 -36.11 38.47
C THR C 321 11.18 -37.24 39.14
N MET C 322 10.37 -36.88 40.14
N MET C 322 10.35 -36.87 40.14
CA MET C 322 9.65 -37.92 40.86
CA MET C 322 9.56 -37.82 40.93
C MET C 322 8.65 -38.68 39.98
C MET C 322 8.59 -38.63 40.06
N ALA C 323 7.84 -37.97 39.16
CA ALA C 323 6.83 -38.63 38.35
C ALA C 323 7.43 -39.63 37.36
N SER C 324 8.55 -39.24 36.73
CA SER C 324 9.20 -40.12 35.74
C SER C 324 9.93 -41.28 36.45
N ASP C 325 10.57 -41.03 37.60
CA ASP C 325 11.19 -42.13 38.34
C ASP C 325 10.09 -43.09 38.79
N THR C 326 8.94 -42.53 39.21
CA THR C 326 7.81 -43.36 39.67
C THR C 326 7.28 -44.15 38.48
N ALA C 327 7.11 -43.53 37.29
CA ALA C 327 6.65 -44.27 36.12
C ALA C 327 7.62 -45.44 35.85
N MET C 328 8.93 -45.20 35.92
CA MET C 328 9.90 -46.26 35.66
C MET C 328 9.77 -47.41 36.69
N ARG C 329 9.75 -47.05 37.97
CA ARG C 329 9.63 -48.03 39.03
C ARG C 329 8.33 -48.81 39.02
N VAL C 330 7.20 -48.08 38.87
CA VAL C 330 5.86 -48.68 38.87
C VAL C 330 5.65 -49.58 37.65
N THR C 331 6.09 -49.17 36.47
CA THR C 331 5.90 -50.03 35.28
C THR C 331 6.77 -51.28 35.41
N THR C 332 8.00 -51.13 35.96
CA THR C 332 8.90 -52.28 36.17
C THR C 332 8.20 -53.31 37.10
N ASP C 333 7.60 -52.78 38.20
CA ASP C 333 6.87 -53.63 39.15
C ASP C 333 5.53 -54.14 38.60
N ALA C 334 4.87 -53.40 37.67
CA ALA C 334 3.59 -53.88 37.10
C ALA C 334 3.87 -55.11 36.22
N VAL C 335 4.96 -55.07 35.44
CA VAL C 335 5.38 -56.23 34.64
C VAL C 335 5.63 -57.40 35.61
N GLN C 336 6.32 -57.10 36.73
CA GLN C 336 6.58 -58.13 37.76
C GLN C 336 5.30 -58.74 38.29
N VAL C 337 4.30 -57.90 38.65
CA VAL C 337 3.04 -58.39 39.21
C VAL C 337 2.32 -59.35 38.23
N LEU C 338 2.47 -59.13 36.91
CA LEU C 338 1.83 -60.01 35.96
C LEU C 338 2.63 -61.29 35.67
N GLY C 339 3.81 -61.42 36.28
CA GLY C 339 4.70 -62.56 36.08
C GLY C 339 5.07 -62.72 34.61
N GLY C 340 5.08 -63.97 34.12
CA GLY C 340 5.40 -64.26 32.73
C GLY C 340 4.48 -63.53 31.76
N SER C 341 3.18 -63.43 32.11
CA SER C 341 2.21 -62.73 31.23
C SER C 341 2.58 -61.24 31.08
N GLY C 342 3.20 -60.65 32.10
CA GLY C 342 3.64 -59.27 32.08
C GLY C 342 4.70 -58.99 31.02
N TYR C 343 5.49 -59.99 30.68
CA TYR C 343 6.56 -59.87 29.69
C TYR C 343 6.05 -60.04 28.27
N MET C 344 4.77 -60.43 28.12
CA MET C 344 4.19 -60.66 26.79
C MET C 344 3.62 -59.37 26.19
N LYS C 345 3.92 -59.10 24.91
CA LYS C 345 3.46 -57.88 24.24
C LYS C 345 1.94 -57.71 24.29
N GLU C 346 1.15 -58.83 24.21
CA GLU C 346 -0.31 -58.72 24.22
C GLU C 346 -0.91 -58.07 25.49
N ASN C 347 -0.16 -58.05 26.60
CA ASN C 347 -0.71 -57.58 27.87
C ASN C 347 -0.38 -56.10 28.25
N GLY C 348 0.19 -55.34 27.31
CA GLY C 348 0.37 -53.89 27.44
C GLY C 348 1.36 -53.31 28.43
N VAL C 349 1.46 -53.91 29.64
CA VAL C 349 2.38 -53.34 30.65
C VAL C 349 3.82 -53.29 30.19
N GLU C 350 4.27 -54.28 29.34
CA GLU C 350 5.68 -54.22 28.89
C GLU C 350 5.91 -52.95 28.05
N ARG C 351 4.91 -52.58 27.21
CA ARG C 351 5.00 -51.33 26.41
C ARG C 351 5.04 -50.16 27.39
N MET C 352 4.20 -50.16 28.43
CA MET C 352 4.18 -49.05 29.39
C MET C 352 5.54 -48.87 30.05
N MET C 353 6.24 -50.00 30.30
CA MET C 353 7.58 -49.99 30.86
C MET C 353 8.59 -49.36 29.88
N ARG C 354 8.48 -49.73 28.59
CA ARG C 354 9.35 -49.16 27.56
C ARG C 354 9.10 -47.67 27.41
N ASP C 355 7.82 -47.26 27.44
CA ASP C 355 7.40 -45.88 27.28
C ASP C 355 7.91 -45.05 28.49
N ALA C 356 7.77 -45.61 29.71
CA ALA C 356 8.16 -44.93 30.96
C ALA C 356 9.64 -44.47 30.95
N LYS C 357 10.56 -45.31 30.41
CA LYS C 357 12.00 -44.98 30.36
C LYS C 357 12.26 -43.61 29.68
N LEU C 358 11.49 -43.28 28.63
CA LEU C 358 11.73 -42.01 27.95
C LEU C 358 11.44 -40.81 28.84
N THR C 359 10.50 -40.95 29.75
CA THR C 359 10.11 -39.81 30.60
C THR C 359 11.24 -39.37 31.51
N GLN C 360 12.21 -40.26 31.77
CA GLN C 360 13.36 -39.91 32.62
C GLN C 360 14.44 -39.16 31.83
N ILE C 361 14.32 -39.20 30.48
CA ILE C 361 15.31 -38.62 29.58
C ILE C 361 14.86 -37.33 28.89
N TYR C 362 13.71 -37.32 28.22
CA TYR C 362 13.34 -36.11 27.49
C TYR C 362 12.73 -35.02 28.39
N THR C 363 12.62 -33.79 27.82
CA THR C 363 12.30 -32.54 28.52
C THR C 363 13.44 -32.23 29.51
N GLY C 364 14.61 -32.84 29.29
CA GLY C 364 15.76 -32.69 30.15
C GLY C 364 15.88 -33.93 31.00
N THR C 365 17.08 -34.49 31.13
CA THR C 365 17.21 -35.72 31.89
C THR C 365 16.95 -35.50 33.38
N ASN C 366 16.69 -36.58 34.11
CA ASN C 366 16.49 -36.46 35.57
C ASN C 366 17.75 -36.04 36.32
N GLN C 367 18.91 -36.06 35.64
CA GLN C 367 20.14 -35.54 36.25
C GLN C 367 20.09 -34.02 36.15
N ILE C 368 19.74 -33.51 34.95
CA ILE C 368 19.59 -32.07 34.77
C ILE C 368 18.47 -31.51 35.67
N THR C 369 17.31 -32.22 35.78
CA THR C 369 16.23 -31.72 36.61
C THR C 369 16.63 -31.73 38.09
N ARG C 370 17.41 -32.75 38.55
CA ARG C 370 17.90 -32.73 39.94
C ARG C 370 18.85 -31.52 40.14
N MET C 371 19.67 -31.20 39.13
CA MET C 371 20.56 -30.01 39.20
C MET C 371 19.72 -28.71 39.32
N VAL C 372 18.68 -28.59 38.48
CA VAL C 372 17.79 -27.43 38.51
C VAL C 372 17.13 -27.33 39.92
N THR C 373 16.58 -28.44 40.44
CA THR C 373 15.99 -28.47 41.77
C THR C 373 17.01 -28.04 42.85
N GLY C 374 18.17 -28.70 42.88
CA GLY C 374 19.22 -28.43 43.86
C GLY C 374 19.69 -26.98 43.86
N ARG C 375 19.93 -26.43 42.66
CA ARG C 375 20.33 -25.04 42.49
C ARG C 375 19.26 -24.09 43.04
N ALA C 376 17.96 -24.36 42.72
CA ALA C 376 16.86 -23.52 43.20
C ALA C 376 16.74 -23.57 44.72
N LEU C 377 16.98 -24.72 45.32
CA LEU C 377 16.91 -24.85 46.78
C LEU C 377 18.11 -24.22 47.49
N LEU C 378 19.33 -24.38 46.95
CA LEU C 378 20.53 -23.92 47.65
C LEU C 378 20.96 -22.49 47.30
N PHE C 379 20.50 -21.98 46.16
CA PHE C 379 20.81 -20.62 45.70
C PHE C 379 19.49 -19.90 45.38
N PRO C 380 18.56 -19.72 46.37
CA PRO C 380 17.28 -19.07 46.05
C PRO C 380 17.44 -17.57 45.71
N HIS D 3 -27.22 -19.72 16.88
CA HIS D 3 -28.10 -18.89 17.72
C HIS D 3 -27.59 -18.80 19.16
N LEU D 4 -28.50 -19.00 20.11
CA LEU D 4 -28.23 -18.90 21.55
C LEU D 4 -26.95 -19.64 21.94
N THR D 5 -25.90 -18.91 22.33
CA THR D 5 -24.70 -19.58 22.88
C THR D 5 -25.10 -20.04 24.28
N GLU D 6 -24.50 -21.08 24.83
CA GLU D 6 -25.07 -21.54 26.12
C GLU D 6 -24.70 -20.68 27.34
N GLU D 7 -23.78 -19.71 27.20
CA GLU D 7 -23.56 -18.71 28.27
C GLU D 7 -24.73 -17.70 28.24
N GLN D 8 -25.40 -17.56 27.08
CA GLN D 8 -26.58 -16.68 26.88
C GLN D 8 -27.86 -17.36 27.43
N LYS D 9 -28.01 -18.68 27.29
CA LYS D 9 -29.15 -19.45 27.81
C LYS D 9 -29.12 -19.50 29.35
N LEU D 10 -27.93 -19.70 29.96
CA LEU D 10 -27.74 -19.73 31.42
C LEU D 10 -28.04 -18.35 32.02
N THR D 11 -27.54 -17.27 31.38
CA THR D 11 -27.77 -15.88 31.79
C THR D 11 -29.27 -15.57 31.75
N LEU D 12 -29.96 -15.97 30.66
CA LEU D 12 -31.39 -15.72 30.50
C LEU D 12 -32.28 -16.50 31.44
N ASP D 13 -31.91 -17.74 31.74
CA ASP D 13 -32.72 -18.50 32.71
C ASP D 13 -32.57 -17.83 34.08
N MET D 14 -31.35 -17.41 34.43
CA MET D 14 -31.09 -16.69 35.69
C MET D 14 -31.92 -15.40 35.74
N VAL D 15 -31.93 -14.61 34.64
CA VAL D 15 -32.69 -13.35 34.57
C VAL D 15 -34.20 -13.62 34.76
N ARG D 16 -34.75 -14.63 34.06
CA ARG D 16 -36.16 -15.02 34.16
C ARG D 16 -36.53 -15.39 35.60
N ASP D 17 -35.64 -16.12 36.28
CA ASP D 17 -35.80 -16.54 37.68
C ASP D 17 -35.82 -15.31 38.61
N VAL D 18 -34.84 -14.41 38.45
CA VAL D 18 -34.70 -13.17 39.22
C VAL D 18 -35.91 -12.24 38.99
N ALA D 19 -36.34 -12.11 37.73
CA ALA D 19 -37.50 -11.27 37.38
C ALA D 19 -38.77 -11.76 38.09
N THR D 20 -39.02 -13.08 38.07
CA THR D 20 -40.18 -13.69 38.70
C THR D 20 -40.14 -13.63 40.22
N ARG D 21 -39.02 -14.06 40.81
CA ARG D 21 -38.91 -14.24 42.30
C ARG D 21 -38.56 -12.97 43.06
N GLU D 22 -37.76 -12.11 42.46
CA GLU D 22 -37.29 -10.92 43.15
C GLU D 22 -37.82 -9.61 42.62
N ILE D 23 -37.81 -9.40 41.30
CA ILE D 23 -38.19 -8.12 40.73
C ILE D 23 -39.71 -7.89 40.71
N ALA D 24 -40.50 -8.87 40.20
CA ALA D 24 -41.96 -8.75 40.13
C ALA D 24 -42.63 -8.43 41.48
N PRO D 25 -42.29 -9.10 42.62
CA PRO D 25 -42.96 -8.74 43.89
C PRO D 25 -42.66 -7.34 44.41
N ARG D 26 -41.59 -6.69 43.90
CA ARG D 26 -41.15 -5.35 44.29
C ARG D 26 -41.71 -4.21 43.45
N ALA D 27 -42.22 -4.52 42.24
CA ALA D 27 -42.70 -3.54 41.26
C ALA D 27 -43.78 -2.57 41.74
N LEU D 28 -44.79 -3.08 42.46
CA LEU D 28 -45.87 -2.24 42.96
C LEU D 28 -45.32 -1.17 43.89
N GLU D 29 -44.47 -1.57 44.84
CA GLU D 29 -43.95 -0.56 45.81
C GLU D 29 -42.94 0.37 45.12
N LEU D 30 -42.15 -0.17 44.22
CA LEU D 30 -41.17 0.68 43.52
C LEU D 30 -41.87 1.88 42.87
N ASP D 31 -43.04 1.63 42.24
CA ASP D 31 -43.84 2.69 41.64
C ASP D 31 -44.54 3.52 42.70
N GLU D 32 -45.18 2.87 43.70
CA GLU D 32 -45.98 3.56 44.70
C GLU D 32 -45.18 4.60 45.49
N SER D 34 -42.00 5.61 44.45
CA SER D 34 -41.06 6.27 43.55
C SER D 34 -39.64 6.04 43.99
N LEU D 35 -39.24 4.76 44.12
CA LEU D 35 -37.85 4.68 44.51
C LEU D 35 -36.93 4.07 43.54
N PHE D 36 -35.66 4.38 43.77
CA PHE D 36 -34.58 3.88 42.98
C PHE D 36 -34.49 2.36 43.28
N PRO D 37 -34.37 1.51 42.24
CA PRO D 37 -34.29 0.06 42.47
C PRO D 37 -32.93 -0.39 42.97
N GLU D 38 -32.67 0.03 44.20
CA GLU D 38 -31.42 -0.18 44.95
C GLU D 38 -31.17 -1.67 45.13
N TYR D 39 -32.20 -2.46 45.46
CA TYR D 39 -32.12 -3.92 45.64
C TYR D 39 -31.65 -4.56 44.36
N ALA D 40 -32.35 -4.23 43.27
CA ALA D 40 -32.09 -4.76 41.94
C ALA D 40 -30.69 -4.40 41.50
N ARG D 41 -30.27 -3.13 41.70
CA ARG D 41 -28.92 -2.70 41.30
C ARG D 41 -27.87 -3.56 41.99
N ASP D 42 -27.88 -3.66 43.26
CA ASP D 42 -26.91 -4.48 44.04
C ASP D 42 -27.08 -5.98 43.75
N LEU D 43 -28.23 -6.54 43.48
CA LEU D 43 -28.38 -7.94 43.09
C LEU D 43 -27.76 -8.18 41.71
N PHE D 44 -28.07 -7.30 40.74
CA PHE D 44 -27.53 -7.38 39.38
C PHE D 44 -26.01 -7.31 39.37
N ALA D 45 -25.42 -6.42 40.20
CA ALA D 45 -23.97 -6.30 40.32
C ALA D 45 -23.34 -7.64 40.77
N LYS D 46 -23.94 -8.30 41.77
CA LYS D 46 -23.48 -9.59 42.30
C LYS D 46 -23.61 -10.72 41.28
N LEU D 47 -24.67 -10.68 40.44
CA LEU D 47 -24.93 -11.70 39.41
C LEU D 47 -24.27 -11.40 38.06
N GLY D 48 -23.57 -10.27 37.97
CA GLY D 48 -22.90 -9.83 36.74
C GLY D 48 -23.86 -9.41 35.64
N LEU D 49 -25.01 -8.84 36.02
CA LEU D 49 -26.06 -8.38 35.11
C LEU D 49 -26.16 -6.85 34.98
N LEU D 50 -25.46 -6.09 35.85
CA LEU D 50 -25.53 -4.63 35.83
C LEU D 50 -24.84 -4.01 34.61
N ASN D 51 -23.68 -4.56 34.24
CA ASN D 51 -22.93 -4.00 33.11
C ASN D 51 -22.70 -5.08 32.03
N PRO D 52 -23.72 -5.58 31.29
CA PRO D 52 -23.52 -6.66 30.30
C PRO D 52 -22.65 -6.32 29.11
N LEU D 53 -22.55 -5.02 28.72
CA LEU D 53 -21.75 -4.62 27.55
C LEU D 53 -20.35 -4.14 27.91
N LEU D 54 -19.97 -4.19 29.21
CA LEU D 54 -18.63 -3.79 29.60
C LEU D 54 -17.62 -4.77 28.95
N PRO D 55 -16.63 -4.29 28.17
CA PRO D 55 -15.70 -5.24 27.51
C PRO D 55 -14.88 -6.09 28.47
N ALA D 56 -14.52 -7.32 28.03
CA ALA D 56 -13.73 -8.28 28.82
C ALA D 56 -12.37 -7.67 29.25
N ALA D 57 -11.82 -6.76 28.41
CA ALA D 57 -10.56 -6.07 28.67
C ALA D 57 -10.59 -5.20 29.93
N TYR D 58 -11.80 -4.73 30.35
CA TYR D 58 -12.00 -3.88 31.53
C TYR D 58 -12.73 -4.60 32.66
N GLY D 59 -12.64 -5.94 32.65
CA GLY D 59 -13.26 -6.81 33.65
C GLY D 59 -14.75 -7.01 33.50
N GLY D 60 -15.23 -6.90 32.26
CA GLY D 60 -16.65 -7.05 31.94
C GLY D 60 -17.01 -8.38 31.29
N THR D 61 -18.32 -8.62 31.16
CA THR D 61 -18.88 -9.84 30.57
C THR D 61 -18.96 -9.80 29.05
N GLU D 62 -19.01 -8.56 28.45
CA GLU D 62 -19.08 -8.30 27.00
C GLU D 62 -20.07 -9.29 26.34
N MET D 63 -21.33 -9.30 26.79
N MET D 63 -21.33 -9.28 26.81
CA MET D 63 -22.36 -10.23 26.32
CA MET D 63 -22.43 -10.16 26.37
C MET D 63 -23.07 -9.83 25.01
C MET D 63 -23.02 -9.84 24.99
N GLY D 64 -22.89 -8.59 24.55
CA GLY D 64 -23.47 -8.14 23.28
C GLY D 64 -24.91 -7.66 23.39
N VAL D 65 -25.37 -6.99 22.32
CA VAL D 65 -26.67 -6.35 22.22
C VAL D 65 -27.84 -7.35 22.31
N LEU D 66 -27.76 -8.47 21.56
CA LEU D 66 -28.84 -9.46 21.60
C LEU D 66 -29.09 -9.95 23.03
N THR D 67 -28.02 -10.32 23.77
CA THR D 67 -28.18 -10.76 25.16
C THR D 67 -28.86 -9.71 26.00
N LEU D 68 -28.41 -8.44 25.92
CA LEU D 68 -29.04 -7.37 26.70
C LEU D 68 -30.48 -7.15 26.28
N ALA D 69 -30.79 -7.27 24.98
CA ALA D 69 -32.17 -7.12 24.50
C ALA D 69 -33.05 -8.20 25.15
N LEU D 70 -32.54 -9.43 25.22
CA LEU D 70 -33.31 -10.53 25.83
C LEU D 70 -33.50 -10.32 27.33
N ILE D 71 -32.47 -9.78 28.03
CA ILE D 71 -32.55 -9.44 29.45
C ILE D 71 -33.61 -8.34 29.66
N LEU D 72 -33.57 -7.30 28.82
CA LEU D 72 -34.50 -6.17 28.93
C LEU D 72 -35.95 -6.58 28.72
N GLU D 73 -36.20 -7.52 27.82
CA GLU D 73 -37.54 -8.02 27.60
C GLU D 73 -38.00 -8.78 28.87
N GLU D 74 -37.10 -9.54 29.50
CA GLU D 74 -37.46 -10.27 30.70
C GLU D 74 -37.77 -9.35 31.86
N LEU D 75 -36.97 -8.28 32.03
CA LEU D 75 -37.21 -7.31 33.11
C LEU D 75 -38.41 -6.42 32.82
N GLY D 76 -38.59 -6.03 31.56
CA GLY D 76 -39.71 -5.18 31.11
C GLY D 76 -41.05 -5.81 31.38
N ARG D 77 -41.09 -7.16 31.36
CA ARG D 77 -42.27 -7.98 31.64
C ARG D 77 -42.80 -7.73 33.07
N VAL D 78 -41.90 -7.43 34.01
CA VAL D 78 -42.29 -7.35 35.46
C VAL D 78 -42.08 -5.95 36.05
N CYS D 79 -41.12 -5.18 35.55
CA CYS D 79 -40.82 -3.85 36.13
C CYS D 79 -40.06 -3.04 35.12
N ALA D 80 -40.78 -2.13 34.40
CA ALA D 80 -40.16 -1.27 33.39
C ALA D 80 -39.04 -0.42 33.98
N SER D 81 -39.25 0.08 35.21
CA SER D 81 -38.27 0.92 35.88
C SER D 81 -36.95 0.17 36.13
N THR D 82 -37.02 -1.13 36.50
CA THR D 82 -35.83 -1.95 36.71
C THR D 82 -35.12 -2.18 35.38
N ALA D 83 -35.90 -2.38 34.29
CA ALA D 83 -35.29 -2.51 32.97
C ALA D 83 -34.58 -1.18 32.61
N LEU D 84 -35.20 -0.01 32.96
CA LEU D 84 -34.62 1.31 32.70
C LEU D 84 -33.27 1.50 33.37
N LEU D 85 -33.11 0.94 34.58
CA LEU D 85 -31.82 1.01 35.26
C LEU D 85 -30.72 0.40 34.34
N LEU D 86 -30.99 -0.78 33.75
CA LEU D 86 -30.01 -1.40 32.86
C LEU D 86 -29.81 -0.62 31.57
N ILE D 87 -30.89 -0.03 31.02
CA ILE D 87 -30.77 0.79 29.81
C ILE D 87 -29.86 1.99 30.09
N ALA D 88 -30.14 2.75 31.15
CA ALA D 88 -29.36 3.93 31.52
C ALA D 88 -27.90 3.56 31.77
N GLN D 89 -27.68 2.45 32.50
CA GLN D 89 -26.34 1.98 32.87
C GLN D 89 -25.46 1.65 31.67
N THR D 90 -26.01 0.87 30.71
CA THR D 90 -25.25 0.54 29.49
C THR D 90 -25.09 1.77 28.62
N ASP D 91 -26.18 2.56 28.43
CA ASP D 91 -26.16 3.78 27.61
C ASP D 91 -25.11 4.81 28.09
N GLY D 92 -24.92 4.90 29.42
CA GLY D 92 -23.96 5.84 29.99
C GLY D 92 -22.49 5.50 29.74
N MET D 93 -22.19 4.21 29.47
CA MET D 93 -20.81 3.78 29.20
C MET D 93 -20.52 3.53 27.71
N LEU D 94 -21.57 3.35 26.87
CA LEU D 94 -21.37 3.14 25.43
C LEU D 94 -20.50 4.24 24.74
N PRO D 95 -20.68 5.57 25.04
CA PRO D 95 -19.82 6.59 24.41
C PRO D 95 -18.33 6.41 24.68
N ILE D 96 -17.98 5.93 25.89
CA ILE D 96 -16.59 5.69 26.33
C ILE D 96 -16.04 4.42 25.63
N ILE D 97 -16.83 3.32 25.64
CA ILE D 97 -16.45 2.05 25.00
C ILE D 97 -16.20 2.30 23.51
N HIS D 98 -17.11 3.06 22.86
CA HIS D 98 -17.05 3.37 21.43
C HIS D 98 -16.69 4.84 21.16
N GLY D 99 -15.44 5.18 21.41
CA GLY D 99 -14.95 6.54 21.17
C GLY D 99 -13.77 6.96 22.03
N GLY D 100 -13.69 6.41 23.23
CA GLY D 100 -12.60 6.72 24.17
C GLY D 100 -11.26 6.17 23.72
N SER D 101 -10.17 6.87 24.08
CA SER D 101 -8.81 6.44 23.78
C SER D 101 -8.50 5.24 24.70
N PRO D 102 -7.49 4.38 24.41
CA PRO D 102 -7.18 3.29 25.35
C PRO D 102 -6.93 3.78 26.78
N GLU D 103 -6.30 4.96 26.93
CA GLU D 103 -5.98 5.60 28.22
C GLU D 103 -7.25 6.00 28.98
N LEU D 104 -8.19 6.68 28.30
CA LEU D 104 -9.47 7.10 28.91
C LEU D 104 -10.30 5.87 29.31
N LYS D 105 -10.33 4.85 28.43
CA LYS D 105 -11.09 3.62 28.69
C LYS D 105 -10.55 2.89 29.92
N GLU D 106 -9.25 2.81 30.06
CA GLU D 106 -8.65 2.13 31.23
C GLU D 106 -8.91 2.94 32.51
N ARG D 107 -8.82 4.26 32.43
CA ARG D 107 -9.05 5.17 33.53
C ARG D 107 -10.49 5.16 34.08
N TYR D 108 -11.50 5.04 33.20
CA TYR D 108 -12.89 5.11 33.63
C TYR D 108 -13.68 3.81 33.57
N LEU D 109 -13.34 2.87 32.67
CA LEU D 109 -14.13 1.63 32.59
C LEU D 109 -13.76 0.60 33.64
N ARG D 110 -12.48 0.62 34.11
CA ARG D 110 -11.96 -0.31 35.11
C ARG D 110 -12.81 -0.35 36.40
N ARG D 111 -13.31 0.83 36.84
CA ARG D 111 -14.10 0.93 38.06
C ARG D 111 -15.47 0.23 37.99
N PHE D 112 -15.90 -0.15 36.77
CA PHE D 112 -17.16 -0.87 36.55
C PHE D 112 -16.96 -2.40 36.45
N ALA D 113 -15.71 -2.88 36.62
CA ALA D 113 -15.35 -4.31 36.56
C ALA D 113 -16.07 -5.14 37.61
N GLY D 114 -16.29 -6.41 37.28
CA GLY D 114 -16.90 -7.40 38.17
C GLY D 114 -18.19 -7.00 38.83
N GLU D 115 -18.21 -7.02 40.18
CA GLU D 115 -19.39 -6.74 40.99
C GLU D 115 -19.56 -5.25 41.39
N SER D 116 -18.89 -4.33 40.69
CA SER D 116 -19.01 -2.90 40.98
C SER D 116 -20.47 -2.42 40.92
N THR D 117 -20.86 -1.52 41.84
CA THR D 117 -22.21 -0.97 41.90
C THR D 117 -22.25 0.49 41.42
N LEU D 118 -21.13 1.01 40.90
CA LEU D 118 -21.05 2.38 40.39
C LEU D 118 -21.99 2.58 39.21
N LEU D 119 -22.54 3.80 39.10
CA LEU D 119 -23.53 4.11 38.07
C LEU D 119 -23.06 5.08 37.01
N THR D 120 -23.63 4.97 35.81
CA THR D 120 -23.35 5.88 34.71
C THR D 120 -24.61 6.65 34.31
N ALA D 121 -24.44 7.68 33.46
CA ALA D 121 -25.54 8.44 32.87
C ALA D 121 -25.05 9.09 31.60
N LEU D 122 -26.00 9.40 30.71
CA LEU D 122 -25.71 10.10 29.46
C LEU D 122 -26.50 11.40 29.50
N ALA D 123 -25.81 12.54 29.36
CA ALA D 123 -26.43 13.85 29.40
C ALA D 123 -26.29 14.60 28.09
N ALA D 124 -27.33 14.51 27.22
CA ALA D 124 -27.33 15.20 25.94
C ALA D 124 -28.48 16.21 25.88
N THR D 125 -29.71 15.77 26.23
CA THR D 125 -30.95 16.55 26.17
C THR D 125 -30.89 17.79 27.05
N GLU D 126 -31.46 18.89 26.55
CA GLU D 126 -31.57 20.16 27.26
C GLU D 126 -32.97 20.71 27.02
N PRO D 127 -33.42 21.70 27.83
CA PRO D 127 -34.72 22.33 27.57
C PRO D 127 -34.84 22.87 26.14
N ALA D 128 -33.75 23.45 25.57
CA ALA D 128 -33.76 23.96 24.20
C ALA D 128 -33.42 22.89 23.15
N ALA D 129 -33.05 21.66 23.57
CA ALA D 129 -32.61 20.62 22.64
C ALA D 129 -33.12 19.21 23.02
N GLY D 130 -34.24 18.82 22.46
CA GLY D 130 -34.83 17.49 22.67
C GLY D 130 -34.67 16.70 21.39
N SER D 131 -35.65 16.81 20.49
CA SER D 131 -35.56 16.16 19.17
C SER D 131 -34.43 16.81 18.39
N ASP D 132 -34.29 18.16 18.49
CA ASP D 132 -33.23 18.92 17.81
C ASP D 132 -32.01 18.96 18.72
N LEU D 133 -31.24 17.86 18.72
CA LEU D 133 -30.04 17.79 19.57
C LEU D 133 -28.97 18.81 19.19
N LEU D 134 -28.91 19.20 17.90
CA LEU D 134 -27.98 20.19 17.39
C LEU D 134 -28.21 21.59 18.00
N ALA D 135 -29.39 21.80 18.63
CA ALA D 135 -29.69 23.08 19.26
C ALA D 135 -29.16 23.16 20.70
N MET D 136 -28.43 22.11 21.18
CA MET D 136 -27.92 22.16 22.56
C MET D 136 -27.05 23.39 22.81
N LYS D 137 -27.20 24.01 23.99
CA LYS D 137 -26.51 25.26 24.34
C LYS D 137 -25.28 25.09 25.24
N THR D 138 -25.15 23.92 25.93
CA THR D 138 -23.99 23.64 26.80
C THR D 138 -22.69 23.84 26.01
N ARG D 139 -21.75 24.59 26.60
CA ARG D 139 -20.47 24.92 25.99
C ARG D 139 -19.33 24.38 26.81
N ALA D 140 -18.25 23.97 26.12
CA ALA D 140 -17.01 23.49 26.71
C ALA D 140 -15.90 24.32 26.09
N VAL D 141 -15.19 25.09 26.94
CA VAL D 141 -14.12 25.98 26.50
C VAL D 141 -12.80 25.48 27.07
N ARG D 142 -11.85 25.13 26.20
CA ARG D 142 -10.51 24.67 26.66
C ARG D 142 -9.81 25.84 27.33
N GLN D 143 -9.29 25.65 28.55
CA GLN D 143 -8.57 26.65 29.35
C GLN D 143 -7.47 25.93 30.12
N GLY D 144 -6.27 25.93 29.55
CA GLY D 144 -5.14 25.24 30.14
C GLY D 144 -5.33 23.73 30.12
N ASP D 145 -5.19 23.08 31.27
CA ASP D 145 -5.32 21.62 31.37
C ASP D 145 -6.78 21.19 31.66
N LYS D 146 -7.74 22.10 31.46
CA LYS D 146 -9.16 21.84 31.72
C LYS D 146 -10.05 22.34 30.60
N TYR D 147 -11.29 21.87 30.61
CA TYR D 147 -12.38 22.37 29.79
C TYR D 147 -13.32 22.99 30.81
N VAL D 148 -13.75 24.24 30.58
CA VAL D 148 -14.70 24.91 31.45
C VAL D 148 -16.06 24.73 30.80
N ILE D 149 -16.95 23.99 31.47
CA ILE D 149 -18.27 23.66 30.95
C ILE D 149 -19.35 24.49 31.62
N ASN D 150 -20.18 25.12 30.80
CA ASN D 150 -21.30 25.93 31.23
C ASN D 150 -22.54 25.54 30.45
N GLY D 151 -23.61 25.28 31.16
CA GLY D 151 -24.88 24.89 30.54
C GLY D 151 -25.81 24.14 31.47
N GLN D 152 -26.71 23.38 30.86
CA GLN D 152 -27.69 22.61 31.58
C GLN D 152 -28.16 21.42 30.78
N LYS D 153 -28.70 20.41 31.45
CA LYS D 153 -29.28 19.22 30.82
C LYS D 153 -30.54 18.87 31.57
N CYS D 154 -31.49 18.21 30.91
CA CYS D 154 -32.73 17.80 31.59
C CYS D 154 -33.14 16.42 31.14
N PHE D 155 -33.99 15.75 31.97
CA PHE D 155 -34.49 14.39 31.75
C PHE D 155 -33.33 13.36 31.78
N ILE D 156 -32.28 13.63 32.55
CA ILE D 156 -31.12 12.73 32.59
C ILE D 156 -31.35 11.57 33.54
N THR D 157 -31.56 10.37 32.98
CA THR D 157 -31.78 9.17 33.78
C THR D 157 -30.58 8.87 34.67
N ASN D 158 -30.81 8.75 35.99
CA ASN D 158 -29.76 8.51 36.99
C ASN D 158 -28.71 9.65 37.05
N GLY D 159 -29.06 10.80 36.50
CA GLY D 159 -28.18 11.96 36.44
C GLY D 159 -27.60 12.38 37.78
N SER D 160 -28.46 12.50 38.80
CA SER D 160 -28.01 12.94 40.13
C SER D 160 -27.29 11.86 40.97
N VAL D 161 -27.30 10.59 40.51
CA VAL D 161 -26.67 9.49 41.25
C VAL D 161 -25.51 8.82 40.51
N ALA D 162 -25.30 9.19 39.23
CA ALA D 162 -24.22 8.63 38.41
C ALA D 162 -22.85 9.03 38.92
N ASP D 163 -21.95 8.07 38.96
CA ASP D 163 -20.57 8.30 39.36
C ASP D 163 -19.81 8.86 38.14
N VAL D 164 -20.21 8.42 36.92
CA VAL D 164 -19.62 8.87 35.67
C VAL D 164 -20.77 9.32 34.76
N ILE D 165 -20.70 10.56 34.25
CA ILE D 165 -21.70 11.12 33.33
C ILE D 165 -21.01 11.48 32.02
N VAL D 166 -21.59 11.06 30.89
CA VAL D 166 -21.06 11.49 29.60
C VAL D 166 -21.83 12.76 29.24
N VAL D 167 -21.14 13.89 29.13
CA VAL D 167 -21.79 15.16 28.83
C VAL D 167 -21.44 15.59 27.41
N TYR D 168 -22.46 15.96 26.62
CA TYR D 168 -22.25 16.48 25.27
C TYR D 168 -22.34 18.00 25.32
N ALA D 169 -21.38 18.68 24.70
CA ALA D 169 -21.31 20.14 24.70
C ALA D 169 -20.62 20.65 23.45
N TYR D 170 -20.97 21.87 23.02
CA TYR D 170 -20.31 22.50 21.89
C TYR D 170 -18.93 23.00 22.27
N THR D 171 -17.90 22.57 21.52
CA THR D 171 -16.53 23.09 21.64
C THR D 171 -16.37 24.15 20.56
N ASP D 172 -17.20 24.07 19.49
CA ASP D 172 -17.19 25.05 18.40
C ASP D 172 -18.61 25.22 17.85
N PRO D 173 -19.39 26.21 18.37
CA PRO D 173 -20.78 26.39 17.88
C PRO D 173 -20.91 26.71 16.40
N GLU D 174 -19.89 27.32 15.78
CA GLU D 174 -19.89 27.68 14.36
C GLU D 174 -19.77 26.46 13.42
N LYS D 175 -19.35 25.31 13.98
CA LYS D 175 -19.10 24.06 13.22
C LYS D 175 -20.33 23.14 13.15
N GLY D 176 -21.43 23.46 13.85
CA GLY D 176 -22.66 22.68 13.93
C GLY D 176 -22.46 21.23 14.33
N SER D 177 -22.86 20.29 13.43
CA SER D 177 -22.73 18.84 13.66
C SER D 177 -21.27 18.38 13.81
N LYS D 178 -20.31 19.28 13.53
CA LYS D 178 -18.86 18.92 13.66
C LYS D 178 -18.22 19.76 14.78
N GLY D 179 -19.07 20.41 15.58
CA GLY D 179 -18.61 21.24 16.69
C GLY D 179 -18.94 20.76 18.10
N ILE D 180 -19.56 19.57 18.22
CA ILE D 180 -19.91 19.01 19.53
C ILE D 180 -18.82 18.04 19.98
N SER D 181 -18.54 18.02 21.28
CA SER D 181 -17.58 17.09 21.87
C SER D 181 -18.26 16.38 23.06
N ALA D 182 -17.70 15.23 23.45
CA ALA D 182 -18.22 14.42 24.56
C ALA D 182 -17.18 14.36 25.66
N PHE D 183 -17.63 14.47 26.92
CA PHE D 183 -16.73 14.51 28.07
C PHE D 183 -17.17 13.60 29.19
N VAL D 184 -16.18 13.00 29.87
CA VAL D 184 -16.44 12.20 31.06
C VAL D 184 -16.48 13.22 32.22
N VAL D 185 -17.58 13.23 32.97
CA VAL D 185 -17.75 14.13 34.11
C VAL D 185 -17.99 13.26 35.32
N GLU D 186 -17.16 13.40 36.36
CA GLU D 186 -17.30 12.58 37.56
C GLU D 186 -18.20 13.24 38.59
N LYS D 187 -18.87 12.40 39.39
CA LYS D 187 -19.65 12.87 40.54
C LYS D 187 -18.62 13.57 41.47
N GLY D 188 -19.02 14.68 42.07
CA GLY D 188 -18.15 15.43 42.97
C GLY D 188 -17.31 16.51 42.30
N THR D 189 -17.46 16.69 40.97
CA THR D 189 -16.75 17.73 40.25
C THR D 189 -17.31 19.11 40.64
N PRO D 190 -16.48 20.08 41.11
CA PRO D 190 -17.01 21.41 41.45
C PRO D 190 -17.66 22.06 40.23
N GLY D 191 -18.84 22.65 40.42
CA GLY D 191 -19.59 23.27 39.34
C GLY D 191 -20.70 22.40 38.80
N LEU D 192 -20.71 21.09 39.18
CA LEU D 192 -21.78 20.16 38.81
C LEU D 192 -22.86 20.36 39.86
N VAL D 193 -24.03 20.88 39.42
CA VAL D 193 -25.17 21.19 40.29
C VAL D 193 -26.38 20.33 39.88
N TYR D 194 -27.06 19.74 40.87
CA TYR D 194 -28.25 18.94 40.60
C TYR D 194 -29.48 19.78 40.80
N GLY D 195 -30.39 19.68 39.83
CA GLY D 195 -31.67 20.37 39.88
C GLY D 195 -32.72 19.46 40.49
N ARG D 196 -33.91 19.49 39.93
CA ARG D 196 -35.06 18.70 40.42
C ARG D 196 -35.14 17.32 39.79
N ASN D 197 -35.63 16.35 40.59
N ASN D 197 -35.62 16.33 40.56
CA ASN D 197 -35.89 14.98 40.17
CA ASN D 197 -35.78 14.97 40.06
C ASN D 197 -37.38 15.07 39.82
C ASN D 197 -37.29 14.86 39.78
N GLU D 198 -37.65 15.13 38.53
CA GLU D 198 -39.00 15.30 38.01
C GLU D 198 -40.00 14.16 38.31
N SER D 199 -41.23 14.54 38.70
N SER D 199 -41.23 14.54 38.70
CA SER D 199 -42.34 13.64 38.98
CA SER D 199 -42.34 13.63 38.97
C SER D 199 -42.98 13.28 37.63
C SER D 199 -42.96 13.29 37.61
N LYS D 200 -42.96 11.99 37.29
CA LYS D 200 -43.45 11.50 35.99
C LYS D 200 -44.72 10.69 36.10
N MET D 201 -45.36 10.48 34.94
CA MET D 201 -46.57 9.68 34.82
C MET D 201 -46.29 8.22 35.21
N GLY D 202 -45.18 7.70 34.69
CA GLY D 202 -44.77 6.32 34.87
C GLY D 202 -43.27 6.19 35.03
N MET D 203 -42.79 4.92 34.99
CA MET D 203 -41.40 4.53 35.28
C MET D 203 -40.93 5.33 36.49
N ARG D 204 -41.79 5.31 37.54
CA ARG D 204 -41.58 6.10 38.75
C ARG D 204 -40.42 5.61 39.63
N GLY D 205 -40.06 4.33 39.49
CA GLY D 205 -38.95 3.75 40.21
C GLY D 205 -37.63 4.06 39.52
N SER D 206 -37.40 5.36 39.22
CA SER D 206 -36.23 5.81 38.52
C SER D 206 -35.85 7.21 39.02
N ILE D 207 -34.75 7.74 38.49
CA ILE D 207 -34.28 9.09 38.83
C ILE D 207 -34.13 9.78 37.49
N ASN D 208 -34.78 10.94 37.32
CA ASN D 208 -34.76 11.72 36.08
C ASN D 208 -34.37 13.13 36.46
N SER D 209 -33.09 13.46 36.25
CA SER D 209 -32.48 14.68 36.75
C SER D 209 -32.27 15.84 35.81
N GLU D 210 -32.33 17.04 36.39
CA GLU D 210 -31.88 18.25 35.74
C GLU D 210 -30.43 18.37 36.21
N LEU D 211 -29.51 18.75 35.29
CA LEU D 211 -28.11 18.98 35.65
C LEU D 211 -27.75 20.38 35.22
N PHE D 212 -26.95 21.07 36.04
CA PHE D 212 -26.46 22.41 35.72
C PHE D 212 -24.94 22.38 35.83
N PHE D 213 -24.27 23.07 34.89
CA PHE D 213 -22.81 23.15 34.89
C PHE D 213 -22.51 24.63 35.02
N GLU D 214 -21.96 25.02 36.17
CA GLU D 214 -21.66 26.42 36.48
C GLU D 214 -20.16 26.55 36.65
N ASN D 215 -19.47 27.00 35.56
CA ASN D 215 -18.02 27.09 35.44
C ASN D 215 -17.37 25.78 35.90
N MET D 216 -17.95 24.65 35.44
CA MET D 216 -17.52 23.31 35.80
C MET D 216 -16.26 22.94 35.07
N GLU D 217 -15.16 22.79 35.83
CA GLU D 217 -13.87 22.44 35.25
C GLU D 217 -13.67 20.93 35.22
N VAL D 218 -13.43 20.38 34.02
CA VAL D 218 -13.14 18.96 33.87
C VAL D 218 -11.74 18.79 33.28
N PRO D 219 -10.94 17.78 33.72
CA PRO D 219 -9.61 17.59 33.13
C PRO D 219 -9.70 17.51 31.60
N ALA D 220 -8.74 18.14 30.89
CA ALA D 220 -8.71 18.11 29.43
C ALA D 220 -8.63 16.68 28.90
N GLU D 221 -8.09 15.76 29.71
CA GLU D 221 -7.93 14.35 29.27
C GLU D 221 -9.25 13.56 29.41
N ASN D 222 -10.29 14.21 29.93
CA ASN D 222 -11.61 13.59 30.07
C ASN D 222 -12.43 13.63 28.77
N ILE D 223 -11.89 14.29 27.72
CA ILE D 223 -12.58 14.34 26.42
C ILE D 223 -12.61 12.94 25.79
N ILE D 224 -13.78 12.56 25.24
CA ILE D 224 -13.98 11.28 24.57
C ILE D 224 -13.75 11.52 23.09
N GLY D 225 -12.68 10.96 22.56
CA GLY D 225 -12.31 11.15 21.15
C GLY D 225 -11.81 12.55 20.87
N ALA D 226 -11.68 12.89 19.59
CA ALA D 226 -11.20 14.22 19.18
C ALA D 226 -12.30 15.26 19.31
N GLU D 227 -11.93 16.54 19.44
CA GLU D 227 -12.89 17.64 19.48
C GLU D 227 -13.73 17.62 18.19
N GLY D 228 -15.03 17.80 18.32
CA GLY D 228 -15.92 17.85 17.16
C GLY D 228 -16.52 16.53 16.72
N THR D 229 -16.06 15.41 17.32
CA THR D 229 -16.56 14.07 16.97
C THR D 229 -17.74 13.64 17.88
N GLY D 230 -18.15 14.51 18.80
CA GLY D 230 -19.23 14.22 19.76
C GLY D 230 -20.59 13.92 19.18
N PHE D 231 -21.00 14.63 18.10
CA PHE D 231 -22.31 14.37 17.51
C PHE D 231 -22.40 12.96 16.91
N ALA D 232 -21.33 12.53 16.19
CA ALA D 232 -21.27 11.18 15.60
C ALA D 232 -21.31 10.12 16.72
N ASN D 233 -20.59 10.38 17.85
CA ASN D 233 -20.54 9.51 19.01
C ASN D 233 -21.96 9.35 19.60
N LEU D 234 -22.67 10.49 19.74
CA LEU D 234 -24.03 10.51 20.28
C LEU D 234 -24.98 9.73 19.35
N MET D 235 -24.92 10.01 18.04
CA MET D 235 -25.77 9.34 17.04
C MET D 235 -25.58 7.83 17.04
N GLN D 236 -24.34 7.38 17.14
CA GLN D 236 -24.15 5.92 17.16
C GLN D 236 -24.66 5.32 18.49
N THR D 237 -24.48 6.02 19.63
CA THR D 237 -25.06 5.54 20.90
C THR D 237 -26.59 5.43 20.80
N LEU D 238 -27.25 6.39 20.15
CA LEU D 238 -28.72 6.38 20.00
C LEU D 238 -29.21 5.21 19.16
N SER D 239 -28.45 4.83 18.11
CA SER D 239 -28.79 3.68 17.27
C SER D 239 -28.90 2.42 18.13
N THR D 240 -27.99 2.26 19.10
CA THR D 240 -28.00 1.11 20.00
C THR D 240 -29.09 1.24 21.05
N ASN D 241 -29.16 2.40 21.73
CA ASN D 241 -30.14 2.66 22.79
C ASN D 241 -31.61 2.51 22.33
N ARG D 242 -31.88 2.75 21.03
CA ARG D 242 -33.23 2.57 20.47
C ARG D 242 -33.65 1.08 20.48
N VAL D 243 -32.67 0.17 20.31
CA VAL D 243 -32.94 -1.27 20.35
C VAL D 243 -33.24 -1.68 21.81
N PHE D 244 -32.56 -1.03 22.79
CA PHE D 244 -32.81 -1.28 24.21
C PHE D 244 -34.22 -0.89 24.59
N CYS D 245 -34.65 0.30 24.10
CA CYS D 245 -36.01 0.81 24.31
C CYS D 245 -37.00 -0.18 23.71
N ALA D 246 -36.74 -0.62 22.45
CA ALA D 246 -37.60 -1.60 21.79
C ALA D 246 -37.76 -2.87 22.65
N ALA D 247 -36.64 -3.43 23.15
CA ALA D 247 -36.68 -4.64 23.97
C ALA D 247 -37.47 -4.43 25.26
N GLN D 248 -37.27 -3.29 25.93
CA GLN D 248 -38.03 -2.98 27.14
C GLN D 248 -39.54 -2.92 26.81
N ALA D 249 -39.88 -2.27 25.68
CA ALA D 249 -41.28 -2.15 25.26
C ALA D 249 -41.92 -3.52 24.94
N VAL D 250 -41.15 -4.44 24.28
CA VAL D 250 -41.65 -5.80 24.00
C VAL D 250 -41.98 -6.47 25.36
N GLY D 251 -41.09 -6.31 26.35
CA GLY D 251 -41.29 -6.86 27.68
C GLY D 251 -42.53 -6.31 28.35
N ILE D 252 -42.70 -4.97 28.33
CA ILE D 252 -43.88 -4.33 28.94
C ILE D 252 -45.15 -4.90 28.31
N ALA D 253 -45.18 -4.96 26.99
CA ALA D 253 -46.32 -5.49 26.26
C ALA D 253 -46.61 -6.95 26.67
N GLN D 254 -45.56 -7.79 26.77
CA GLN D 254 -45.71 -9.19 27.16
C GLN D 254 -46.28 -9.32 28.58
N GLY D 255 -45.74 -8.55 29.50
CA GLY D 255 -46.19 -8.56 30.91
C GLY D 255 -47.65 -8.23 31.06
N ALA D 256 -48.10 -7.21 30.30
CA ALA D 256 -49.49 -6.77 30.30
C ALA D 256 -50.37 -7.86 29.70
N LEU D 257 -49.93 -8.42 28.56
CA LEU D 257 -50.61 -9.54 27.90
C LEU D 257 -50.75 -10.73 28.85
N ASP D 258 -49.69 -11.04 29.59
CA ASP D 258 -49.75 -12.20 30.51
C ASP D 258 -50.85 -12.01 31.56
N ILE D 259 -50.95 -10.81 32.14
CA ILE D 259 -51.98 -10.51 33.15
C ILE D 259 -53.37 -10.60 32.53
N ALA D 260 -53.50 -10.07 31.31
CA ALA D 260 -54.76 -10.06 30.55
C ALA D 260 -55.25 -11.50 30.33
N VAL D 261 -54.38 -12.31 29.74
CA VAL D 261 -54.70 -13.71 29.39
C VAL D 261 -55.15 -14.51 30.64
N ARG D 262 -54.44 -14.35 31.74
CA ARG D 262 -54.74 -15.08 33.00
C ARG D 262 -56.08 -14.60 33.54
N HIS D 263 -56.35 -13.29 33.46
CA HIS D 263 -57.65 -12.75 33.85
C HIS D 263 -58.79 -13.36 33.03
N THR D 264 -58.62 -13.51 31.69
CA THR D 264 -59.69 -14.09 30.85
C THR D 264 -60.02 -15.52 31.27
N GLN D 265 -59.02 -16.25 31.76
CA GLN D 265 -59.18 -17.64 32.20
C GLN D 265 -59.87 -17.74 33.55
N ASP D 266 -59.65 -16.76 34.44
CA ASP D 266 -60.20 -16.77 35.81
C ASP D 266 -61.52 -16.02 35.98
N ARG D 267 -61.71 -14.94 35.21
CA ARG D 267 -62.89 -14.08 35.29
C ARG D 267 -64.10 -14.69 34.62
N VAL D 268 -65.13 -14.99 35.42
CA VAL D 268 -66.38 -15.56 34.93
C VAL D 268 -67.45 -14.48 34.83
N GLN D 269 -68.04 -14.33 33.64
CA GLN D 269 -69.17 -13.47 33.36
C GLN D 269 -69.97 -14.18 32.28
N PHE D 270 -71.31 -14.11 32.39
CA PHE D 270 -72.23 -14.78 31.47
C PHE D 270 -72.08 -16.32 31.56
N GLY D 271 -71.81 -16.79 32.79
CA GLY D 271 -71.73 -18.20 33.16
C GLY D 271 -70.47 -18.98 32.83
N LYS D 272 -69.49 -18.35 32.17
CA LYS D 272 -68.25 -19.01 31.76
C LYS D 272 -67.08 -18.04 31.89
N PRO D 273 -65.81 -18.45 32.00
CA PRO D 273 -64.71 -17.46 31.98
C PRO D 273 -64.89 -16.58 30.74
N ILE D 274 -64.34 -15.38 30.81
CA ILE D 274 -64.50 -14.44 29.69
C ILE D 274 -63.64 -14.80 28.44
N ALA D 275 -62.70 -15.75 28.55
CA ALA D 275 -61.93 -16.30 27.42
C ALA D 275 -62.87 -16.97 26.40
N HIS D 276 -64.07 -17.35 26.84
CA HIS D 276 -65.09 -18.06 26.01
C HIS D 276 -65.72 -17.11 24.97
N LEU D 277 -65.56 -15.81 25.18
CA LEU D 277 -66.23 -14.79 24.39
C LEU D 277 -65.36 -14.43 23.20
N ALA D 278 -65.92 -14.53 21.97
CA ALA D 278 -65.20 -14.23 20.73
C ALA D 278 -64.52 -12.85 20.73
N PRO D 279 -65.17 -11.73 21.18
CA PRO D 279 -64.46 -10.44 21.16
C PRO D 279 -63.21 -10.42 22.04
N VAL D 280 -63.23 -11.15 23.16
CA VAL D 280 -62.09 -11.26 24.08
C VAL D 280 -60.96 -12.04 23.37
N GLN D 281 -61.32 -13.11 22.66
CA GLN D 281 -60.33 -13.90 21.87
C GLN D 281 -59.67 -12.99 20.82
N PHE D 282 -60.47 -12.15 20.17
CA PHE D 282 -59.94 -11.26 19.13
C PHE D 282 -58.98 -10.25 19.69
N MET D 283 -59.32 -9.66 20.85
CA MET D 283 -58.48 -8.69 21.53
C MET D 283 -57.13 -9.31 21.85
N VAL D 284 -57.15 -10.51 22.48
CA VAL D 284 -55.96 -11.25 22.87
C VAL D 284 -55.15 -11.66 21.61
N ALA D 285 -55.85 -12.09 20.52
CA ALA D 285 -55.18 -12.45 19.26
C ALA D 285 -54.38 -11.26 18.76
N ASP D 286 -55.01 -10.06 18.73
CA ASP D 286 -54.37 -8.86 18.23
C ASP D 286 -53.20 -8.45 19.10
N MET D 287 -53.37 -8.50 20.42
CA MET D 287 -52.31 -8.12 21.33
C MET D 287 -51.09 -9.06 21.14
N ALA D 288 -51.30 -10.39 21.19
CA ALA D 288 -50.21 -11.37 21.04
C ALA D 288 -49.48 -11.26 19.71
N THR D 289 -50.24 -11.06 18.61
CA THR D 289 -49.66 -10.95 17.27
C THR D 289 -48.70 -9.76 17.23
N ALA D 290 -49.13 -8.60 17.80
CA ALA D 290 -48.32 -7.38 17.80
C ALA D 290 -47.07 -7.53 18.68
N VAL D 291 -47.19 -8.24 19.82
CA VAL D 291 -46.06 -8.48 20.70
C VAL D 291 -45.03 -9.37 19.96
N GLU D 292 -45.50 -10.45 19.32
CA GLU D 292 -44.59 -11.34 18.60
C GLU D 292 -43.86 -10.62 17.47
N ALA D 293 -44.61 -9.80 16.69
CA ALA D 293 -44.02 -9.04 15.57
C ALA D 293 -42.97 -8.06 16.09
N SER D 294 -43.28 -7.37 17.21
CA SER D 294 -42.35 -6.43 17.81
C SER D 294 -41.10 -7.15 18.30
N ARG D 295 -41.30 -8.35 18.89
CA ARG D 295 -40.20 -9.17 19.41
C ARG D 295 -39.28 -9.60 18.26
N LEU D 296 -39.86 -10.06 17.14
CA LEU D 296 -39.05 -10.49 15.99
C LEU D 296 -38.25 -9.32 15.42
N LEU D 297 -38.87 -8.14 15.32
CA LEU D 297 -38.20 -6.93 14.76
C LEU D 297 -37.02 -6.54 15.68
N THR D 298 -37.28 -6.55 16.98
CA THR D 298 -36.27 -6.17 17.98
C THR D 298 -35.07 -7.13 17.96
N ARG D 299 -35.34 -8.44 17.94
CA ARG D 299 -34.26 -9.46 17.92
C ARG D 299 -33.44 -9.32 16.62
N LYS D 300 -34.09 -9.05 15.49
CA LYS D 300 -33.37 -8.86 14.24
C LYS D 300 -32.46 -7.63 14.35
N ALA D 301 -33.00 -6.51 14.85
CA ALA D 301 -32.24 -5.27 15.00
C ALA D 301 -31.02 -5.49 15.90
N ALA D 302 -31.19 -6.22 17.03
CA ALA D 302 -30.13 -6.52 17.99
C ALA D 302 -29.01 -7.38 17.35
N GLU D 303 -29.42 -8.39 16.60
CA GLU D 303 -28.55 -9.31 15.80
C GLU D 303 -27.71 -8.49 14.81
N LEU D 304 -28.33 -7.52 14.14
CA LEU D 304 -27.66 -6.65 13.14
C LEU D 304 -26.64 -5.75 13.81
N LEU D 305 -26.95 -5.21 14.97
CA LEU D 305 -26.03 -4.35 15.72
C LEU D 305 -24.79 -5.14 16.13
N ASP D 306 -24.98 -6.37 16.67
CA ASP D 306 -23.88 -7.25 17.07
C ASP D 306 -23.00 -7.62 15.88
N ASP D 307 -23.61 -7.77 14.68
CA ASP D 307 -22.91 -8.11 13.44
C ASP D 307 -22.18 -6.90 12.81
N GLY D 308 -22.45 -5.71 13.33
CA GLY D 308 -21.89 -4.46 12.82
C GLY D 308 -22.43 -4.13 11.43
N ASP D 309 -23.65 -4.63 11.12
CA ASP D 309 -24.31 -4.47 9.84
C ASP D 309 -24.93 -3.06 9.71
N LYS D 310 -24.71 -2.40 8.56
CA LYS D 310 -25.24 -1.05 8.26
C LYS D 310 -26.77 -0.99 8.38
N LYS D 311 -27.43 -2.12 8.11
CA LYS D 311 -28.91 -2.31 8.15
C LYS D 311 -29.47 -2.06 9.56
N ALA D 312 -28.62 -2.17 10.59
CA ALA D 312 -29.03 -2.03 11.99
C ALA D 312 -29.75 -0.71 12.30
N VAL D 313 -29.35 0.40 11.64
CA VAL D 313 -29.99 1.71 11.85
C VAL D 313 -31.46 1.66 11.43
N LEU D 314 -31.73 1.12 10.23
CA LEU D 314 -33.09 1.00 9.71
C LEU D 314 -33.92 0.05 10.59
N TYR D 315 -33.41 -1.15 10.86
CA TYR D 315 -34.20 -2.14 11.59
C TYR D 315 -34.36 -1.78 13.07
N GLY D 316 -33.40 -1.07 13.65
CA GLY D 316 -33.51 -0.60 15.03
C GLY D 316 -34.56 0.49 15.16
N SER D 317 -34.62 1.38 14.15
CA SER D 317 -35.61 2.45 14.10
C SER D 317 -37.03 1.84 13.96
N MET D 318 -37.20 0.86 13.04
CA MET D 318 -38.47 0.16 12.91
C MET D 318 -38.87 -0.56 14.22
N ALA D 319 -37.91 -1.26 14.84
CA ALA D 319 -38.17 -1.99 16.09
C ALA D 319 -38.62 -1.04 17.19
N LYS D 320 -37.91 0.11 17.35
CA LYS D 320 -38.26 1.09 18.38
C LYS D 320 -39.70 1.59 18.19
N THR D 321 -40.05 2.00 16.96
CA THR D 321 -41.39 2.51 16.67
C THR D 321 -42.48 1.46 16.95
N MET D 322 -42.41 0.32 16.27
CA MET D 322 -43.34 -0.81 16.41
C MET D 322 -43.48 -1.23 17.86
N ALA D 323 -42.34 -1.57 18.53
CA ALA D 323 -42.37 -2.10 19.91
C ALA D 323 -43.04 -1.16 20.91
N SER D 324 -42.70 0.14 20.85
CA SER D 324 -43.27 1.12 21.76
C SER D 324 -44.76 1.39 21.43
N ASP D 325 -45.11 1.45 20.14
CA ASP D 325 -46.53 1.64 19.81
C ASP D 325 -47.30 0.41 20.29
N THR D 326 -46.68 -0.80 20.15
CA THR D 326 -47.30 -2.07 20.60
C THR D 326 -47.44 -2.02 22.11
N ALA D 327 -46.39 -1.61 22.84
CA ALA D 327 -46.52 -1.53 24.30
C ALA D 327 -47.67 -0.60 24.69
N MET D 328 -47.81 0.54 23.99
CA MET D 328 -48.90 1.48 24.29
C MET D 328 -50.30 0.85 24.01
N ARG D 329 -50.54 0.29 22.80
N ARG D 329 -50.56 0.33 22.78
CA ARG D 329 -51.85 -0.33 22.50
CA ARG D 329 -51.90 -0.23 22.53
C ARG D 329 -52.12 -1.52 23.41
C ARG D 329 -52.16 -1.58 23.26
N VAL D 330 -51.12 -2.38 23.61
CA VAL D 330 -51.31 -3.64 24.35
C VAL D 330 -51.63 -3.37 25.79
N THR D 331 -50.88 -2.44 26.42
CA THR D 331 -51.17 -2.10 27.81
C THR D 331 -52.53 -1.44 27.95
N THR D 332 -52.93 -0.58 26.95
CA THR D 332 -54.24 0.08 26.95
C THR D 332 -55.33 -1.02 26.91
N ASP D 333 -55.15 -2.01 26.04
CA ASP D 333 -56.10 -3.11 25.90
C ASP D 333 -56.05 -4.09 27.08
N ALA D 334 -54.88 -4.24 27.77
CA ALA D 334 -54.79 -5.14 28.95
C ALA D 334 -55.60 -4.56 30.09
N VAL D 335 -55.53 -3.23 30.29
CA VAL D 335 -56.35 -2.54 31.31
C VAL D 335 -57.82 -2.80 30.94
N GLN D 336 -58.15 -2.68 29.63
CA GLN D 336 -59.51 -2.93 29.15
C GLN D 336 -59.97 -4.34 29.48
N VAL D 337 -59.13 -5.37 29.21
CA VAL D 337 -59.50 -6.77 29.46
C VAL D 337 -59.80 -7.03 30.94
N LEU D 338 -59.14 -6.31 31.85
CA LEU D 338 -59.41 -6.49 33.27
C LEU D 338 -60.65 -5.70 33.78
N GLY D 339 -61.26 -4.91 32.90
CA GLY D 339 -62.43 -4.09 33.23
C GLY D 339 -62.08 -3.13 34.35
N GLY D 340 -63.00 -2.94 35.29
CA GLY D 340 -62.81 -2.09 36.45
C GLY D 340 -61.57 -2.42 37.25
N SER D 341 -61.29 -3.72 37.43
CA SER D 341 -60.10 -4.17 38.18
C SER D 341 -58.79 -3.72 37.49
N GLY D 342 -58.83 -3.56 36.17
CA GLY D 342 -57.69 -3.11 35.38
C GLY D 342 -57.26 -1.69 35.71
N TYR D 343 -58.21 -0.86 36.16
CA TYR D 343 -57.97 0.54 36.50
C TYR D 343 -57.49 0.71 37.93
N MET D 344 -57.46 -0.38 38.73
CA MET D 344 -57.03 -0.34 40.11
C MET D 344 -55.51 -0.51 40.23
N LYS D 345 -54.86 0.35 41.01
CA LYS D 345 -53.41 0.31 41.19
C LYS D 345 -52.88 -1.05 41.66
N GLU D 346 -53.64 -1.76 42.53
CA GLU D 346 -53.20 -3.06 43.05
C GLU D 346 -52.99 -4.17 42.01
N ASN D 347 -53.49 -3.98 40.75
N ASN D 347 -53.45 -3.93 40.81
CA ASN D 347 -53.39 -5.01 39.70
CA ASN D 347 -53.45 -4.89 39.74
C ASN D 347 -52.28 -4.81 38.65
C ASN D 347 -52.20 -4.88 38.81
N GLY D 348 -51.44 -3.79 38.83
CA GLY D 348 -50.25 -3.61 38.01
C GLY D 348 -50.39 -3.17 36.56
N VAL D 349 -51.38 -3.67 35.82
CA VAL D 349 -51.53 -3.31 34.40
C VAL D 349 -51.66 -1.79 34.19
N GLU D 350 -52.31 -1.07 35.12
CA GLU D 350 -52.41 0.41 34.94
C GLU D 350 -50.98 1.05 35.00
N ARG D 351 -50.08 0.54 35.87
N ARG D 351 -50.07 0.52 35.88
CA ARG D 351 -48.70 1.06 35.93
CA ARG D 351 -48.66 1.00 35.97
C ARG D 351 -48.03 0.72 34.59
C ARG D 351 -48.01 0.71 34.62
N MET D 352 -48.21 -0.52 34.08
CA MET D 352 -47.62 -0.93 32.81
C MET D 352 -48.06 -0.01 31.69
N MET D 353 -49.33 0.46 31.73
CA MET D 353 -49.84 1.40 30.73
C MET D 353 -49.14 2.76 30.87
N ARG D 354 -48.96 3.24 32.12
CA ARG D 354 -48.28 4.49 32.39
C ARG D 354 -46.80 4.41 31.93
N ASP D 355 -46.15 3.28 32.23
CA ASP D 355 -44.75 3.01 31.87
C ASP D 355 -44.60 2.97 30.37
N ALA D 356 -45.52 2.27 29.68
CA ALA D 356 -45.50 2.11 28.21
C ALA D 356 -45.43 3.44 27.44
N LYS D 357 -46.18 4.47 27.89
CA LYS D 357 -46.21 5.79 27.23
C LYS D 357 -44.82 6.39 27.06
N LEU D 358 -43.94 6.21 28.04
CA LEU D 358 -42.57 6.76 27.94
C LEU D 358 -41.78 6.15 26.80
N THR D 359 -42.03 4.87 26.49
CA THR D 359 -41.25 4.21 25.44
C THR D 359 -41.47 4.84 24.08
N GLN D 360 -42.61 5.54 23.88
CA GLN D 360 -42.89 6.21 22.60
C GLN D 360 -42.17 7.55 22.49
N ILE D 361 -41.64 8.04 23.64
CA ILE D 361 -41.02 9.36 23.75
C ILE D 361 -39.49 9.33 23.88
N TYR D 362 -38.96 8.58 24.87
CA TYR D 362 -37.51 8.65 25.07
C TYR D 362 -36.75 7.76 24.08
N THR D 363 -35.40 7.98 24.02
CA THR D 363 -34.47 7.41 23.02
C THR D 363 -34.85 8.00 21.65
N GLY D 364 -35.56 9.13 21.65
CA GLY D 364 -36.04 9.78 20.45
C GLY D 364 -37.51 9.44 20.27
N THR D 365 -38.35 10.44 19.97
CA THR D 365 -39.79 10.17 19.84
C THR D 365 -40.08 9.28 18.63
N ASN D 366 -41.27 8.67 18.60
CA ASN D 366 -41.68 7.84 17.45
C ASN D 366 -41.87 8.66 16.18
N GLN D 367 -41.90 10.00 16.28
CA GLN D 367 -41.97 10.85 15.09
C GLN D 367 -40.56 10.91 14.53
N ILE D 368 -39.55 11.16 15.40
CA ILE D 368 -38.15 11.16 14.99
C ILE D 368 -37.74 9.78 14.44
N THR D 369 -38.15 8.68 15.11
CA THR D 369 -37.76 7.34 14.62
C THR D 369 -38.44 7.04 13.27
N ARG D 370 -39.68 7.47 13.09
CA ARG D 370 -40.33 7.35 11.75
C ARG D 370 -39.61 8.17 10.67
N MET D 371 -39.08 9.32 11.02
CA MET D 371 -38.27 10.15 10.10
C MET D 371 -36.96 9.42 9.77
N VAL D 372 -36.26 8.87 10.79
CA VAL D 372 -35.02 8.11 10.58
C VAL D 372 -35.28 6.92 9.64
N THR D 373 -36.39 6.17 9.89
CA THR D 373 -36.75 5.02 9.05
C THR D 373 -37.00 5.47 7.59
N GLY D 374 -37.88 6.47 7.41
CA GLY D 374 -38.23 7.01 6.10
C GLY D 374 -37.03 7.46 5.30
N ARG D 375 -36.12 8.22 5.96
CA ARG D 375 -34.90 8.71 5.32
C ARG D 375 -33.99 7.58 4.89
N ALA D 376 -33.86 6.52 5.73
CA ALA D 376 -33.03 5.34 5.43
C ALA D 376 -33.60 4.55 4.26
N LEU D 377 -34.94 4.46 4.18
CA LEU D 377 -35.58 3.76 3.07
C LEU D 377 -35.44 4.47 1.75
N LEU D 378 -35.76 5.79 1.68
CA LEU D 378 -35.69 6.32 0.32
C LEU D 378 -34.46 7.17 -0.01
N PHE D 379 -33.53 7.32 0.94
CA PHE D 379 -32.24 7.91 0.64
C PHE D 379 -31.13 6.95 1.16
N PRO D 380 -31.05 5.68 0.65
CA PRO D 380 -30.04 4.76 1.19
C PRO D 380 -28.59 5.17 0.83
PA FAD E . 40.37 16.54 -17.90
O1A FAD E . 41.77 17.02 -17.71
O2A FAD E . 40.04 15.09 -18.11
O5B FAD E . 39.74 17.30 -19.18
C5B FAD E . 40.20 18.59 -19.60
C4B FAD E . 39.51 18.91 -20.93
O4B FAD E . 39.98 17.95 -21.89
C3B FAD E . 37.98 18.75 -20.86
O3B FAD E . 37.36 19.71 -21.74
C2B FAD E . 37.76 17.38 -21.49
O2B FAD E . 36.46 17.25 -22.06
C1B FAD E . 38.87 17.33 -22.53
N9A FAD E . 39.18 15.93 -22.86
C8A FAD E . 39.77 15.03 -22.05
N7A FAD E . 39.85 13.83 -22.65
C5A FAD E . 39.32 13.96 -23.88
C6A FAD E . 39.11 13.07 -25.02
N6A FAD E . 39.52 11.78 -24.97
N1A FAD E . 38.48 13.59 -26.11
C2A FAD E . 38.09 14.88 -26.19
N3A FAD E . 38.30 15.76 -25.19
C4A FAD E . 38.84 15.35 -24.02
N1 FAD E . 34.75 12.23 -9.51
C2 FAD E . 34.60 11.16 -8.62
O2 FAD E . 35.34 10.15 -8.71
N3 FAD E . 33.66 11.24 -7.60
C4 FAD E . 32.85 12.36 -7.41
O4 FAD E . 32.00 12.40 -6.48
C4X FAD E . 32.89 13.37 -8.40
N5 FAD E . 32.27 14.70 -8.14
C5X FAD E . 32.50 15.85 -9.04
C6 FAD E . 32.29 17.07 -8.39
C7 FAD E . 32.88 18.25 -8.85
C7M FAD E . 32.46 19.58 -8.26
C8 FAD E . 33.86 18.17 -9.86
C8M FAD E . 34.64 19.36 -10.42
C9 FAD E . 34.27 16.93 -10.37
C9A FAD E . 33.72 15.74 -9.79
N10 FAD E . 34.11 14.48 -10.32
C10 FAD E . 33.98 13.39 -9.43
C1' FAD E . 35.16 14.38 -11.35
C2' FAD E . 34.79 14.61 -12.80
O2' FAD E . 34.03 13.63 -13.29
C3' FAD E . 35.71 15.20 -13.61
O3' FAD E . 36.32 16.33 -13.21
C4' FAD E . 35.70 14.95 -15.11
O4' FAD E . 35.77 13.56 -15.40
C5' FAD E . 36.79 15.70 -15.90
O5' FAD E . 38.10 15.32 -15.48
P FAD E . 39.26 16.42 -15.26
O1P FAD E . 38.70 17.46 -14.34
O2P FAD E . 40.55 15.72 -14.90
O3P FAD E . 39.42 17.10 -16.73
O3 4KW F . 37.43 6.54 -18.67
C4 4KW F . 35.24 10.10 -16.55
C5 4KW F . 34.97 9.92 -18.02
O4 4KW F . 37.54 5.05 -22.57
C6 4KW F . 35.24 7.59 -18.92
N1 4KW F . 34.13 10.39 -14.36
C7 4KW F . 36.17 6.45 -19.47
C8 4KW F . 36.40 6.43 -21.02
N2 4KW F . 35.82 8.80 -18.52
C9 4KW F . 35.09 6.47 -21.77
O5 4KW F . 40.10 4.91 -22.14
C10 4KW F . 37.26 7.69 -21.44
O6 4KW F . 39.20 4.95 -24.48
C11 4KW F . 37.18 5.08 -21.23
C12 4KW F . 38.22 0.20 -21.84
N3 4KW F . 33.97 -0.48 -21.10
C13 4KW F . 37.39 -1.00 -21.42
O7 4KW F . 38.88 2.94 -22.85
C14 4KW F . 35.18 -1.31 -21.20
O8 4KW F . 37.00 2.53 -24.62
C15 4KW F . 33.77 0.75 -21.64
N4 4KW F . 32.50 1.15 -21.32
O14 4KW F . 37.59 -5.55 -23.01
P3 4KW F . 37.69 -4.13 -23.50
O15 4KW F . 39.12 -3.76 -23.86
O16 4KW F . 36.81 -3.98 -24.73
O13 4KW F . 37.16 -3.24 -22.30
C21 4KW F . 36.94 -1.88 -22.54
C20 4KW F . 35.51 -1.53 -22.66
O12 4KW F . 34.69 -2.50 -23.27
C19 4KW F . 32.85 -0.86 -20.43
C16 4KW F . 31.90 0.17 -20.58
C17 4KW F . 30.63 -0.01 -20.00
N7 4KW F . 29.63 1.01 -20.09
N5 4KW F . 30.34 -1.13 -19.27
C18 4KW F . 31.29 -2.08 -19.16
N6 4KW F . 32.52 -1.98 -19.71
O11 4KW F . 36.25 -0.56 -20.71
O10 4KW F . 37.40 1.00 -22.68
P2 4KW F . 38.08 1.89 -23.78
O9 4KW F . 39.11 1.23 -24.67
P1 4KW F . 38.94 4.59 -23.04
O2 4KW F . 34.07 7.26 -18.96
C1 4KW F . 33.98 10.11 -15.71
O1 4KW F . 32.86 9.86 -16.24
C2 4KW F . 32.87 10.43 -13.49
C3 4KW F . 33.39 10.41 -12.06
S1 4KW F . 31.96 10.32 -10.98
C22 4KW F . 31.06 11.99 -11.06
O17 4KW F . 31.89 12.83 -11.69
C27 4KW F . 30.27 12.28 -9.95
C25 4KW F . 29.90 11.40 -8.98
C23 4KW F . 28.75 11.79 -8.08
C24 4KW F . 28.49 13.32 -7.84
C26 4KW F . 28.34 13.84 -9.26
C28 4KW F . 29.67 13.63 -10.01
C1 GOL G . 17.83 29.03 -25.60
O1 GOL G . 18.47 29.05 -24.33
C2 GOL G . 18.07 27.74 -26.37
O2 GOL G . 18.53 28.07 -27.69
C3 GOL G . 18.95 26.69 -25.72
O3 GOL G . 19.42 25.73 -26.64
PA FAD H . 6.21 35.77 -45.61
O1A FAD H . 6.32 36.95 -46.55
O2A FAD H . 5.02 35.64 -44.71
O5B FAD H . 7.51 35.73 -44.65
C5B FAD H . 8.75 36.30 -45.07
C4B FAD H . 9.68 36.30 -43.84
O4B FAD H . 9.10 37.17 -42.86
C3B FAD H . 9.77 34.90 -43.22
O3B FAD H . 11.10 34.69 -42.73
C2B FAD H . 8.82 35.00 -42.03
O2B FAD H . 9.16 34.09 -41.00
C1B FAD H . 9.00 36.46 -41.62
N9A FAD H . 7.82 36.90 -40.86
C8A FAD H . 6.58 37.11 -41.37
N7A FAD H . 5.71 37.46 -40.39
C5A FAD H . 6.41 37.50 -39.24
C6A FAD H . 6.10 37.83 -37.84
N6A FAD H . 4.84 38.20 -37.50
N1A FAD H . 7.12 37.72 -36.94
C2A FAD H . 8.38 37.37 -37.26
N3A FAD H . 8.74 37.08 -38.54
C4A FAD H . 7.79 37.10 -39.54
N1 FAD H . -0.04 27.21 -48.34
C2 FAD H . -1.31 26.70 -48.54
O2 FAD H . -2.33 27.42 -48.34
N3 FAD H . -1.50 25.41 -49.00
C4 FAD H . -0.42 24.59 -49.32
O4 FAD H . -0.61 23.43 -49.76
C4X FAD H . 0.89 25.02 -48.95
N5 FAD H . 2.08 24.31 -49.50
C5X FAD H . 3.43 24.89 -49.35
C6 FAD H . 4.30 24.41 -50.33
C7 FAD H . 5.46 25.11 -50.69
C7M FAD H . 6.48 24.42 -51.57
C8 FAD H . 5.61 26.43 -50.24
C8M FAD H . 6.77 27.35 -50.60
C9 FAD H . 4.63 27.05 -49.45
C9A FAD H . 3.43 26.32 -49.17
N10 FAD H . 2.43 26.93 -48.37
C10 FAD H . 1.10 26.44 -48.58
C1' FAD H . 2.55 28.34 -47.92
C2' FAD H . 3.41 28.62 -46.71
O2' FAD H . 2.85 28.17 -45.59
C3' FAD H . 4.11 29.79 -46.69
O3' FAD H . 4.86 30.12 -47.74
C4' FAD H . 4.47 30.43 -45.36
O4' FAD H . 3.33 30.63 -44.54
C5' FAD H . 5.27 31.73 -45.48
O5' FAD H . 4.53 32.73 -46.18
P FAD H . 5.26 33.67 -47.28
O1P FAD H . 5.93 32.76 -48.27
O2P FAD H . 4.25 34.66 -47.82
O3P FAD H . 6.41 34.41 -46.45
O3 4KW I . -2.02 33.76 -39.59
C4 4KW I . 0.74 30.76 -41.93
C5 4KW I . 1.20 31.17 -40.56
O4 4KW I . -1.83 35.53 -35.77
C6 4KW I . -0.60 31.85 -38.94
N1 4KW I . 0.33 28.79 -43.38
C7 4KW I . -1.56 32.96 -38.39
C8 4KW I . -1.01 33.82 -37.21
N2 4KW I . 0.24 32.16 -40.02
C9 4KW I . -0.47 32.96 -36.09
O5 4KW I . -2.56 37.63 -37.16
C10 4KW I . 0.16 34.74 -37.75
O6 4KW I . -1.43 37.88 -34.91
C11 4KW I . -2.27 34.63 -36.75
C12 4KW I . -6.64 35.97 -34.67
N3 4KW I . -6.85 31.85 -33.25
C13 4KW I . -7.77 35.09 -34.18
O7 4KW I . -3.86 36.92 -35.24
C14 4KW I . -7.76 33.00 -33.32
O8 4KW I . -3.24 36.03 -32.84
C15 4KW I . -5.50 31.88 -33.24
N4 4KW I . -5.04 30.60 -33.15
O14 4KW I . -11.36 36.03 -31.10
P3 4KW I . -9.91 36.30 -31.32
O15 4KW I . -9.66 37.74 -31.77
O16 4KW I . -9.17 36.05 -30.02
O13 4KW I . -9.44 35.29 -32.46
C21 4KW I . -8.07 35.18 -32.72
C20 4KW I . -7.47 33.94 -32.18
O12 4KW I . -7.99 33.49 -30.95
C19 4KW I . -7.26 30.56 -33.16
C16 4KW I . -6.09 29.75 -33.07
C17 4KW I . -6.26 28.36 -32.96
N7 4KW I . -5.13 27.48 -32.92
N5 4KW I . -7.51 27.82 -32.96
C18 4KW I . -8.60 28.64 -33.04
N6 4KW I . -8.48 29.97 -33.14
O11 4KW I . -7.46 33.72 -34.47
O10 4KW I . -5.45 35.57 -33.96
P2 4KW I . -4.32 36.63 -33.73
O9 4KW I . -4.76 37.96 -33.14
P1 4KW I . -2.31 37.02 -35.79
O2 4KW I . -0.71 30.81 -38.31
C1 4KW I . 0.62 29.26 -42.09
O1 4KW I . 0.80 28.50 -41.09
C2 4KW I . 0.25 27.30 -43.58
C3 4KW I . -0.44 27.12 -44.92
S1 4KW I . -0.69 25.37 -45.17
C22 4KW I . 0.99 24.57 -45.47
O17 4KW I . 1.86 25.57 -45.66
C27 4KW I . 0.94 23.36 -46.19
C25 4KW I . -0.19 22.64 -46.43
C23 4KW I . 0.01 21.21 -46.88
C24 4KW I . 1.33 20.83 -47.64
C26 4KW I . 2.38 21.29 -46.61
C28 4KW I . 2.27 22.82 -46.46
C1 GOL J . 22.17 19.45 -34.75
O1 GOL J . 21.47 20.52 -34.10
C2 GOL J . 23.61 19.82 -35.03
O2 GOL J . 24.33 20.03 -33.81
C3 GOL J . 24.27 18.70 -35.81
O3 GOL J . 23.72 18.56 -37.11
C1 GOL K . 18.03 7.91 -34.05
O1 GOL K . 17.93 9.26 -34.46
C2 GOL K . 19.39 7.65 -33.46
O2 GOL K . 19.24 7.33 -32.07
C3 GOL K . 20.08 6.51 -34.20
O3 GOL K . 20.09 6.71 -35.61
PA FAD L . 23.47 -36.08 27.07
O1A FAD L . 24.66 -36.57 26.31
O2A FAD L . 23.20 -34.66 27.40
O5B FAD L . 23.48 -36.85 28.51
C5B FAD L . 24.13 -38.12 28.68
C4B FAD L . 24.10 -38.44 30.18
O4B FAD L . 24.93 -37.47 30.86
C3B FAD L . 22.70 -38.35 30.77
O3B FAD L . 22.58 -39.34 31.82
C2B FAD L . 22.70 -36.97 31.41
O2B FAD L . 21.76 -36.88 32.50
C1B FAD L . 24.14 -36.86 31.89
N9A FAD L . 24.49 -35.44 32.06
C8A FAD L . 24.64 -34.53 31.07
N7A FAD L . 24.92 -33.31 31.58
C5A FAD L . 24.96 -33.44 32.92
C6A FAD L . 25.25 -32.55 34.04
N6A FAD L . 25.51 -31.23 33.80
N1A FAD L . 25.19 -33.06 35.30
C2A FAD L . 24.91 -34.38 35.53
N3A FAD L . 24.68 -35.26 34.54
C4A FAD L . 24.64 -34.84 33.25
N1 FAD L . 14.67 -32.22 21.90
C2 FAD L . 14.10 -31.17 21.16
O2 FAD L . 14.77 -30.12 20.94
N3 FAD L . 12.81 -31.29 20.66
C4 FAD L . 12.04 -32.45 20.84
O4 FAD L . 10.88 -32.53 20.36
C4X FAD L . 12.53 -33.43 21.74
N5 FAD L . 11.90 -34.78 21.79
C5X FAD L . 12.55 -35.90 22.50
C6 FAD L . 12.14 -37.13 21.99
C7 FAD L . 12.92 -38.29 22.18
C7M FAD L . 12.30 -39.65 21.87
C8 FAD L . 14.24 -38.16 22.66
C8M FAD L . 15.22 -39.32 22.85
C9 FAD L . 14.77 -36.89 22.93
C9A FAD L . 13.97 -35.74 22.67
N10 FAD L . 14.50 -34.44 22.95
C10 FAD L . 13.96 -33.38 22.18
C1' FAD L . 15.89 -34.27 23.41
C2' FAD L . 16.17 -34.51 24.88
O2' FAD L . 15.65 -33.54 25.63
C3' FAD L . 17.38 -35.04 25.21
O3' FAD L . 17.81 -36.15 24.61
C4' FAD L . 18.01 -34.73 26.57
O4' FAD L . 18.12 -33.32 26.80
C5' FAD L . 19.36 -35.40 26.80
O5' FAD L . 20.35 -34.99 25.83
P FAD L . 21.33 -36.05 25.19
O1P FAD L . 20.50 -37.16 24.60
O2P FAD L . 22.29 -35.34 24.26
O3P FAD L . 22.13 -36.69 26.43
O3 4KW M . 20.79 -26.21 28.93
C4 4KW M . 18.03 -29.89 28.02
C5 4KW M . 18.43 -29.69 29.46
O4 4KW M . 22.46 -24.62 32.44
C6 4KW M . 18.97 -27.33 30.15
N1 4KW M . 16.09 -30.27 26.54
C7 4KW M . 19.98 -26.12 30.21
C8 4KW M . 20.86 -26.10 31.51
N2 4KW M . 19.37 -28.52 29.52
C9 4KW M . 20.02 -26.19 32.79
O5 4KW M . 24.57 -24.45 30.88
C10 4KW M . 21.86 -27.31 31.52
O6 4KW M . 24.82 -24.48 33.41
C11 4KW M . 21.60 -24.72 31.35
C12 4KW M . 22.70 -19.79 31.28
N3 4KW M . 18.52 -19.24 32.43
C13 4KW M . 21.75 -18.61 31.22
O7 4KW M . 23.76 -22.51 32.04
C14 4KW M . 19.62 -18.37 31.98
O8 4KW M . 22.81 -22.06 34.45
C15 4KW M . 18.62 -20.42 33.03
N4 4KW M . 17.37 -20.89 33.33
O14 4KW M . 22.35 -13.99 32.44
P3 4KW M . 22.73 -15.37 32.87
O15 4KW M . 24.20 -15.70 32.59
O16 4KW M . 22.49 -15.50 34.37
O13 4KW M . 21.82 -16.36 32.05
C21 4KW M . 21.79 -17.71 32.41
C20 4KW M . 20.55 -18.08 33.14
O12 4KW M . 20.04 -17.09 34.00
C19 4KW M . 17.21 -18.90 32.35
C16 4KW M . 16.46 -19.96 32.93
C17 4KW M . 15.05 -19.86 32.97
N7 4KW M . 14.27 -20.93 33.53
N5 4KW M . 14.45 -18.76 32.41
C18 4KW M . 15.20 -17.76 31.88
N6 4KW M . 16.55 -17.82 31.84
O11 4KW M . 20.41 -19.10 31.10
O10 4KW M . 22.34 -20.57 32.43
P2 4KW M . 23.42 -21.43 33.18
O9 4KW M . 24.72 -20.74 33.50
P1 4KW M . 23.94 -24.13 32.22
O2 4KW M . 17.93 -27.06 30.70
C1 4KW M . 16.54 -29.96 27.82
O1 4KW M . 15.72 -29.74 28.79
C2 4KW M . 14.60 -30.38 26.31
C3 4KW M . 14.44 -30.38 24.79
S1 4KW M . 12.69 -30.36 24.45
C22 4KW M . 11.98 -32.04 24.92
O17 4KW M . 13.01 -32.84 25.12
C27 4KW M . 10.79 -32.37 24.27
C25 4KW M . 10.03 -31.51 23.52
C23 4KW M . 8.61 -31.98 23.22
C24 4KW M . 8.33 -33.51 23.12
C26 4KW M . 8.81 -33.99 24.49
C28 4KW M . 10.33 -33.74 24.58
C1 GOL N . 7.75 -46.95 43.68
O1 GOL N . 8.79 -45.99 43.91
C2 GOL N . 8.20 -48.34 44.04
O2 GOL N . 8.35 -48.43 45.46
C3 GOL N . 7.18 -49.38 43.60
O3 GOL N . 6.98 -49.38 42.19
C1 GOL O . 28.02 -26.93 34.43
O1 GOL O . 26.67 -26.57 34.13
C2 GOL O . 28.29 -28.37 34.05
O2 GOL O . 29.71 -28.57 33.95
C3 GOL O . 27.75 -29.33 35.08
O3 GOL O . 26.38 -29.08 35.36
PA FAD P . -39.68 17.88 21.54
O1A FAD P . -40.08 19.29 21.90
O2A FAD P . -38.44 17.58 20.74
O5B FAD P . -40.89 17.24 20.70
C5B FAD P . -42.25 17.62 20.92
C4B FAD P . -43.12 16.95 19.87
O4B FAD P . -42.71 17.42 18.57
C3B FAD P . -42.91 15.43 19.88
O3B FAD P . -44.15 14.75 19.62
C2B FAD P . -41.98 15.19 18.70
O2B FAD P . -42.18 13.88 18.11
C1B FAD P . -42.40 16.30 17.74
N9A FAD P . -41.29 16.60 16.83
C8A FAD P . -40.12 17.20 17.17
N7A FAD P . -39.31 17.31 16.10
C5A FAD P . -39.94 16.75 15.05
C6A FAD P . -39.63 16.53 13.63
N6A FAD P . -38.44 16.94 13.14
N1A FAD P . -40.57 15.89 12.87
C2A FAD P . -41.77 15.48 13.36
N3A FAD P . -42.13 15.68 14.66
C4A FAD P . -41.25 16.25 15.53
N1 FAD P . -32.14 12.45 27.31
C2 FAD P . -30.79 12.31 27.65
O2 FAD P . -29.93 13.05 27.13
N3 FAD P . -30.41 11.37 28.62
C4 FAD P . -31.33 10.55 29.27
O4 FAD P . -30.98 9.73 30.14
C4X FAD P . -32.67 10.57 28.80
N5 FAD P . -33.75 9.95 29.63
C5X FAD P . -35.15 10.19 29.35
C6 FAD P . -35.99 9.94 30.41
C7 FAD P . -37.23 10.58 30.58
C7M FAD P . -38.11 10.21 31.80
C8 FAD P . -37.62 11.49 29.57
C8M FAD P . -38.97 12.16 29.50
C9 FAD P . -36.75 11.87 28.52
C9A FAD P . -35.41 11.36 28.56
N10 FAD P . -34.51 11.74 27.55
C10 FAD P . -33.13 11.64 27.89
C1' FAD P . -34.88 12.79 26.57
C2' FAD P . -35.71 12.40 25.38
O2' FAD P . -35.02 11.63 24.52
C3' FAD P . -36.60 13.30 24.89
O3' FAD P . -37.45 13.90 25.73
C4' FAD P . -37.00 13.27 23.43
O4' FAD P . -35.86 13.33 22.56
C5' FAD P . -38.01 14.35 23.04
O5' FAD P . -37.50 15.67 23.23
P FAD P . -38.42 16.84 23.87
O1P FAD P . -38.94 16.29 25.17
O2P FAD P . -37.67 18.14 23.87
O3P FAD P . -39.68 16.93 22.85
O3 4KW Q . -30.93 15.06 16.58
C4 4KW Q . -33.24 12.84 20.03
C5 4KW Q . -33.70 12.55 18.63
O4 4KW Q . -31.24 15.10 12.38
C6 4KW Q . -31.98 12.85 16.81
N1 4KW Q . -32.54 11.74 22.14
C7 4KW Q . -31.20 13.79 15.81
C8 4KW Q . -31.86 14.01 14.40
N2 4KW Q . -32.93 13.41 17.68
C9 4KW Q . -32.22 12.70 13.74
O5 4KW Q . -31.03 17.70 12.70
C10 4KW Q . -33.19 14.84 14.57
O6 4KW Q . -32.06 16.76 10.63
C11 4KW Q . -30.74 14.81 13.64
C12 4KW Q . -26.56 15.94 11.01
N3 4KW Q . -25.57 11.70 11.42
C13 4KW Q . -25.28 15.15 10.89
O7 4KW Q . -29.51 16.52 11.24
C14 4KW Q . -24.89 12.92 10.98
O8 4KW Q . -29.85 14.63 9.44
C15 4KW Q . -26.90 11.49 11.43
N4 4KW Q . -27.13 10.21 11.88
O14 4KW Q . -21.77 15.29 7.57
P3 4KW Q . -23.26 15.40 7.70
O15 4KW Q . -23.77 16.82 7.51
O16 4KW Q . -23.89 14.50 6.64
O13 4KW Q . -23.60 14.91 9.16
C21 4KW Q . -24.94 14.68 9.50
C20 4KW Q . -25.29 13.24 9.54
O12 4KW Q . -24.65 12.42 8.60
C19 4KW Q . -24.94 10.59 11.84
C16 4KW Q . -25.93 9.62 12.13
C17 4KW Q . -25.51 8.35 12.60
N7 4KW Q . -26.48 7.35 12.94
N5 4KW Q . -24.19 8.10 12.77
C18 4KW Q . -23.27 9.06 12.48
N6 4KW Q . -23.62 10.27 12.02
O11 4KW Q . -25.35 14.00 11.72
O10 4KW Q . -27.63 15.10 10.57
P2 4KW Q . -28.93 15.74 9.96
O9 4KW Q . -28.71 16.77 8.88
P1 4KW Q . -31.08 16.53 11.77
O2 4KW Q . -31.66 11.68 16.65
C1 4KW Q . -32.88 11.59 20.80
O1 4KW Q . -32.89 10.47 20.21
C2 4KW Q . -32.19 10.51 22.95
C3 4KW Q . -31.56 11.03 24.22
S1 4KW Q . -31.02 9.60 25.16
C22 4KW Q . -32.55 8.71 25.82
O17 4KW Q . -33.58 9.53 25.64
C27 4KW Q . -32.31 7.93 26.96
C25 4KW Q . -31.10 7.59 27.45
C23 4KW Q . -31.05 6.47 28.46
C24 4KW Q . -32.32 6.18 29.34
C26 4KW Q . -33.40 5.99 28.26
C28 4KW Q . -33.55 7.32 27.50
C1 GOL R . -69.10 -10.86 17.33
O1 GOL R . -69.35 -9.47 17.30
C2 GOL R . -67.84 -11.25 16.61
O2 GOL R . -66.93 -10.15 16.54
C3 GOL R . -67.15 -12.47 17.16
O3 GOL R . -66.03 -12.86 16.40
C1 GOL S . -47.01 -12.82 23.26
O1 GOL S . -45.77 -12.39 22.74
C2 GOL S . -47.36 -14.17 22.70
O2 GOL S . -48.71 -14.51 22.98
C3 GOL S . -47.12 -14.29 21.22
O3 GOL S . -47.39 -15.63 20.83
#